data_7PEV
#
_entry.id   7PEV
#
_cell.length_a   1.00
_cell.length_b   1.00
_cell.length_c   1.00
_cell.angle_alpha   90.00
_cell.angle_beta   90.00
_cell.angle_gamma   90.00
#
_symmetry.space_group_name_H-M   'P 1'
#
loop_
_entity.id
_entity.type
_entity.pdbx_description
1 polymer 'Histone H3.2'
2 polymer 'Histone H4'
3 polymer 'Histone H2A type 1-B/E'
4 polymer 'Histone H2B type 1-K'
5 polymer 'DNA (520-MER)'
6 polymer 'DNA (520-MER)'
#
loop_
_entity_poly.entity_id
_entity_poly.type
_entity_poly.pdbx_seq_one_letter_code
_entity_poly.pdbx_strand_id
1 'polypeptide(L)'
;MARTKQTARKSTGGKAPRKQLATKAARKSAPATGGVKKPHRYRPGTVALREIRRYQKSTELLIRKLPFQRLVREIAQDFK
TDLRFQSSAVMALQEASEAYLVGLFEDTNLAAIHAKRVTIMPKDIQLARRIRGERA
;
A,E,K,O
2 'polypeptide(L)'
;MSGRGKGGKGLGKGGAKRHRKVLRDNIQGITKPAIRRLARRGGVKRISGLIYEETRGVLKVFLENVIRDAVTYTEHAKRK
TVTAMDVVYALKRQGRTLYGFGG
;
B,F,L,P
3 'polypeptide(L)'
;HHHHHHENLYFQSNAPWMSGRGKQGGKARAKAKTRSSRAGLQFPVGRVHRLLRKGNYSERVGAGAPVYLAAVLEYLTAEI
LELAGNAARDNKKTRIIPRHLQLAIRNDEELNKLLGRVTIAQGGVLPNIQAVLLPKKTESHHKAKGK
;
C,G,M,Q
4 'polypeptide(L)'
;MPEPAKSAPAPKKGSKKAVTKAQKKDGKKRKRSRKESYSVYVYKVLKQVHPDTGISSKAMGIMNSFVNDIFERIAGEASR
LAHYNKRSTITSREIQTAVRLLLPGELAKHAVSEGTKAVTKYTSAK
;
D,H,N,R
5 'polydeoxyribonucleotide'
;(DA)(DT)(DC)(DG)(DG)(DC)(DA)(DC)(DT)(DG)(DG)(DA)(DA)(DC)(DA)(DG)(DG)(DA)(DT)(DG)
(DT)(DA)(DT)(DA)(DT)(DA)(DT)(DG)(DT)(DG)(DA)(DC)(DA)(DC)(DG)(DT)(DG)(DC)(DC)(DT)
(DG)(DG)(DA)(DG)(DA)(DC)(DT)(DA)(DG)(DG)(DG)(DA)(DG)(DT)(DA)(DA)(DT)(DC)(DC)(DC)
(DC)(DT)(DT)(DG)(DG)(DC)(DG)(DG)(DT)(DT)(DA)(DA)(DA)(DA)(DC)(DG)(DC)(DG)(DG)(DG)
(DG)(DG)(DA)(DC)(DA)(DG)(DC)(DG)(DC)(DG)(DT)(DA)(DC)(DG)(DT)(DG)(DC)(DG)(DT)(DT)
(DT)(DA)(DA)(DG)(DC)(DG)(DG)(DT)(DG)(DC)(DT)(DA)(DG)(DA)(DG)(DC)(DT)(DG)(DT)(DC)
(DT)(DA)(DC)(DG)(DA)(DC)(DC)(DA)(DA)(DT)(DT)(DG)(DA)(DG)(DC)(DG)(DG)(DC)(DC)(DT)
(DC)(DG)(DG)(DC)(DA)(DC)(DC)(DG)(DG)(DG)(DA)(DT)(DT)(DC)(DT)(DC)(DC)(DA)(DG)(DG)
(DG)(DG)(DA)(DT)(DC)(DC)(DG)(DG)(DA)(DT)(DG)(DC)(DT)(DC)(DG)(DG)(DG)(DT)(DC)(DC)
(DG)(DG)(DC)(DA)(DC)(DT)(DG)(DG)(DA)(DA)(DC)(DA)(DG)(DG)(DA)(DT)(DG)(DT)(DA)(DT)
(DA)(DT)(DA)(DT)(DG)(DT)(DG)(DA)(DC)(DA)(DC)(DG)(DT)(DG)(DC)(DC)(DT)(DG)(DG)(DA)
(DG)(DA)(DC)(DT)(DA)(DG)(DG)(DG)(DA)(DG)(DT)(DA)(DA)(DT)(DC)(DC)(DC)(DC)(DT)(DT)
(DG)(DG)(DC)(DG)(DG)(DT)(DT)(DA)(DA)(DA)(DA)(DC)(DG)(DC)(DG)(DG)(DG)(DG)(DG)(DA)
(DC)(DA)(DG)(DC)(DG)(DC)(DG)(DT)(DA)(DC)(DG)(DT)(DG)(DC)(DG)(DT)(DT)(DT)(DA)(DA)
(DG)(DC)(DG)(DG)(DT)(DG)(DC)(DT)(DA)(DG)(DA)(DG)(DC)(DT)(DG)(DT)(DC)(DT)(DA)(DC)
(DG)(DA)(DC)(DC)(DA)(DA)(DT)(DT)(DG)(DA)(DG)(DC)(DG)(DG)(DC)(DC)(DT)(DC)(DG)(DG)
(DC)(DA)(DC)(DC)(DG)(DG)(DG)(DA)(DT)(DT)(DC)(DT)(DC)(DC)(DA)(DG)(DG)(DG)(DG)(DA)
(DT)(DC)(DC)(DG)(DG)(DA)(DT)(DG)(DC)(DT)(DC)(DG)(DG)(DG)(DT)(DC)(DC)(DG)(DG)(DC)
(DA)(DC)(DT)(DG)(DG)(DA)(DA)(DC)(DA)(DG)(DG)(DA)(DT)(DG)(DT)(DA)(DT)(DA)(DT)(DA)
(DT)(DG)(DT)(DG)(DA)(DC)(DA)(DC)(DG)(DT)(DG)(DC)(DC)(DT)(DG)(DG)(DA)(DG)(DA)(DC)
(DT)(DA)(DG)(DG)(DG)(DA)(DG)(DT)(DA)(DA)(DT)(DC)(DC)(DC)(DC)(DT)(DT)(DG)(DG)(DC)
(DG)(DG)(DT)(DT)(DA)(DA)(DA)(DA)(DC)(DG)(DC)(DG)(DG)(DG)(DG)(DG)(DA)(DC)(DA)(DG)
(DC)(DG)(DC)(DG)(DT)(DA)(DC)(DG)(DT)(DG)(DC)(DG)(DT)(DT)(DT)(DA)(DA)(DG)(DC)(DG)
(DG)(DT)(DG)(DC)(DT)(DA)(DG)(DA)(DG)(DC)(DT)(DG)(DT)(DC)(DT)(DA)(DC)(DG)(DA)(DC)
(DC)(DA)(DA)(DT)(DT)(DG)(DA)(DG)(DC)(DG)(DG)(DC)(DC)(DT)(DC)(DG)(DG)(DC)(DA)(DC)
(DC)(DG)(DG)(DG)(DA)(DT)(DT)(DC)(DT)(DC)(DC)(DA)(DG)(DG)(DG)(DG)(DA)(DT)(DC)(DC)
(DG)(DG)(DA)(DT)(DG)(DC)(DT)(DC)(DG)(DG)(DG)(DT)(DC)(DC)(DG)(DG)(DC)(DA)(DC)(DT)
(DG)(DG)(DA)(DA)(DC)(DA)(DG)(DG)(DA)(DT)(DG)(DT)(DA)(DT)(DA)(DT)(DA)(DT)(DG)(DT)
(DG)(DA)(DC)(DA)(DC)(DG)(DT)(DG)(DC)(DC)(DT)(DG)(DG)(DA)(DG)(DA)(DC)(DT)(DA)(DG)
(DG)(DG)(DA)(DG)(DT)(DA)(DA)(DT)(DC)(DC)(DC)(DC)(DT)(DT)(DG)(DG)(DC)(DG)(DG)(DT)
(DT)(DA)(DA)(DA)(DA)(DC)(DG)(DC)(DG)(DG)(DG)(DG)(DG)(DA)(DC)(DA)(DG)(DC)(DG)(DC)
(DG)(DT)(DA)(DC)(DG)(DT)(DG)(DC)(DG)(DT)(DT)(DT)(DA)(DA)(DG)(DC)(DG)(DG)(DT)(DG)
(DC)(DT)(DA)(DG)(DA)(DG)(DC)(DT)(DG)(DT)(DC)(DT)(DA)(DC)(DG)(DA)(DC)(DC)(DA)(DA)
(DT)(DT)(DG)(DA)(DG)(DC)(DG)(DG)(DC)(DC)(DT)(DC)(DG)(DG)(DC)(DA)(DC)(DC)(DG)(DG)
(DG)(DA)(DT)(DT)(DC)(DT)(DC)(DC)(DA)(DG)(DG)(DG)(DG)(DA)(DT)(DC)(DC)(DG)(DG)(DG)
(DA)(DT)
;
J
6 'polydeoxyribonucleotide'
;(DA)(DT)(DC)(DC)(DC)(DG)(DG)(DA)(DT)(DC)(DC)(DC)(DC)(DT)(DG)(DG)(DA)(DG)(DA)(DA)
(DT)(DC)(DC)(DC)(DG)(DG)(DT)(DG)(DC)(DC)(DG)(DA)(DG)(DG)(DC)(DC)(DG)(DC)(DT)(DC)
(DA)(DA)(DT)(DT)(DG)(DG)(DT)(DC)(DG)(DT)(DA)(DG)(DA)(DC)(DA)(DG)(DC)(DT)(DC)(DT)
(DA)(DG)(DC)(DA)(DC)(DC)(DG)(DC)(DT)(DT)(DA)(DA)(DA)(DC)(DG)(DC)(DA)(DC)(DG)(DT)
(DA)(DC)(DG)(DC)(DG)(DC)(DT)(DG)(DT)(DC)(DC)(DC)(DC)(DC)(DG)(DC)(DG)(DT)(DT)(DT)
(DT)(DA)(DA)(DC)(DC)(DG)(DC)(DC)(DA)(DA)(DG)(DG)(DG)(DG)(DA)(DT)(DT)(DA)(DC)(DT)
(DC)(DC)(DC)(DT)(DA)(DG)(DT)(DC)(DT)(DC)(DC)(DA)(DG)(DG)(DC)(DA)(DC)(DG)(DT)(DG)
(DT)(DC)(DA)(DC)(DA)(DT)(DA)(DT)(DA)(DT)(DA)(DC)(DA)(DT)(DC)(DC)(DT)(DG)(DT)(DT)
(DC)(DC)(DA)(DG)(DT)(DG)(DC)(DC)(DG)(DG)(DA)(DC)(DC)(DC)(DG)(DA)(DG)(DC)(DA)(DT)
(DC)(DC)(DG)(DG)(DA)(DT)(DC)(DC)(DC)(DC)(DT)(DG)(DG)(DA)(DG)(DA)(DA)(DT)(DC)(DC)
(DC)(DG)(DG)(DT)(DG)(DC)(DC)(DG)(DA)(DG)(DG)(DC)(DC)(DG)(DC)(DT)(DC)(DA)(DA)(DT)
(DT)(DG)(DG)(DT)(DC)(DG)(DT)(DA)(DG)(DA)(DC)(DA)(DG)(DC)(DT)(DC)(DT)(DA)(DG)(DC)
(DA)(DC)(DC)(DG)(DC)(DT)(DT)(DA)(DA)(DA)(DC)(DG)(DC)(DA)(DC)(DG)(DT)(DA)(DC)(DG)
(DC)(DG)(DC)(DT)(DG)(DT)(DC)(DC)(DC)(DC)(DC)(DG)(DC)(DG)(DT)(DT)(DT)(DT)(DA)(DA)
(DC)(DC)(DG)(DC)(DC)(DA)(DA)(DG)(DG)(DG)(DG)(DA)(DT)(DT)(DA)(DC)(DT)(DC)(DC)(DC)
(DT)(DA)(DG)(DT)(DC)(DT)(DC)(DC)(DA)(DG)(DG)(DC)(DA)(DC)(DG)(DT)(DG)(DT)(DC)(DA)
(DC)(DA)(DT)(DA)(DT)(DA)(DT)(DA)(DC)(DA)(DT)(DC)(DC)(DT)(DG)(DT)(DT)(DC)(DC)(DA)
(DG)(DT)(DG)(DC)(DC)(DG)(DG)(DA)(DC)(DC)(DC)(DG)(DA)(DG)(DC)(DA)(DT)(DC)(DC)(DG)
(DG)(DA)(DT)(DC)(DC)(DC)(DC)(DT)(DG)(DG)(DA)(DG)(DA)(DA)(DT)(DC)(DC)(DC)(DG)(DG)
(DT)(DG)(DC)(DC)(DG)(DA)(DG)(DG)(DC)(DC)(DG)(DC)(DT)(DC)(DA)(DA)(DT)(DT)(DG)(DG)
(DT)(DC)(DG)(DT)(DA)(DG)(DA)(DC)(DA)(DG)(DC)(DT)(DC)(DT)(DA)(DG)(DC)(DA)(DC)(DC)
(DG)(DC)(DT)(DT)(DA)(DA)(DA)(DC)(DG)(DC)(DA)(DC)(DG)(DT)(DA)(DC)(DG)(DC)(DG)(DC)
(DT)(DG)(DT)(DC)(DC)(DC)(DC)(DC)(DG)(DC)(DG)(DT)(DT)(DT)(DT)(DA)(DA)(DC)(DC)(DG)
(DC)(DC)(DA)(DA)(DG)(DG)(DG)(DG)(DA)(DT)(DT)(DA)(DC)(DT)(DC)(DC)(DC)(DT)(DA)(DG)
(DT)(DC)(DT)(DC)(DC)(DA)(DG)(DG)(DC)(DA)(DC)(DG)(DT)(DG)(DT)(DC)(DA)(DC)(DA)(DT)
(DA)(DT)(DA)(DT)(DA)(DC)(DA)(DT)(DC)(DC)(DT)(DG)(DT)(DT)(DC)(DC)(DA)(DG)(DT)(DG)
(DC)(DC)(DG)(DG)(DA)(DC)(DC)(DC)(DG)(DA)(DG)(DC)(DA)(DT)(DC)(DC)(DG)(DG)(DA)(DT)
(DC)(DC)(DC)(DC)(DT)(DG)(DG)(DA)(DG)(DA)(DA)(DT)(DC)(DC)(DC)(DG)(DG)(DT)(DG)(DC)
(DC)(DG)(DA)(DG)(DG)(DC)(DC)(DG)(DC)(DT)(DC)(DA)(DA)(DT)(DT)(DG)(DG)(DT)(DC)(DG)
(DT)(DA)(DG)(DA)(DC)(DA)(DG)(DC)(DT)(DC)(DT)(DA)(DG)(DC)(DA)(DC)(DC)(DG)(DC)(DT)
(DT)(DA)(DA)(DA)(DC)(DG)(DC)(DA)(DC)(DG)(DT)(DA)(DC)(DG)(DC)(DG)(DC)(DT)(DG)(DT)
(DC)(DC)(DC)(DC)(DC)(DG)(DC)(DG)(DT)(DT)(DT)(DT)(DA)(DA)(DC)(DC)(DG)(DC)(DC)(DA)
(DA)(DG)(DG)(DG)(DG)(DA)(DT)(DT)(DA)(DC)(DT)(DC)(DC)(DC)(DT)(DA)(DG)(DT)(DC)(DT)
(DC)(DC)(DA)(DG)(DG)(DC)(DA)(DC)(DG)(DT)(DG)(DT)(DC)(DA)(DC)(DA)(DT)(DA)(DT)(DA)
(DT)(DA)(DC)(DA)(DT)(DC)(DC)(DT)(DG)(DT)(DT)(DC)(DC)(DA)(DG)(DT)(DG)(DC)(DC)(DG)
(DA)(DT)
;
I
#
# COMPACT_ATOMS: atom_id res chain seq x y z
N LYS A 38 38.09 -8.28 -43.42
CA LYS A 38 37.12 -7.23 -43.74
C LYS A 38 36.71 -6.49 -42.46
N PRO A 39 36.56 -5.17 -42.56
CA PRO A 39 36.21 -4.37 -41.37
C PRO A 39 34.79 -4.65 -40.90
N HIS A 40 34.59 -4.50 -39.60
CA HIS A 40 33.27 -4.74 -39.02
C HIS A 40 32.29 -3.65 -39.44
N ARG A 41 31.05 -4.06 -39.65
CA ARG A 41 29.98 -3.14 -40.00
C ARG A 41 28.66 -3.73 -39.54
N TYR A 42 27.97 -3.01 -38.65
CA TYR A 42 26.69 -3.47 -38.14
C TYR A 42 25.61 -3.36 -39.21
N ARG A 43 24.58 -4.19 -39.07
CA ARG A 43 23.40 -4.05 -39.89
C ARG A 43 22.61 -2.81 -39.48
N PRO A 44 21.80 -2.25 -40.39
CA PRO A 44 21.01 -1.06 -40.04
C PRO A 44 20.03 -1.31 -38.90
N GLY A 45 19.90 -0.31 -38.03
CA GLY A 45 18.99 -0.34 -36.92
C GLY A 45 19.63 -0.76 -35.60
N THR A 46 20.65 -1.62 -35.66
CA THR A 46 21.30 -2.10 -34.44
C THR A 46 22.01 -0.98 -33.71
N VAL A 47 22.81 -0.20 -34.44
CA VAL A 47 23.47 0.97 -33.87
C VAL A 47 22.43 1.94 -33.37
N ALA A 48 21.39 2.19 -34.17
CA ALA A 48 20.34 3.14 -33.82
C ALA A 48 19.63 2.72 -32.52
N LEU A 49 19.35 1.43 -32.38
CA LEU A 49 18.81 0.92 -31.12
C LEU A 49 19.79 1.13 -29.97
N ARG A 50 21.10 1.04 -30.25
CA ARG A 50 22.07 1.29 -29.19
C ARG A 50 22.03 2.73 -28.70
N GLU A 51 21.98 3.73 -29.60
CA GLU A 51 21.88 5.06 -29.00
C GLU A 51 20.48 5.36 -28.52
N ILE A 52 19.46 4.63 -28.99
CA ILE A 52 18.14 4.75 -28.39
C ILE A 52 18.20 4.37 -26.92
N ARG A 53 18.84 3.24 -26.61
CA ARG A 53 19.01 2.82 -25.23
C ARG A 53 19.87 3.81 -24.46
N ARG A 54 20.92 4.33 -25.10
CA ARG A 54 21.80 5.29 -24.47
C ARG A 54 21.07 6.58 -24.09
N TYR A 55 20.37 7.18 -25.04
CA TYR A 55 19.75 8.47 -24.79
C TYR A 55 18.49 8.34 -23.95
N GLN A 56 17.83 7.17 -23.98
CA GLN A 56 16.80 6.90 -22.99
C GLN A 56 17.42 6.82 -21.59
N LYS A 57 18.60 6.21 -21.48
CA LYS A 57 19.27 6.17 -20.18
C LYS A 57 19.76 7.56 -19.78
N SER A 58 20.33 8.29 -20.71
CA SER A 58 20.92 9.59 -20.38
C SER A 58 19.83 10.64 -20.25
N THR A 59 20.20 11.76 -19.60
CA THR A 59 19.31 12.89 -19.40
C THR A 59 19.86 14.18 -20.00
N GLU A 60 21.09 14.18 -20.50
CA GLU A 60 21.76 15.41 -20.88
C GLU A 60 21.16 16.00 -22.16
N LEU A 61 21.35 17.31 -22.30
CA LEU A 61 20.69 18.07 -23.35
C LEU A 61 21.34 17.82 -24.71
N LEU A 62 20.53 17.43 -25.68
CA LEU A 62 21.02 16.95 -26.96
C LEU A 62 21.26 18.06 -27.97
N ILE A 63 20.97 19.31 -27.62
CA ILE A 63 21.19 20.45 -28.49
C ILE A 63 22.40 21.22 -28.00
N ARG A 64 23.26 21.62 -28.94
CA ARG A 64 24.39 22.47 -28.62
C ARG A 64 23.89 23.81 -28.09
N LYS A 65 24.49 24.27 -26.99
CA LYS A 65 23.95 25.40 -26.24
C LYS A 65 24.08 26.72 -26.99
N LEU A 66 25.26 26.98 -27.55
CA LEU A 66 25.52 28.29 -28.15
C LEU A 66 24.65 28.59 -29.37
N PRO A 67 24.52 27.73 -30.39
CA PRO A 67 23.61 28.09 -31.50
C PRO A 67 22.16 28.12 -31.07
N PHE A 68 21.79 27.32 -30.08
CA PHE A 68 20.44 27.34 -29.57
C PHE A 68 20.11 28.68 -28.93
N GLN A 69 20.97 29.16 -28.03
CA GLN A 69 20.72 30.45 -27.39
C GLN A 69 20.86 31.59 -28.39
N ARG A 70 21.70 31.40 -29.42
CA ARG A 70 21.80 32.38 -30.49
C ARG A 70 20.49 32.47 -31.27
N LEU A 71 19.86 31.32 -31.54
CA LEU A 71 18.54 31.30 -32.17
C LEU A 71 17.49 31.95 -31.30
N VAL A 72 17.57 31.72 -29.99
CA VAL A 72 16.61 32.33 -29.06
C VAL A 72 16.73 33.84 -29.09
N ARG A 73 17.97 34.35 -29.03
CA ARG A 73 18.20 35.78 -29.09
C ARG A 73 17.76 36.36 -30.43
N GLU A 74 18.05 35.63 -31.53
CA GLU A 74 17.71 36.08 -32.87
C GLU A 74 16.20 36.23 -33.04
N ILE A 75 15.45 35.25 -32.57
CA ILE A 75 14.00 35.31 -32.76
C ILE A 75 13.39 36.29 -31.77
N ALA A 76 13.94 36.36 -30.55
CA ALA A 76 13.44 37.29 -29.55
C ALA A 76 13.66 38.74 -29.95
N GLN A 77 14.65 38.98 -30.81
CA GLN A 77 14.84 40.31 -31.38
C GLN A 77 13.63 40.74 -32.21
N ASP A 78 12.91 39.79 -32.81
CA ASP A 78 11.83 40.14 -33.72
C ASP A 78 10.64 40.77 -33.02
N PHE A 79 10.42 40.49 -31.74
CA PHE A 79 9.27 41.06 -31.05
C PHE A 79 9.62 42.30 -30.26
N LYS A 80 10.85 42.40 -29.78
CA LYS A 80 11.33 43.59 -29.10
C LYS A 80 12.84 43.58 -29.24
N THR A 81 13.43 44.78 -29.31
CA THR A 81 14.86 44.87 -29.54
C THR A 81 15.65 44.70 -28.24
N ASP A 82 16.89 44.25 -28.39
CA ASP A 82 17.96 44.38 -27.39
C ASP A 82 17.60 43.65 -26.10
N LEU A 83 17.14 42.41 -26.24
CA LEU A 83 16.82 41.60 -25.06
C LEU A 83 18.04 40.90 -24.51
N ARG A 84 18.12 40.86 -23.19
CA ARG A 84 19.14 40.15 -22.46
C ARG A 84 18.49 38.95 -21.79
N PHE A 85 19.25 37.88 -21.63
CA PHE A 85 18.71 36.62 -21.16
C PHE A 85 19.46 36.13 -19.93
N GLN A 86 18.72 35.79 -18.88
CA GLN A 86 19.27 34.93 -17.85
C GLN A 86 19.54 33.56 -18.45
N SER A 87 20.68 32.99 -18.07
CA SER A 87 21.10 31.71 -18.64
C SER A 87 20.14 30.60 -18.26
N SER A 88 19.69 30.58 -17.01
CA SER A 88 18.81 29.52 -16.53
C SER A 88 17.49 29.52 -17.28
N ALA A 89 17.03 30.69 -17.71
CA ALA A 89 15.86 30.76 -18.57
C ALA A 89 16.11 30.04 -19.89
N VAL A 90 17.31 30.23 -20.45
CA VAL A 90 17.65 29.62 -21.72
C VAL A 90 17.73 28.10 -21.59
N MET A 91 18.35 27.61 -20.52
CA MET A 91 18.38 26.16 -20.34
C MET A 91 17.00 25.61 -20.01
N ALA A 92 16.16 26.38 -19.33
CA ALA A 92 14.80 25.95 -19.05
C ALA A 92 14.01 25.76 -20.33
N LEU A 93 14.05 26.76 -21.20
CA LEU A 93 13.35 26.66 -22.47
C LEU A 93 14.03 25.67 -23.40
N GLN A 94 15.31 25.38 -23.17
CA GLN A 94 15.96 24.23 -23.78
C GLN A 94 15.21 22.95 -23.45
N GLU A 95 15.09 22.56 -22.16
CA GLU A 95 14.41 21.27 -21.97
C GLU A 95 12.93 21.37 -22.30
N ALA A 96 12.34 22.57 -22.25
CA ALA A 96 10.98 22.72 -22.70
C ALA A 96 10.84 22.35 -24.17
N SER A 97 11.76 22.85 -24.99
CA SER A 97 11.79 22.52 -26.41
C SER A 97 12.04 21.04 -26.63
N GLU A 98 13.01 20.49 -25.91
CA GLU A 98 13.32 19.07 -26.08
C GLU A 98 12.15 18.20 -25.66
N ALA A 99 11.45 18.58 -24.59
CA ALA A 99 10.29 17.83 -24.13
C ALA A 99 9.14 17.89 -25.13
N TYR A 100 8.87 19.08 -25.66
CA TYR A 100 7.83 19.24 -26.66
C TYR A 100 8.11 18.41 -27.90
N LEU A 101 9.34 18.50 -28.40
CA LEU A 101 9.71 17.71 -29.57
C LEU A 101 9.68 16.22 -29.28
N VAL A 102 10.20 15.79 -28.13
CA VAL A 102 10.25 14.35 -27.87
C VAL A 102 8.85 13.80 -27.66
N GLY A 103 7.94 14.60 -27.07
CA GLY A 103 6.57 14.17 -26.90
C GLY A 103 5.87 13.96 -28.24
N LEU A 104 6.02 14.95 -29.12
CA LEU A 104 5.48 14.74 -30.46
C LEU A 104 6.25 13.67 -31.22
N PHE A 105 7.44 13.31 -30.75
CA PHE A 105 8.14 12.18 -31.35
C PHE A 105 7.56 10.83 -30.93
N GLU A 106 7.12 10.63 -29.68
CA GLU A 106 6.44 9.34 -29.50
C GLU A 106 5.08 9.37 -30.16
N ASP A 107 4.49 10.57 -30.30
CA ASP A 107 3.27 10.68 -31.09
C ASP A 107 3.53 10.24 -32.53
N THR A 108 4.64 10.70 -33.09
CA THR A 108 5.03 10.34 -34.45
C THR A 108 5.35 8.86 -34.55
N ASN A 109 5.99 8.30 -33.52
CA ASN A 109 6.31 6.88 -33.52
C ASN A 109 5.05 6.03 -33.48
N LEU A 110 4.07 6.42 -32.67
CA LEU A 110 2.80 5.72 -32.63
C LEU A 110 2.07 5.81 -33.96
N ALA A 111 2.14 6.98 -34.60
CA ALA A 111 1.58 7.11 -35.94
C ALA A 111 2.28 6.20 -36.94
N ALA A 112 3.61 6.13 -36.85
CA ALA A 112 4.38 5.38 -37.84
C ALA A 112 4.18 3.89 -37.68
N ILE A 113 4.17 3.39 -36.44
CA ILE A 113 3.87 1.98 -36.22
C ILE A 113 2.41 1.72 -36.48
N HIS A 114 1.57 2.75 -36.37
CA HIS A 114 0.15 2.58 -36.62
C HIS A 114 -0.11 2.37 -38.10
N ALA A 115 0.73 2.94 -38.96
CA ALA A 115 0.67 2.72 -40.39
C ALA A 115 1.57 1.59 -40.84
N LYS A 116 1.98 0.71 -39.92
CA LYS A 116 2.78 -0.49 -40.19
C LYS A 116 4.12 -0.15 -40.85
N ARG A 117 4.69 0.99 -40.50
CA ARG A 117 5.96 1.44 -41.03
C ARG A 117 6.94 1.69 -39.90
N VAL A 118 8.22 1.79 -40.26
CA VAL A 118 9.26 2.08 -39.28
C VAL A 118 9.95 3.41 -39.55
N THR A 119 9.68 4.05 -40.68
CA THR A 119 10.31 5.32 -41.03
C THR A 119 9.24 6.40 -40.99
N ILE A 120 9.54 7.47 -40.29
CA ILE A 120 8.58 8.57 -40.11
C ILE A 120 8.67 9.53 -41.29
N MET A 121 7.56 10.17 -41.58
CA MET A 121 7.41 11.12 -42.68
C MET A 121 6.78 12.40 -42.13
N PRO A 122 6.93 13.53 -42.82
CA PRO A 122 6.38 14.79 -42.28
C PRO A 122 4.89 14.80 -42.02
N LYS A 123 4.12 14.06 -42.82
CA LYS A 123 2.68 13.99 -42.59
C LYS A 123 2.35 13.27 -41.29
N ASP A 124 3.26 12.45 -40.76
CA ASP A 124 3.08 11.88 -39.43
C ASP A 124 3.05 13.00 -38.39
N ILE A 125 4.01 13.92 -38.46
CA ILE A 125 4.08 15.03 -37.52
C ILE A 125 2.89 15.96 -37.71
N GLN A 126 2.51 16.20 -38.97
CA GLN A 126 1.33 17.02 -39.25
C GLN A 126 0.09 16.40 -38.65
N LEU A 127 -0.05 15.08 -38.79
CA LEU A 127 -1.15 14.35 -38.19
C LEU A 127 -1.15 14.50 -36.68
N ALA A 128 0.02 14.30 -36.06
CA ALA A 128 0.10 14.31 -34.60
C ALA A 128 -0.24 15.69 -34.04
N ARG A 129 0.27 16.74 -34.67
CA ARG A 129 -0.05 18.09 -34.22
C ARG A 129 -1.52 18.40 -34.43
N ARG A 130 -2.09 17.96 -35.55
CA ARG A 130 -3.49 18.30 -35.81
C ARG A 130 -4.42 17.51 -34.90
N ILE A 131 -4.01 16.32 -34.47
CA ILE A 131 -4.76 15.61 -33.45
C ILE A 131 -4.65 16.34 -32.12
N ARG A 132 -3.44 16.80 -31.77
CA ARG A 132 -3.30 17.63 -30.59
C ARG A 132 -3.98 18.98 -30.73
N GLY A 133 -4.20 19.44 -31.96
CA GLY A 133 -4.99 20.64 -32.15
C GLY A 133 -4.20 21.92 -32.14
N GLU A 134 -3.19 22.02 -33.01
CA GLU A 134 -2.41 23.25 -33.12
C GLU A 134 -2.25 23.65 -34.58
N LYS B 21 25.71 39.78 -32.84
CA LYS B 21 24.51 40.43 -32.30
C LYS B 21 23.29 40.13 -33.17
N VAL B 22 23.26 40.70 -34.37
CA VAL B 22 22.17 40.47 -35.31
C VAL B 22 22.57 39.30 -36.21
N LEU B 23 21.75 38.25 -36.20
CA LEU B 23 22.03 37.05 -36.95
C LEU B 23 20.85 36.71 -37.85
N ARG B 24 21.07 35.79 -38.79
CA ARG B 24 20.13 35.55 -39.87
C ARG B 24 19.64 34.11 -39.96
N ASP B 25 20.53 33.12 -39.84
CA ASP B 25 20.17 31.76 -40.25
C ASP B 25 20.32 30.74 -39.15
N ASN B 26 19.78 31.04 -37.97
CA ASN B 26 19.95 30.19 -36.80
C ASN B 26 18.91 29.08 -36.70
N ILE B 27 18.01 28.97 -37.69
CA ILE B 27 17.14 27.80 -37.73
C ILE B 27 17.96 26.55 -38.05
N GLN B 28 19.06 26.71 -38.78
CA GLN B 28 19.94 25.60 -39.07
C GLN B 28 20.95 25.35 -37.96
N GLY B 29 20.97 26.21 -36.94
CA GLY B 29 21.81 25.98 -35.78
C GLY B 29 21.40 24.76 -34.98
N ILE B 30 20.17 24.29 -35.14
CA ILE B 30 19.74 23.00 -34.63
C ILE B 30 20.12 21.99 -35.70
N THR B 31 21.23 21.28 -35.48
CA THR B 31 21.79 20.44 -36.52
C THR B 31 20.93 19.20 -36.74
N LYS B 32 21.08 18.62 -37.93
CA LYS B 32 20.39 17.37 -38.25
C LYS B 32 20.73 16.23 -37.31
N PRO B 33 21.99 15.92 -36.96
CA PRO B 33 22.23 14.84 -35.99
C PRO B 33 21.71 15.15 -34.60
N ALA B 34 21.57 16.43 -34.22
CA ALA B 34 20.89 16.76 -32.98
C ALA B 34 19.43 16.36 -33.03
N ILE B 35 18.80 16.58 -34.18
CA ILE B 35 17.41 16.16 -34.38
C ILE B 35 17.33 14.63 -34.34
N ARG B 36 18.35 13.96 -34.89
CA ARG B 36 18.44 12.51 -34.76
C ARG B 36 18.56 12.08 -33.31
N ARG B 37 19.32 12.83 -32.51
CA ARG B 37 19.44 12.53 -31.09
C ARG B 37 18.10 12.64 -30.37
N LEU B 38 17.36 13.71 -30.65
CA LEU B 38 16.02 13.85 -30.07
C LEU B 38 15.09 12.75 -30.53
N ALA B 39 15.20 12.33 -31.80
CA ALA B 39 14.36 11.26 -32.33
C ALA B 39 14.69 9.93 -31.67
N ARG B 40 15.97 9.67 -31.41
CA ARG B 40 16.34 8.44 -30.72
C ARG B 40 15.90 8.49 -29.27
N ARG B 41 15.90 9.68 -28.66
CA ARG B 41 15.23 9.84 -27.38
C ARG B 41 13.73 9.63 -27.52
N GLY B 42 13.16 10.01 -28.66
CA GLY B 42 11.78 9.69 -28.94
C GLY B 42 11.53 8.27 -29.35
N GLY B 43 12.59 7.47 -29.51
CA GLY B 43 12.41 6.10 -29.91
C GLY B 43 12.16 5.92 -31.38
N VAL B 44 12.51 6.91 -32.19
CA VAL B 44 12.38 6.77 -33.64
C VAL B 44 13.48 5.84 -34.12
N LYS B 45 13.11 4.81 -34.88
CA LYS B 45 14.10 3.89 -35.40
C LYS B 45 14.66 4.33 -36.73
N ARG B 46 13.82 4.87 -37.63
CA ARG B 46 14.29 5.37 -38.91
C ARG B 46 13.70 6.74 -39.16
N ILE B 47 14.56 7.67 -39.59
CA ILE B 47 14.20 9.06 -39.79
C ILE B 47 14.32 9.35 -41.28
N SER B 48 13.30 9.96 -41.86
CA SER B 48 13.45 10.42 -43.22
C SER B 48 14.33 11.67 -43.27
N GLY B 49 14.93 11.89 -44.44
CA GLY B 49 15.71 13.08 -44.65
C GLY B 49 14.87 14.34 -44.74
N LEU B 50 13.58 14.19 -45.00
CA LEU B 50 12.70 15.35 -45.09
C LEU B 50 12.32 15.88 -43.72
N ILE B 51 12.59 15.12 -42.65
CA ILE B 51 12.00 15.36 -41.34
C ILE B 51 12.52 16.64 -40.71
N TYR B 52 13.79 16.94 -40.94
CA TYR B 52 14.49 17.96 -40.17
C TYR B 52 13.93 19.35 -40.42
N GLU B 53 13.42 19.60 -41.64
CA GLU B 53 12.85 20.90 -41.96
C GLU B 53 11.55 21.17 -41.20
N GLU B 54 10.62 20.20 -41.17
CA GLU B 54 9.39 20.54 -40.46
C GLU B 54 9.60 20.48 -38.96
N THR B 55 10.58 19.70 -38.49
CA THR B 55 10.90 19.79 -37.06
C THR B 55 11.43 21.16 -36.72
N ARG B 56 12.26 21.73 -37.60
CA ARG B 56 12.69 23.11 -37.44
C ARG B 56 11.50 24.06 -37.44
N GLY B 57 10.54 23.83 -38.34
CA GLY B 57 9.36 24.70 -38.40
C GLY B 57 8.49 24.62 -37.16
N VAL B 58 8.26 23.40 -36.67
CA VAL B 58 7.42 23.22 -35.50
C VAL B 58 8.10 23.78 -34.26
N LEU B 59 9.41 23.55 -34.14
CA LEU B 59 10.19 24.20 -33.09
C LEU B 59 10.09 25.71 -33.19
N LYS B 60 10.19 26.24 -34.42
CA LYS B 60 10.07 27.68 -34.65
C LYS B 60 8.75 28.23 -34.18
N VAL B 61 7.65 27.55 -34.52
CA VAL B 61 6.33 27.99 -34.12
C VAL B 61 6.19 27.96 -32.61
N PHE B 62 6.67 26.88 -31.99
CA PHE B 62 6.50 26.69 -30.56
C PHE B 62 7.31 27.72 -29.78
N LEU B 63 8.58 27.91 -30.17
CA LEU B 63 9.41 28.88 -29.50
C LEU B 63 8.91 30.28 -29.74
N GLU B 64 8.39 30.56 -30.94
CA GLU B 64 7.87 31.88 -31.25
C GLU B 64 6.71 32.22 -30.35
N ASN B 65 5.80 31.26 -30.15
CA ASN B 65 4.66 31.47 -29.28
C ASN B 65 5.10 31.70 -27.84
N VAL B 66 5.97 30.82 -27.33
CA VAL B 66 6.29 30.92 -25.90
C VAL B 66 7.16 32.14 -25.62
N ILE B 67 8.02 32.54 -26.56
CA ILE B 67 8.86 33.68 -26.27
C ILE B 67 8.11 34.98 -26.51
N ARG B 68 7.12 34.98 -27.41
CA ARG B 68 6.19 36.11 -27.47
C ARG B 68 5.47 36.29 -26.14
N ASP B 69 5.04 35.18 -25.55
CA ASP B 69 4.40 35.24 -24.26
C ASP B 69 5.36 35.77 -23.20
N ALA B 70 6.60 35.30 -23.24
CA ALA B 70 7.60 35.69 -22.26
C ALA B 70 7.93 37.18 -22.37
N VAL B 71 8.10 37.68 -23.59
CA VAL B 71 8.45 39.08 -23.74
C VAL B 71 7.26 39.94 -23.37
N THR B 72 6.05 39.43 -23.55
CA THR B 72 4.87 40.14 -23.06
C THR B 72 4.89 40.24 -21.54
N TYR B 73 5.25 39.14 -20.87
CA TYR B 73 5.37 39.13 -19.42
C TYR B 73 6.40 40.15 -18.95
N THR B 74 7.57 40.15 -19.56
CA THR B 74 8.62 41.01 -19.04
C THR B 74 8.41 42.47 -19.43
N GLU B 75 7.74 42.74 -20.56
CA GLU B 75 7.47 44.14 -20.87
C GLU B 75 6.39 44.69 -19.95
N HIS B 76 5.51 43.82 -19.46
CA HIS B 76 4.70 44.28 -18.33
C HIS B 76 5.54 44.52 -17.10
N ALA B 77 6.58 43.72 -16.88
CA ALA B 77 7.38 43.80 -15.68
C ALA B 77 8.29 45.03 -15.64
N LYS B 78 8.35 45.80 -16.73
CA LYS B 78 9.29 46.92 -16.89
C LYS B 78 10.72 46.44 -16.73
N ARG B 79 11.00 45.24 -17.22
CA ARG B 79 12.34 44.69 -17.26
C ARG B 79 12.77 44.52 -18.70
N LYS B 80 14.02 44.88 -18.97
CA LYS B 80 14.58 44.73 -20.30
C LYS B 80 15.24 43.36 -20.43
N THR B 81 15.33 42.62 -19.33
CA THR B 81 16.02 41.34 -19.26
C THR B 81 15.02 40.21 -19.09
N VAL B 82 15.29 39.10 -19.75
CA VAL B 82 14.44 37.92 -19.66
C VAL B 82 14.73 37.19 -18.36
N THR B 83 13.69 36.92 -17.57
CA THR B 83 13.82 36.10 -16.37
C THR B 83 13.18 34.73 -16.57
N ALA B 84 13.71 33.75 -15.83
CA ALA B 84 13.24 32.38 -15.96
C ALA B 84 11.84 32.19 -15.39
N MET B 85 11.51 32.94 -14.33
CA MET B 85 10.21 32.83 -13.69
C MET B 85 9.07 33.24 -14.63
N ASP B 86 9.32 34.23 -15.49
CA ASP B 86 8.38 34.53 -16.56
C ASP B 86 8.27 33.39 -17.57
N VAL B 87 9.38 32.72 -17.88
CA VAL B 87 9.33 31.58 -18.81
C VAL B 87 8.49 30.47 -18.21
N VAL B 88 8.64 30.25 -16.90
CA VAL B 88 7.83 29.27 -16.19
C VAL B 88 6.35 29.60 -16.31
N TYR B 89 6.00 30.87 -16.09
CA TYR B 89 4.59 31.26 -16.20
C TYR B 89 4.06 31.06 -17.61
N ALA B 90 4.86 31.45 -18.60
CA ALA B 90 4.43 31.36 -20.00
C ALA B 90 4.23 29.91 -20.42
N LEU B 91 5.12 29.03 -19.98
CA LEU B 91 4.92 27.62 -20.26
C LEU B 91 3.71 27.05 -19.55
N LYS B 92 3.46 27.47 -18.31
CA LYS B 92 2.37 26.76 -17.63
C LYS B 92 1.01 27.26 -18.06
N ARG B 93 0.91 28.50 -18.55
CA ARG B 93 -0.40 28.95 -19.00
C ARG B 93 -0.76 28.33 -20.34
N GLN B 94 0.23 27.84 -21.08
CA GLN B 94 -0.03 27.11 -22.31
C GLN B 94 -0.28 25.64 -22.07
N GLY B 95 -0.20 25.17 -20.82
CA GLY B 95 -0.42 23.77 -20.54
C GLY B 95 0.79 22.88 -20.73
N ARG B 96 1.99 23.44 -20.66
CA ARG B 96 3.24 22.73 -20.83
C ARG B 96 4.19 23.08 -19.69
N THR B 97 3.70 22.92 -18.47
CA THR B 97 4.43 23.32 -17.27
C THR B 97 5.76 22.58 -17.13
N LEU B 98 6.78 23.29 -16.66
CA LEU B 98 8.08 22.72 -16.29
C LEU B 98 8.37 23.02 -14.83
N TYR B 99 9.19 22.15 -14.24
CA TYR B 99 9.66 22.29 -12.87
C TYR B 99 11.17 22.52 -12.83
N GLY B 100 11.63 23.05 -11.71
CA GLY B 100 13.04 23.22 -11.45
C GLY B 100 13.55 24.63 -11.55
N PHE B 101 12.68 25.62 -11.61
CA PHE B 101 13.13 27.00 -11.79
C PHE B 101 12.32 27.95 -10.93
N GLY B 102 12.07 27.56 -9.68
CA GLY B 102 11.49 28.45 -8.70
C GLY B 102 10.01 28.72 -8.87
N GLY B 103 9.33 28.00 -9.75
CA GLY B 103 7.91 28.23 -10.00
C GLY B 103 7.00 27.84 -8.86
N ALA C 28 -28.11 69.39 -4.30
CA ALA C 28 -26.98 70.00 -5.00
C ALA C 28 -26.17 68.95 -5.74
N ARG C 29 -26.67 67.72 -5.73
CA ARG C 29 -26.01 66.63 -6.43
C ARG C 29 -26.13 66.82 -7.94
N ALA C 30 -25.08 66.42 -8.66
CA ALA C 30 -25.13 66.45 -10.12
C ALA C 30 -26.05 65.35 -10.64
N LYS C 31 -26.31 65.41 -11.94
CA LYS C 31 -27.14 64.41 -12.60
C LYS C 31 -26.47 63.05 -12.55
N ALA C 32 -27.26 62.02 -12.24
CA ALA C 32 -26.76 60.65 -12.15
C ALA C 32 -26.41 60.16 -13.55
N LYS C 33 -25.13 60.18 -13.88
CA LYS C 33 -24.64 59.79 -15.19
C LYS C 33 -23.89 58.47 -15.08
N THR C 34 -23.80 57.76 -16.20
CA THR C 34 -23.28 56.41 -16.20
C THR C 34 -21.90 56.36 -16.83
N ARG C 35 -21.06 55.47 -16.28
CA ARG C 35 -19.68 55.38 -16.74
C ARG C 35 -19.59 54.72 -18.10
N SER C 36 -20.55 53.87 -18.44
CA SER C 36 -20.57 53.27 -19.78
C SER C 36 -20.78 54.33 -20.84
N SER C 37 -21.66 55.29 -20.57
CA SER C 37 -21.80 56.46 -21.42
C SER C 37 -20.56 57.34 -21.38
N ARG C 38 -19.87 57.39 -20.24
CA ARG C 38 -18.63 58.15 -20.15
C ARG C 38 -17.56 57.56 -21.05
N ALA C 39 -17.49 56.24 -21.14
CA ALA C 39 -16.70 55.61 -22.19
C ALA C 39 -17.41 55.64 -23.53
N GLY C 40 -18.73 55.85 -23.53
CA GLY C 40 -19.49 55.76 -24.76
C GLY C 40 -19.77 54.34 -25.19
N LEU C 41 -19.58 53.37 -24.31
CA LEU C 41 -19.79 51.98 -24.63
C LEU C 41 -21.03 51.48 -23.91
N GLN C 42 -21.44 50.25 -24.24
CA GLN C 42 -22.73 49.75 -23.79
C GLN C 42 -22.66 48.74 -22.65
N PHE C 43 -21.54 48.04 -22.48
CA PHE C 43 -21.44 47.12 -21.35
C PHE C 43 -21.35 47.88 -20.03
N PRO C 44 -21.97 47.38 -18.97
CA PRO C 44 -22.06 48.13 -17.71
C PRO C 44 -20.72 48.17 -16.99
N VAL C 45 -20.23 49.38 -16.75
CA VAL C 45 -18.96 49.55 -16.04
C VAL C 45 -19.12 49.17 -14.58
N GLY C 46 -20.21 49.61 -13.95
CA GLY C 46 -20.40 49.35 -12.53
C GLY C 46 -20.60 47.88 -12.23
N ARG C 47 -21.30 47.16 -13.11
CA ARG C 47 -21.53 45.74 -12.90
C ARG C 47 -20.23 44.95 -12.91
N VAL C 48 -19.38 45.18 -13.91
CA VAL C 48 -18.13 44.44 -13.97
C VAL C 48 -17.16 44.92 -12.90
N HIS C 49 -17.24 46.20 -12.52
CA HIS C 49 -16.44 46.69 -11.40
C HIS C 49 -16.81 45.95 -10.12
N ARG C 50 -18.10 45.79 -9.86
CA ARG C 50 -18.58 44.98 -8.75
C ARG C 50 -18.16 43.53 -8.88
N LEU C 51 -18.16 43.01 -10.12
CA LEU C 51 -17.78 41.61 -10.35
C LEU C 51 -16.31 41.38 -10.01
N LEU C 52 -15.44 42.29 -10.40
CA LEU C 52 -14.03 42.14 -10.04
C LEU C 52 -13.81 42.39 -8.56
N ARG C 53 -14.61 43.27 -7.94
CA ARG C 53 -14.47 43.48 -6.51
C ARG C 53 -14.87 42.24 -5.73
N LYS C 54 -15.86 41.49 -6.21
CA LYS C 54 -16.29 40.29 -5.54
C LYS C 54 -15.75 39.02 -6.17
N GLY C 55 -15.12 39.11 -7.34
CA GLY C 55 -14.58 37.91 -7.95
C GLY C 55 -13.26 37.45 -7.38
N ASN C 56 -12.68 38.27 -6.49
CA ASN C 56 -11.45 37.96 -5.76
C ASN C 56 -10.28 37.69 -6.72
N TYR C 57 -9.89 38.77 -7.40
CA TYR C 57 -8.68 38.77 -8.22
C TYR C 57 -7.68 39.82 -7.79
N SER C 58 -8.13 40.89 -7.15
CA SER C 58 -7.28 41.76 -6.36
C SER C 58 -8.17 42.37 -5.28
N GLU C 59 -7.53 42.79 -4.19
CA GLU C 59 -8.28 43.53 -3.18
C GLU C 59 -8.43 45.00 -3.55
N ARG C 60 -7.63 45.48 -4.50
CA ARG C 60 -7.60 46.88 -4.87
C ARG C 60 -7.65 46.93 -6.39
N VAL C 61 -8.59 47.70 -6.93
CA VAL C 61 -8.89 47.68 -8.36
C VAL C 61 -8.75 49.09 -8.92
N GLY C 62 -8.05 49.20 -10.05
CA GLY C 62 -7.94 50.47 -10.72
C GLY C 62 -9.21 50.83 -11.47
N ALA C 63 -9.35 52.12 -11.75
CA ALA C 63 -10.58 52.61 -12.35
C ALA C 63 -10.68 52.25 -13.84
N GLY C 64 -9.56 52.31 -14.56
CA GLY C 64 -9.61 52.17 -16.00
C GLY C 64 -9.69 50.74 -16.50
N ALA C 65 -9.21 49.79 -15.71
CA ALA C 65 -9.23 48.38 -16.14
C ALA C 65 -10.62 47.81 -16.40
N PRO C 66 -11.66 48.02 -15.57
CA PRO C 66 -12.98 47.52 -15.96
C PRO C 66 -13.50 48.15 -17.23
N VAL C 67 -13.19 49.42 -17.45
CA VAL C 67 -13.54 50.09 -18.70
C VAL C 67 -12.86 49.40 -19.87
N TYR C 68 -11.57 49.08 -19.68
CA TYR C 68 -10.80 48.40 -20.72
C TYR C 68 -11.43 47.07 -21.08
N LEU C 69 -11.72 46.25 -20.06
CA LEU C 69 -12.22 44.91 -20.34
C LEU C 69 -13.63 44.97 -20.91
N ALA C 70 -14.43 45.93 -20.46
CA ALA C 70 -15.77 46.08 -21.00
C ALA C 70 -15.73 46.44 -22.47
N ALA C 71 -14.82 47.32 -22.85
CA ALA C 71 -14.65 47.65 -24.27
C ALA C 71 -14.19 46.42 -25.05
N VAL C 72 -13.27 45.64 -24.47
CA VAL C 72 -12.75 44.45 -25.15
C VAL C 72 -13.89 43.46 -25.41
N LEU C 73 -14.66 43.15 -24.37
CA LEU C 73 -15.73 42.18 -24.52
C LEU C 73 -16.81 42.68 -25.46
N GLU C 74 -17.16 43.98 -25.39
CA GLU C 74 -18.17 44.51 -26.29
C GLU C 74 -17.73 44.42 -27.75
N TYR C 75 -16.47 44.70 -28.01
CA TYR C 75 -15.96 44.49 -29.37
C TYR C 75 -15.97 43.03 -29.76
N LEU C 76 -15.60 42.14 -28.84
CA LEU C 76 -15.57 40.71 -29.16
C LEU C 76 -16.96 40.23 -29.58
N THR C 77 -17.97 40.64 -28.82
CA THR C 77 -19.35 40.44 -29.24
C THR C 77 -19.62 41.09 -30.59
N ALA C 78 -18.99 42.24 -30.86
CA ALA C 78 -19.26 42.89 -32.15
C ALA C 78 -18.79 42.03 -33.33
N GLU C 79 -17.57 41.47 -33.27
CA GLU C 79 -17.20 40.71 -34.47
C GLU C 79 -17.92 39.37 -34.52
N ILE C 80 -18.19 38.75 -33.37
CA ILE C 80 -18.87 37.46 -33.47
C ILE C 80 -20.31 37.65 -33.91
N LEU C 81 -20.94 38.76 -33.49
CA LEU C 81 -22.28 39.08 -33.98
C LEU C 81 -22.28 39.45 -35.45
N GLU C 82 -21.23 40.11 -35.94
CA GLU C 82 -21.13 40.36 -37.37
C GLU C 82 -21.02 39.06 -38.16
N LEU C 83 -20.15 38.16 -37.71
CA LEU C 83 -20.00 36.88 -38.41
C LEU C 83 -21.28 36.08 -38.34
N ALA C 84 -21.94 36.09 -37.20
CA ALA C 84 -23.19 35.37 -37.02
C ALA C 84 -24.31 35.95 -37.88
N GLY C 85 -24.43 37.28 -37.92
CA GLY C 85 -25.46 37.90 -38.72
C GLY C 85 -25.23 37.71 -40.21
N ASN C 86 -23.96 37.75 -40.63
CA ASN C 86 -23.66 37.47 -42.03
C ASN C 86 -23.96 36.03 -42.39
N ALA C 87 -23.68 35.10 -41.47
CA ALA C 87 -24.04 33.71 -41.70
C ALA C 87 -25.55 33.52 -41.76
N ALA C 88 -26.27 34.24 -40.90
CA ALA C 88 -27.73 34.16 -40.89
C ALA C 88 -28.32 34.72 -42.18
N ARG C 89 -27.74 35.81 -42.67
CA ARG C 89 -28.14 36.34 -43.96
C ARG C 89 -27.80 35.40 -45.10
N ASP C 90 -26.69 34.68 -45.00
CA ASP C 90 -26.34 33.69 -46.01
C ASP C 90 -27.31 32.52 -45.99
N ASN C 91 -27.71 32.08 -44.80
CA ASN C 91 -28.71 31.04 -44.65
C ASN C 91 -30.13 31.61 -44.56
N LYS C 92 -30.30 32.88 -44.94
CA LYS C 92 -31.58 33.57 -45.15
C LYS C 92 -32.54 33.47 -43.96
N LYS C 93 -31.98 33.38 -42.75
CA LYS C 93 -32.76 33.44 -41.52
C LYS C 93 -32.48 34.76 -40.83
N THR C 94 -33.52 35.43 -40.37
CA THR C 94 -33.37 36.75 -39.79
C THR C 94 -33.37 36.76 -38.27
N ARG C 95 -33.33 35.59 -37.64
CA ARG C 95 -33.17 35.50 -36.19
C ARG C 95 -32.02 34.55 -35.91
N ILE C 96 -31.10 34.96 -35.04
CA ILE C 96 -29.84 34.23 -34.96
C ILE C 96 -30.02 32.94 -34.17
N ILE C 97 -29.35 31.90 -34.63
CA ILE C 97 -29.53 30.52 -34.19
C ILE C 97 -28.14 29.98 -33.83
N PRO C 98 -28.03 29.09 -32.84
CA PRO C 98 -26.72 28.51 -32.46
C PRO C 98 -25.92 27.84 -33.56
N ARG C 99 -26.58 27.24 -34.56
CA ARG C 99 -25.86 26.65 -35.69
C ARG C 99 -25.00 27.69 -36.40
N HIS C 100 -25.55 28.89 -36.59
CA HIS C 100 -24.81 29.97 -37.21
C HIS C 100 -23.64 30.41 -36.34
N LEU C 101 -23.83 30.37 -35.01
CA LEU C 101 -22.73 30.68 -34.10
C LEU C 101 -21.58 29.71 -34.26
N GLN C 102 -21.89 28.40 -34.32
CA GLN C 102 -20.86 27.40 -34.51
C GLN C 102 -20.17 27.55 -35.86
N LEU C 103 -20.95 27.76 -36.92
CA LEU C 103 -20.38 27.89 -38.25
C LEU C 103 -19.54 29.16 -38.36
N ALA C 104 -19.91 30.21 -37.64
CA ALA C 104 -19.14 31.45 -37.68
C ALA C 104 -17.84 31.30 -36.94
N ILE C 105 -17.88 30.73 -35.73
CA ILE C 105 -16.66 30.65 -34.92
C ILE C 105 -15.69 29.64 -35.50
N ARG C 106 -16.17 28.51 -36.02
CA ARG C 106 -15.27 27.54 -36.62
C ARG C 106 -14.70 27.98 -37.95
N ASN C 107 -15.21 29.06 -38.55
CA ASN C 107 -14.67 29.56 -39.80
C ASN C 107 -13.74 30.75 -39.64
N ASP C 108 -13.54 31.26 -38.43
CA ASP C 108 -12.53 32.27 -38.16
C ASP C 108 -11.35 31.60 -37.48
N GLU C 109 -10.16 31.79 -38.07
CA GLU C 109 -8.99 31.06 -37.62
C GLU C 109 -8.54 31.50 -36.23
N GLU C 110 -8.47 32.81 -36.00
CA GLU C 110 -8.01 33.30 -34.72
C GLU C 110 -9.03 33.07 -33.61
N LEU C 111 -10.32 33.16 -33.92
CA LEU C 111 -11.30 32.81 -32.91
C LEU C 111 -11.34 31.31 -32.65
N ASN C 112 -11.05 30.50 -33.68
CA ASN C 112 -10.94 29.06 -33.46
C ASN C 112 -9.75 28.73 -32.57
N LYS C 113 -8.64 29.46 -32.73
CA LYS C 113 -7.54 29.33 -31.80
C LYS C 113 -7.93 29.80 -30.42
N LEU C 114 -8.79 30.83 -30.34
CA LEU C 114 -9.31 31.26 -29.05
C LEU C 114 -10.25 30.22 -28.46
N LEU C 115 -11.08 29.60 -29.30
CA LEU C 115 -12.20 28.78 -28.84
C LEU C 115 -12.14 27.36 -29.39
N GLY C 116 -10.94 26.76 -29.43
CA GLY C 116 -10.84 25.39 -29.90
C GLY C 116 -11.33 24.35 -28.93
N ARG C 117 -11.27 24.65 -27.63
CA ARG C 117 -11.56 23.66 -26.60
C ARG C 117 -12.95 23.84 -26.01
N VAL C 118 -13.81 24.61 -26.66
CA VAL C 118 -15.14 24.87 -26.13
C VAL C 118 -16.15 24.21 -27.06
N THR C 119 -17.26 23.79 -26.47
CA THR C 119 -18.32 23.08 -27.18
C THR C 119 -19.60 23.90 -27.11
N ILE C 120 -20.29 24.01 -28.24
CA ILE C 120 -21.51 24.80 -28.33
C ILE C 120 -22.71 23.87 -28.28
N ALA C 121 -23.68 24.20 -27.43
CA ALA C 121 -24.91 23.43 -27.36
C ALA C 121 -25.71 23.58 -28.65
N GLN C 122 -26.17 22.44 -29.18
CA GLN C 122 -27.06 22.37 -30.35
C GLN C 122 -26.41 23.03 -31.57
N GLY C 123 -25.09 22.88 -31.70
CA GLY C 123 -24.35 23.64 -32.69
C GLY C 123 -23.98 22.91 -33.96
N GLY C 124 -23.72 21.61 -33.86
CA GLY C 124 -23.19 20.93 -35.03
C GLY C 124 -21.72 21.27 -35.22
N VAL C 125 -21.24 21.05 -36.44
CA VAL C 125 -19.86 21.31 -36.82
C VAL C 125 -19.83 21.91 -38.21
N LEU C 126 -18.63 22.14 -38.73
CA LEU C 126 -18.48 22.59 -40.10
C LEU C 126 -18.88 21.49 -41.08
N PRO C 127 -19.48 21.84 -42.20
CA PRO C 127 -19.60 20.87 -43.29
C PRO C 127 -18.24 20.54 -43.88
N ASN C 128 -17.81 19.29 -43.74
CA ASN C 128 -16.46 18.91 -44.10
C ASN C 128 -16.44 17.45 -44.51
N ILE C 129 -15.99 17.17 -45.71
CA ILE C 129 -15.71 15.82 -46.17
C ILE C 129 -14.27 15.78 -46.64
N GLN C 130 -13.60 14.66 -46.39
CA GLN C 130 -12.24 14.53 -46.83
C GLN C 130 -12.20 14.09 -48.29
N ALA C 131 -11.11 14.46 -48.97
CA ALA C 131 -11.02 14.28 -50.41
C ALA C 131 -11.00 12.80 -50.79
N VAL C 132 -10.31 11.97 -50.01
CA VAL C 132 -10.29 10.54 -50.28
C VAL C 132 -11.62 9.89 -49.96
N LEU C 133 -12.44 10.52 -49.13
CA LEU C 133 -13.79 10.01 -48.89
C LEU C 133 -14.72 10.27 -50.07
N LEU C 134 -14.45 11.30 -50.85
CA LEU C 134 -15.26 11.57 -52.03
C LEU C 134 -14.93 10.58 -53.15
N PRO C 135 -15.91 10.21 -53.96
CA PRO C 135 -15.65 9.28 -55.07
C PRO C 135 -14.86 9.97 -56.18
N LYS C 136 -14.34 9.14 -57.08
CA LYS C 136 -13.57 9.61 -58.23
C LYS C 136 -14.45 10.36 -59.22
N LYS D 31 -42.32 38.30 -5.17
CA LYS D 31 -41.79 37.86 -6.46
C LYS D 31 -40.61 36.90 -6.26
N ARG D 32 -39.56 37.11 -7.05
CA ARG D 32 -38.39 36.24 -7.05
C ARG D 32 -37.16 37.14 -6.94
N SER D 33 -36.08 36.60 -6.37
CA SER D 33 -34.83 37.34 -6.27
C SER D 33 -34.24 37.58 -7.65
N ARG D 34 -33.64 38.76 -7.83
CA ARG D 34 -33.18 39.19 -9.15
C ARG D 34 -31.97 38.37 -9.61
N LYS D 35 -31.99 38.00 -10.89
CA LYS D 35 -30.96 37.15 -11.48
C LYS D 35 -30.31 37.95 -12.61
N GLU D 36 -28.98 38.05 -12.57
CA GLU D 36 -28.24 38.86 -13.53
C GLU D 36 -28.17 38.16 -14.88
N SER D 37 -28.18 38.97 -15.94
CA SER D 37 -27.97 38.48 -17.30
C SER D 37 -27.31 39.56 -18.13
N TYR D 38 -26.78 39.16 -19.27
CA TYR D 38 -26.17 40.08 -20.22
C TYR D 38 -27.03 40.28 -21.46
N SER D 39 -28.33 40.03 -21.34
CA SER D 39 -29.20 39.99 -22.53
C SER D 39 -29.36 41.37 -23.14
N VAL D 40 -29.65 42.36 -22.32
CA VAL D 40 -30.00 43.67 -22.84
C VAL D 40 -28.80 44.36 -23.47
N TYR D 41 -27.60 44.14 -22.94
CA TYR D 41 -26.41 44.82 -23.45
C TYR D 41 -26.03 44.27 -24.82
N VAL D 42 -26.04 42.95 -24.95
CA VAL D 42 -25.79 42.31 -26.23
C VAL D 42 -26.89 42.67 -27.21
N TYR D 43 -28.10 42.94 -26.72
CA TYR D 43 -29.16 43.34 -27.62
C TYR D 43 -28.93 44.76 -28.15
N LYS D 44 -28.39 45.66 -27.31
CA LYS D 44 -27.95 46.96 -27.85
C LYS D 44 -26.83 46.79 -28.86
N VAL D 45 -25.89 45.90 -28.57
CA VAL D 45 -24.77 45.66 -29.49
C VAL D 45 -25.29 45.16 -30.83
N LEU D 46 -26.29 44.28 -30.79
CA LEU D 46 -26.92 43.78 -32.00
C LEU D 46 -27.58 44.89 -32.79
N LYS D 47 -28.37 45.75 -32.13
CA LYS D 47 -29.01 46.80 -32.92
C LYS D 47 -28.00 47.81 -33.44
N GLN D 48 -26.84 47.95 -32.78
CA GLN D 48 -25.76 48.72 -33.40
C GLN D 48 -25.20 48.02 -34.63
N VAL D 49 -25.03 46.70 -34.58
CA VAL D 49 -24.34 46.03 -35.68
C VAL D 49 -25.31 45.50 -36.74
N HIS D 50 -26.52 45.12 -36.36
CA HIS D 50 -27.52 44.66 -37.32
C HIS D 50 -28.88 45.04 -36.76
N PRO D 51 -29.43 46.16 -37.20
CA PRO D 51 -30.74 46.59 -36.70
C PRO D 51 -31.89 45.68 -37.08
N ASP D 52 -31.71 44.83 -38.09
CA ASP D 52 -32.79 44.05 -38.65
C ASP D 52 -33.08 42.73 -37.93
N THR D 53 -32.08 42.13 -37.28
CA THR D 53 -32.20 40.73 -36.90
C THR D 53 -32.58 40.56 -35.42
N GLY D 54 -32.91 39.32 -35.07
CA GLY D 54 -33.30 38.95 -33.74
C GLY D 54 -32.44 37.81 -33.18
N ILE D 55 -32.78 37.40 -31.96
CA ILE D 55 -32.01 36.41 -31.23
C ILE D 55 -32.88 35.21 -30.90
N SER D 56 -32.24 34.05 -30.81
CA SER D 56 -32.83 32.92 -30.10
C SER D 56 -32.30 32.91 -28.68
N SER D 57 -33.12 32.40 -27.76
CA SER D 57 -32.73 32.35 -26.35
C SER D 57 -31.59 31.37 -26.13
N LYS D 58 -31.53 30.31 -26.95
CA LYS D 58 -30.41 29.38 -26.88
C LYS D 58 -29.12 30.08 -27.25
N ALA D 59 -29.14 30.86 -28.34
CA ALA D 59 -27.99 31.63 -28.73
C ALA D 59 -27.59 32.64 -27.67
N MET D 60 -28.58 33.23 -26.99
CA MET D 60 -28.25 34.18 -25.94
C MET D 60 -27.67 33.50 -24.72
N GLY D 61 -28.09 32.27 -24.43
CA GLY D 61 -27.42 31.50 -23.40
C GLY D 61 -25.97 31.24 -23.73
N ILE D 62 -25.68 30.91 -24.99
CA ILE D 62 -24.29 30.79 -25.44
C ILE D 62 -23.56 32.12 -25.30
N MET D 63 -24.24 33.23 -25.59
CA MET D 63 -23.60 34.53 -25.45
C MET D 63 -23.26 34.84 -24.00
N ASN D 64 -24.15 34.53 -23.07
CA ASN D 64 -23.89 34.76 -21.66
C ASN D 64 -22.74 33.89 -21.17
N SER D 65 -22.71 32.62 -21.61
CA SER D 65 -21.59 31.73 -21.28
C SER D 65 -20.28 32.26 -21.85
N PHE D 66 -20.33 32.80 -23.07
CA PHE D 66 -19.15 33.37 -23.69
C PHE D 66 -18.62 34.56 -22.90
N VAL D 67 -19.53 35.46 -22.52
CA VAL D 67 -19.14 36.65 -21.76
C VAL D 67 -18.51 36.23 -20.44
N ASN D 68 -19.15 35.31 -19.74
CA ASN D 68 -18.62 34.88 -18.44
C ASN D 68 -17.29 34.16 -18.59
N ASP D 69 -17.15 33.33 -19.63
CA ASP D 69 -15.93 32.54 -19.83
C ASP D 69 -14.74 33.43 -20.16
N ILE D 70 -14.88 34.32 -21.13
CA ILE D 70 -13.78 35.19 -21.49
C ILE D 70 -13.49 36.15 -20.33
N PHE D 71 -14.55 36.57 -19.63
CA PHE D 71 -14.42 37.45 -18.48
C PHE D 71 -13.60 36.79 -17.38
N GLU D 72 -13.84 35.51 -17.10
CA GLU D 72 -13.09 34.86 -16.04
C GLU D 72 -11.67 34.54 -16.50
N ARG D 73 -11.46 34.26 -17.78
CA ARG D 73 -10.11 34.01 -18.27
C ARG D 73 -9.24 35.25 -18.10
N ILE D 74 -9.75 36.40 -18.53
CA ILE D 74 -8.96 37.62 -18.40
C ILE D 74 -8.84 38.02 -16.93
N ALA D 75 -9.85 37.71 -16.11
CA ALA D 75 -9.76 38.02 -14.69
C ALA D 75 -8.71 37.15 -14.01
N GLY D 76 -8.61 35.89 -14.39
CA GLY D 76 -7.58 35.03 -13.84
C GLY D 76 -6.19 35.44 -14.28
N GLU D 77 -6.06 35.86 -15.54
CA GLU D 77 -4.80 36.44 -15.99
C GLU D 77 -4.45 37.69 -15.17
N ALA D 78 -5.45 38.53 -14.91
CA ALA D 78 -5.23 39.74 -14.14
C ALA D 78 -4.76 39.41 -12.73
N SER D 79 -5.41 38.43 -12.11
CA SER D 79 -5.04 38.04 -10.76
C SER D 79 -3.63 37.47 -10.70
N ARG D 80 -3.29 36.58 -11.65
CA ARG D 80 -1.98 35.94 -11.60
C ARG D 80 -0.87 36.94 -11.91
N LEU D 81 -1.07 37.79 -12.92
CA LEU D 81 -0.08 38.81 -13.23
C LEU D 81 0.10 39.81 -12.09
N ALA D 82 -0.99 40.21 -11.44
CA ALA D 82 -0.85 41.09 -10.28
C ALA D 82 -0.13 40.40 -9.13
N HIS D 83 -0.31 39.08 -9.00
CA HIS D 83 0.38 38.35 -7.96
C HIS D 83 1.87 38.21 -8.29
N TYR D 84 2.20 38.14 -9.59
CA TYR D 84 3.57 37.84 -10.00
C TYR D 84 4.50 39.00 -9.72
N ASN D 85 4.07 40.20 -10.04
CA ASN D 85 4.88 41.39 -9.84
C ASN D 85 4.67 42.00 -8.46
N LYS D 86 3.95 41.31 -7.57
CA LYS D 86 3.79 41.69 -6.16
C LYS D 86 3.12 43.05 -6.02
N ARG D 87 2.14 43.32 -6.87
CA ARG D 87 1.38 44.55 -6.86
C ARG D 87 0.01 44.32 -6.25
N SER D 88 -0.34 45.14 -5.26
CA SER D 88 -1.60 45.00 -4.55
C SER D 88 -2.78 45.51 -5.34
N THR D 89 -2.53 46.21 -6.44
CA THR D 89 -3.56 46.78 -7.28
C THR D 89 -3.69 45.98 -8.57
N ILE D 90 -4.89 46.00 -9.14
CA ILE D 90 -5.07 45.63 -10.53
C ILE D 90 -5.32 46.91 -11.33
N THR D 91 -4.65 47.05 -12.46
CA THR D 91 -4.77 48.22 -13.32
C THR D 91 -4.94 47.75 -14.76
N SER D 92 -5.11 48.72 -15.65
CA SER D 92 -5.34 48.40 -17.05
C SER D 92 -4.08 47.89 -17.74
N ARG D 93 -2.91 48.26 -17.22
CA ARG D 93 -1.64 47.98 -17.89
C ARG D 93 -1.42 46.48 -18.08
N GLU D 94 -1.60 45.74 -17.00
CA GLU D 94 -1.62 44.30 -17.11
C GLU D 94 -2.84 43.78 -17.84
N ILE D 95 -3.86 44.60 -18.07
CA ILE D 95 -4.97 44.09 -18.87
C ILE D 95 -4.61 44.10 -20.35
N GLN D 96 -3.87 45.14 -20.82
CA GLN D 96 -3.29 45.02 -22.16
C GLN D 96 -2.34 43.83 -22.22
N THR D 97 -1.56 43.62 -21.16
CA THR D 97 -0.69 42.45 -21.11
C THR D 97 -1.50 41.16 -21.25
N ALA D 98 -2.64 41.09 -20.56
CA ALA D 98 -3.44 39.88 -20.53
C ALA D 98 -4.10 39.63 -21.88
N VAL D 99 -4.67 40.67 -22.49
CA VAL D 99 -5.34 40.44 -23.75
C VAL D 99 -4.31 40.18 -24.84
N ARG D 100 -3.10 40.73 -24.70
CA ARG D 100 -2.09 40.51 -25.71
C ARG D 100 -1.53 39.10 -25.61
N LEU D 101 -1.45 38.57 -24.40
CA LEU D 101 -1.00 37.19 -24.27
C LEU D 101 -2.11 36.21 -24.64
N LEU D 102 -3.35 36.53 -24.30
CA LEU D 102 -4.41 35.54 -24.41
C LEU D 102 -5.11 35.60 -25.77
N LEU D 103 -5.68 36.74 -26.12
CA LEU D 103 -6.27 36.89 -27.42
C LEU D 103 -5.15 36.96 -28.47
N PRO D 104 -5.22 36.17 -29.53
CA PRO D 104 -4.12 36.16 -30.50
C PRO D 104 -4.16 37.34 -31.46
N GLY D 105 -2.96 37.84 -31.76
CA GLY D 105 -2.65 38.70 -32.89
C GLY D 105 -3.46 39.94 -33.18
N GLU D 106 -4.00 39.99 -34.40
CA GLU D 106 -4.64 41.19 -34.90
C GLU D 106 -5.93 41.49 -34.15
N LEU D 107 -6.64 40.47 -33.67
CA LEU D 107 -7.79 40.70 -32.81
C LEU D 107 -7.36 41.39 -31.52
N ALA D 108 -6.23 40.96 -30.96
CA ALA D 108 -5.70 41.59 -29.76
C ALA D 108 -5.30 43.05 -30.03
N LYS D 109 -4.69 43.31 -31.17
CA LYS D 109 -4.25 44.67 -31.43
C LYS D 109 -5.42 45.59 -31.76
N HIS D 110 -6.44 45.05 -32.43
CA HIS D 110 -7.71 45.76 -32.56
C HIS D 110 -8.27 46.09 -31.19
N ALA D 111 -8.28 45.08 -30.31
CA ALA D 111 -8.78 45.23 -28.94
C ALA D 111 -8.05 46.32 -28.20
N VAL D 112 -6.74 46.40 -28.39
CA VAL D 112 -5.95 47.49 -27.85
C VAL D 112 -6.46 48.81 -28.39
N SER D 113 -6.81 48.86 -29.68
CA SER D 113 -7.25 50.13 -30.26
C SER D 113 -8.54 50.62 -29.62
N GLU D 114 -9.59 49.78 -29.57
CA GLU D 114 -10.85 50.35 -29.03
C GLU D 114 -10.72 50.56 -27.54
N GLY D 115 -9.96 49.73 -26.85
CA GLY D 115 -9.89 49.85 -25.42
C GLY D 115 -9.15 51.09 -24.99
N THR D 116 -8.02 51.37 -25.64
CA THR D 116 -7.28 52.58 -25.32
C THR D 116 -8.04 53.83 -25.72
N LYS D 117 -8.81 53.79 -26.83
CA LYS D 117 -9.58 55.01 -27.08
C LYS D 117 -10.74 55.13 -26.08
N ALA D 118 -11.29 54.02 -25.62
CA ALA D 118 -12.26 54.07 -24.53
C ALA D 118 -11.63 54.62 -23.26
N VAL D 119 -10.36 54.31 -23.04
CA VAL D 119 -9.61 54.92 -21.95
C VAL D 119 -9.52 56.43 -22.15
N THR D 120 -9.30 56.87 -23.39
CA THR D 120 -9.20 58.31 -23.65
C THR D 120 -10.51 59.02 -23.36
N LYS D 121 -11.63 58.43 -23.78
CA LYS D 121 -12.92 59.04 -23.42
C LYS D 121 -13.20 58.97 -21.93
N TYR D 122 -12.79 57.91 -21.25
CA TYR D 122 -13.06 57.83 -19.81
C TYR D 122 -12.20 58.82 -19.03
N THR D 123 -10.94 58.99 -19.43
CA THR D 123 -10.09 59.99 -18.78
C THR D 123 -10.59 61.39 -19.07
N SER D 124 -11.17 61.62 -20.24
CA SER D 124 -11.83 62.88 -20.52
C SER D 124 -13.25 62.94 -19.97
N ALA D 125 -13.67 61.90 -19.25
CA ALA D 125 -14.99 61.77 -18.61
C ALA D 125 -16.13 61.96 -19.61
N LYS E 38 -36.75 -4.00 -61.72
CA LYS E 38 -35.63 -4.16 -60.81
C LYS E 38 -35.71 -3.07 -59.75
N PRO E 39 -35.77 -3.46 -58.48
CA PRO E 39 -35.76 -2.47 -57.39
C PRO E 39 -34.42 -1.77 -57.32
N HIS E 40 -34.48 -0.45 -57.15
CA HIS E 40 -33.27 0.36 -57.15
C HIS E 40 -32.47 0.12 -55.87
N ARG E 41 -31.14 0.14 -56.03
CA ARG E 41 -30.22 -0.01 -54.91
C ARG E 41 -28.97 0.78 -55.22
N TYR E 42 -28.62 1.70 -54.33
CA TYR E 42 -27.44 2.52 -54.53
C TYR E 42 -26.18 1.71 -54.27
N ARG E 43 -25.07 2.16 -54.88
CA ARG E 43 -23.78 1.58 -54.55
C ARG E 43 -23.35 2.02 -53.16
N PRO E 44 -22.59 1.19 -52.44
CA PRO E 44 -22.26 1.49 -51.05
C PRO E 44 -21.39 2.74 -50.92
N GLY E 45 -21.57 3.44 -49.81
CA GLY E 45 -20.86 4.66 -49.52
C GLY E 45 -21.57 5.91 -50.00
N THR E 46 -22.30 5.82 -51.12
CA THR E 46 -23.01 6.98 -51.65
C THR E 46 -24.11 7.43 -50.68
N VAL E 47 -24.94 6.47 -50.24
CA VAL E 47 -25.91 6.77 -49.20
C VAL E 47 -25.21 7.17 -47.92
N ALA E 48 -24.09 6.50 -47.59
CA ALA E 48 -23.34 6.83 -46.39
C ALA E 48 -22.83 8.27 -46.44
N LEU E 49 -22.31 8.69 -47.60
CA LEU E 49 -21.98 10.10 -47.81
C LEU E 49 -23.21 10.98 -47.68
N ARG E 50 -24.38 10.47 -48.04
CA ARG E 50 -25.59 11.28 -47.91
C ARG E 50 -25.97 11.47 -46.45
N GLU E 51 -25.79 10.46 -45.58
CA GLU E 51 -26.01 10.76 -44.17
C GLU E 51 -24.91 11.65 -43.61
N ILE E 52 -23.68 11.54 -44.13
CA ILE E 52 -22.63 12.46 -43.71
C ILE E 52 -23.05 13.90 -43.96
N ARG E 53 -23.50 14.19 -45.18
CA ARG E 53 -23.97 15.53 -45.51
C ARG E 53 -25.21 15.90 -44.71
N ARG E 54 -26.13 14.96 -44.53
CA ARG E 54 -27.42 15.27 -43.90
C ARG E 54 -27.25 15.59 -42.42
N TYR E 55 -26.57 14.73 -41.67
CA TYR E 55 -26.37 15.00 -40.27
C TYR E 55 -25.20 15.93 -40.01
N GLN E 56 -24.42 16.28 -41.02
CA GLN E 56 -23.46 17.34 -40.80
C GLN E 56 -24.08 18.71 -41.04
N LYS E 57 -25.07 18.80 -41.93
CA LYS E 57 -25.82 20.05 -42.04
C LYS E 57 -26.76 20.22 -40.86
N SER E 58 -27.41 19.15 -40.44
CA SER E 58 -28.32 19.26 -39.31
C SER E 58 -27.54 19.19 -38.00
N THR E 59 -28.17 19.70 -36.94
CA THR E 59 -27.58 19.71 -35.61
C THR E 59 -28.35 18.90 -34.60
N GLU E 60 -29.57 18.49 -34.93
CA GLU E 60 -30.45 17.85 -33.97
C GLU E 60 -29.88 16.51 -33.52
N LEU E 61 -30.16 16.18 -32.26
CA LEU E 61 -29.36 15.21 -31.53
C LEU E 61 -29.62 13.78 -32.01
N LEU E 62 -28.58 12.97 -31.92
CA LEU E 62 -28.53 11.69 -32.62
C LEU E 62 -28.99 10.52 -31.76
N ILE E 63 -28.97 10.65 -30.45
CA ILE E 63 -29.18 9.53 -29.55
C ILE E 63 -30.56 9.68 -28.93
N ARG E 64 -31.24 8.55 -28.70
CA ARG E 64 -32.50 8.56 -27.97
C ARG E 64 -32.24 9.01 -26.54
N LYS E 65 -32.97 10.04 -26.10
CA LYS E 65 -32.61 10.72 -24.86
C LYS E 65 -33.04 9.95 -23.61
N LEU E 66 -34.13 9.20 -23.69
CA LEU E 66 -34.58 8.46 -22.51
C LEU E 66 -33.69 7.26 -22.16
N PRO E 67 -33.21 6.44 -23.12
CA PRO E 67 -32.22 5.42 -22.73
C PRO E 67 -30.95 5.99 -22.15
N PHE E 68 -30.49 7.13 -22.65
CA PHE E 68 -29.26 7.70 -22.11
C PHE E 68 -29.52 8.33 -20.75
N GLN E 69 -30.74 8.82 -20.53
CA GLN E 69 -31.16 9.22 -19.19
C GLN E 69 -31.14 8.06 -18.22
N ARG E 70 -31.64 6.90 -18.68
CA ARG E 70 -31.58 5.69 -17.88
C ARG E 70 -30.14 5.31 -17.57
N LEU E 71 -29.25 5.45 -18.57
CA LEU E 71 -27.85 5.12 -18.39
C LEU E 71 -27.17 6.07 -17.42
N VAL E 72 -27.45 7.37 -17.51
CA VAL E 72 -26.76 8.31 -16.63
C VAL E 72 -27.28 8.15 -15.20
N ARG E 73 -28.56 7.82 -15.02
CA ARG E 73 -29.04 7.48 -13.68
C ARG E 73 -28.37 6.21 -13.17
N GLU E 74 -28.21 5.21 -14.05
CA GLU E 74 -27.56 3.95 -13.68
C GLU E 74 -26.13 4.18 -13.22
N ILE E 75 -25.40 5.00 -13.95
CA ILE E 75 -23.99 5.17 -13.62
C ILE E 75 -23.84 6.14 -12.45
N ALA E 76 -24.80 7.04 -12.28
CA ALA E 76 -24.77 7.95 -11.13
C ALA E 76 -25.03 7.19 -9.83
N GLN E 77 -25.88 6.18 -9.86
CA GLN E 77 -26.11 5.40 -8.65
C GLN E 77 -24.89 4.59 -8.24
N ASP E 78 -23.93 4.40 -9.14
CA ASP E 78 -22.73 3.64 -8.81
C ASP E 78 -21.83 4.38 -7.82
N PHE E 79 -21.96 5.70 -7.73
CA PHE E 79 -21.18 6.46 -6.76
C PHE E 79 -21.99 6.72 -5.50
N LYS E 80 -23.19 7.27 -5.63
CA LYS E 80 -23.96 7.62 -4.45
C LYS E 80 -25.41 7.29 -4.75
N THR E 81 -26.14 6.92 -3.71
CA THR E 81 -27.49 6.40 -3.89
C THR E 81 -28.50 7.53 -4.05
N ASP E 82 -29.44 7.31 -4.99
CA ASP E 82 -30.65 8.14 -5.14
C ASP E 82 -30.30 9.59 -5.47
N LEU E 83 -29.86 9.83 -6.69
CA LEU E 83 -29.69 11.20 -7.17
C LEU E 83 -30.89 11.62 -8.01
N ARG E 84 -31.20 12.92 -7.94
CA ARG E 84 -32.22 13.49 -8.80
C ARG E 84 -31.56 14.35 -9.86
N PHE E 85 -32.18 14.37 -11.04
CA PHE E 85 -31.60 15.00 -12.22
C PHE E 85 -32.56 16.05 -12.77
N GLN E 86 -32.02 17.22 -13.10
CA GLN E 86 -32.73 18.14 -13.98
C GLN E 86 -32.61 17.64 -15.39
N SER E 87 -33.68 17.82 -16.18
CA SER E 87 -33.61 17.48 -17.59
C SER E 87 -32.61 18.36 -18.33
N SER E 88 -32.46 19.61 -17.88
CA SER E 88 -31.44 20.49 -18.43
C SER E 88 -30.05 19.92 -18.23
N ALA E 89 -29.79 19.35 -17.06
CA ALA E 89 -28.48 18.76 -16.80
C ALA E 89 -28.21 17.59 -17.72
N VAL E 90 -29.22 16.75 -17.91
CA VAL E 90 -29.07 15.57 -18.75
C VAL E 90 -28.85 15.97 -20.20
N MET E 91 -29.61 16.95 -20.69
CA MET E 91 -29.41 17.36 -22.06
C MET E 91 -28.05 18.03 -22.23
N ALA E 92 -27.62 18.82 -21.24
CA ALA E 92 -26.32 19.48 -21.31
C ALA E 92 -25.18 18.49 -21.36
N LEU E 93 -25.24 17.47 -20.48
CA LEU E 93 -24.19 16.47 -20.49
C LEU E 93 -24.24 15.65 -21.76
N GLN E 94 -25.41 15.48 -22.39
CA GLN E 94 -25.39 14.73 -23.63
C GLN E 94 -24.83 15.54 -24.80
N GLU E 95 -24.99 16.89 -24.82
CA GLU E 95 -24.20 17.60 -25.84
C GLU E 95 -22.72 17.45 -25.57
N ALA E 96 -22.31 17.52 -24.30
CA ALA E 96 -20.88 17.39 -24.00
C ALA E 96 -20.35 16.02 -24.42
N SER E 97 -21.13 14.98 -24.18
CA SER E 97 -20.72 13.64 -24.56
C SER E 97 -20.64 13.48 -26.07
N GLU E 98 -21.64 13.97 -26.80
CA GLU E 98 -21.61 13.79 -28.24
C GLU E 98 -20.48 14.61 -28.86
N ALA E 99 -20.17 15.78 -28.27
CA ALA E 99 -19.05 16.57 -28.75
C ALA E 99 -17.74 15.83 -28.55
N TYR E 100 -17.58 15.20 -27.39
CA TYR E 100 -16.37 14.42 -27.13
C TYR E 100 -16.24 13.25 -28.09
N LEU E 101 -17.36 12.53 -28.31
CA LEU E 101 -17.33 11.42 -29.26
C LEU E 101 -17.05 11.88 -30.68
N VAL E 102 -17.69 12.97 -31.13
CA VAL E 102 -17.50 13.39 -32.51
C VAL E 102 -16.10 13.93 -32.73
N GLY E 103 -15.51 14.51 -31.66
CA GLY E 103 -14.10 14.86 -31.74
C GLY E 103 -13.23 13.65 -31.93
N LEU E 104 -13.47 12.59 -31.14
CA LEU E 104 -12.61 11.44 -31.30
C LEU E 104 -12.87 10.69 -32.61
N PHE E 105 -14.08 10.77 -33.17
CA PHE E 105 -14.27 10.23 -34.51
C PHE E 105 -13.54 11.04 -35.57
N GLU E 106 -13.51 12.36 -35.45
CA GLU E 106 -12.73 13.06 -36.48
C GLU E 106 -11.23 12.82 -36.32
N ASP E 107 -10.76 12.63 -35.08
CA ASP E 107 -9.37 12.19 -34.93
C ASP E 107 -9.13 10.83 -35.55
N THR E 108 -10.04 9.87 -35.35
CA THR E 108 -9.78 8.56 -35.93
C THR E 108 -10.01 8.57 -37.44
N ASN E 109 -10.78 9.52 -37.96
CA ASN E 109 -10.80 9.75 -39.40
C ASN E 109 -9.43 10.15 -39.90
N LEU E 110 -8.81 11.10 -39.21
CA LEU E 110 -7.49 11.56 -39.60
C LEU E 110 -6.47 10.42 -39.50
N ALA E 111 -6.60 9.59 -38.48
CA ALA E 111 -5.72 8.44 -38.32
C ALA E 111 -5.92 7.41 -39.42
N ALA E 112 -7.18 7.08 -39.73
CA ALA E 112 -7.46 6.03 -40.71
C ALA E 112 -7.06 6.46 -42.11
N ILE E 113 -7.31 7.72 -42.46
CA ILE E 113 -6.83 8.25 -43.73
C ILE E 113 -5.31 8.25 -43.75
N HIS E 114 -4.69 8.57 -42.60
CA HIS E 114 -3.25 8.51 -42.50
C HIS E 114 -2.73 7.09 -42.63
N ALA E 115 -3.55 6.09 -42.30
CA ALA E 115 -3.19 4.70 -42.45
C ALA E 115 -3.55 4.15 -43.83
N LYS E 116 -3.82 5.03 -44.80
CA LYS E 116 -4.12 4.67 -46.19
C LYS E 116 -5.36 3.79 -46.30
N ARG E 117 -6.25 3.87 -45.32
CA ARG E 117 -7.50 3.12 -45.32
C ARG E 117 -8.67 4.09 -45.20
N VAL E 118 -9.87 3.54 -45.37
CA VAL E 118 -11.09 4.33 -45.22
C VAL E 118 -11.99 3.83 -44.10
N THR E 119 -11.76 2.62 -43.57
CA THR E 119 -12.60 2.07 -42.53
C THR E 119 -11.93 2.27 -41.17
N ILE E 120 -12.70 2.73 -40.22
CA ILE E 120 -12.22 2.87 -38.85
C ILE E 120 -12.26 1.50 -38.17
N MET E 121 -11.23 1.21 -37.39
CA MET E 121 -11.11 0.01 -36.58
C MET E 121 -10.61 0.42 -35.20
N PRO E 122 -10.95 -0.35 -34.14
CA PRO E 122 -10.75 0.13 -32.76
C PRO E 122 -9.32 0.44 -32.38
N LYS E 123 -8.33 -0.13 -33.08
CA LYS E 123 -6.95 0.25 -32.81
C LYS E 123 -6.68 1.68 -33.25
N ASP E 124 -7.40 2.16 -34.26
CA ASP E 124 -7.28 3.57 -34.66
C ASP E 124 -7.80 4.47 -33.55
N ILE E 125 -8.92 4.09 -32.94
CA ILE E 125 -9.48 4.85 -31.84
C ILE E 125 -8.56 4.79 -30.63
N GLN E 126 -7.97 3.63 -30.37
CA GLN E 126 -7.00 3.52 -29.27
C GLN E 126 -5.78 4.40 -29.52
N LEU E 127 -5.33 4.47 -30.78
CA LEU E 127 -4.26 5.38 -31.15
C LEU E 127 -4.63 6.82 -30.84
N ALA E 128 -5.83 7.24 -31.25
CA ALA E 128 -6.26 8.61 -31.05
C ALA E 128 -6.37 8.95 -29.57
N ARG E 129 -6.93 8.03 -28.79
CA ARG E 129 -7.04 8.24 -27.35
C ARG E 129 -5.68 8.30 -26.69
N ARG E 130 -4.71 7.52 -27.18
CA ARG E 130 -3.37 7.61 -26.63
C ARG E 130 -2.70 8.92 -27.01
N ILE E 131 -2.95 9.42 -28.22
CA ILE E 131 -2.33 10.66 -28.65
C ILE E 131 -2.87 11.85 -27.88
N ARG E 132 -4.19 11.87 -27.64
CA ARG E 132 -4.80 12.99 -26.91
C ARG E 132 -4.31 13.05 -25.46
N GLY E 133 -4.01 11.89 -24.87
CA GLY E 133 -3.37 11.92 -23.57
C GLY E 133 -4.26 11.51 -22.42
N GLU E 134 -5.13 10.52 -22.64
CA GLU E 134 -5.88 9.92 -21.55
C GLU E 134 -5.40 8.49 -21.31
N LYS F 21 -36.07 -0.79 -9.02
CA LYS F 21 -35.43 0.36 -8.42
C LYS F 21 -34.02 0.55 -8.98
N VAL F 22 -33.31 -0.55 -9.10
CA VAL F 22 -31.94 -0.51 -9.63
C VAL F 22 -31.97 -0.86 -11.11
N LEU F 23 -30.94 -0.43 -11.81
CA LEU F 23 -30.74 -0.75 -13.22
C LEU F 23 -29.36 -1.36 -13.39
N ARG F 24 -29.24 -2.31 -14.31
CA ARG F 24 -28.02 -3.08 -14.46
C ARG F 24 -27.40 -3.03 -15.85
N ASP F 25 -28.18 -2.75 -16.89
CA ASP F 25 -27.66 -2.71 -18.26
C ASP F 25 -28.43 -1.65 -19.04
N ASN F 26 -27.82 -0.48 -19.23
CA ASN F 26 -28.32 0.50 -20.17
C ASN F 26 -27.25 0.99 -21.13
N ILE F 27 -26.04 0.43 -21.06
CA ILE F 27 -25.00 0.77 -22.03
C ILE F 27 -25.39 0.29 -23.42
N GLN F 28 -26.21 -0.76 -23.51
CA GLN F 28 -26.81 -1.15 -24.77
C GLN F 28 -27.91 -0.19 -25.21
N GLY F 29 -28.37 0.68 -24.30
CA GLY F 29 -29.32 1.72 -24.68
C GLY F 29 -28.76 2.74 -25.64
N ILE F 30 -27.43 2.86 -25.70
CA ILE F 30 -26.78 3.57 -26.79
C ILE F 30 -26.66 2.59 -27.94
N THR F 31 -27.66 2.62 -28.84
CA THR F 31 -27.73 1.62 -29.89
C THR F 31 -26.69 1.86 -30.97
N LYS F 32 -26.48 0.83 -31.78
CA LYS F 32 -25.59 0.94 -32.93
C LYS F 32 -25.99 2.03 -33.94
N PRO F 33 -27.26 2.20 -34.34
CA PRO F 33 -27.57 3.31 -35.27
C PRO F 33 -27.29 4.70 -34.71
N ALA F 34 -27.43 4.91 -33.40
CA ALA F 34 -27.04 6.19 -32.83
C ALA F 34 -25.54 6.42 -32.96
N ILE F 35 -24.76 5.36 -32.74
CA ILE F 35 -23.32 5.41 -32.97
C ILE F 35 -23.03 5.71 -34.44
N ARG F 36 -23.83 5.12 -35.33
CA ARG F 36 -23.65 5.32 -36.76
C ARG F 36 -23.94 6.76 -37.15
N ARG F 37 -24.98 7.35 -36.57
CA ARG F 37 -25.29 8.75 -36.81
C ARG F 37 -24.19 9.66 -36.29
N LEU F 38 -23.63 9.31 -35.13
CA LEU F 38 -22.49 10.06 -34.60
C LEU F 38 -21.29 9.95 -35.53
N ALA F 39 -21.05 8.77 -36.09
CA ALA F 39 -19.93 8.56 -36.99
C ALA F 39 -20.12 9.29 -38.31
N ARG F 40 -21.36 9.36 -38.80
CA ARG F 40 -21.63 10.15 -40.00
C ARG F 40 -21.41 11.63 -39.71
N ARG F 41 -21.84 12.09 -38.54
CA ARG F 41 -21.51 13.45 -38.11
C ARG F 41 -20.02 13.57 -37.83
N GLY F 42 -19.38 12.47 -37.43
CA GLY F 42 -17.94 12.44 -37.41
C GLY F 42 -17.29 12.30 -38.76
N GLY F 43 -18.07 12.07 -39.80
CA GLY F 43 -17.53 11.94 -41.13
C GLY F 43 -17.05 10.55 -41.48
N VAL F 44 -17.37 9.55 -40.66
CA VAL F 44 -17.00 8.18 -40.98
C VAL F 44 -18.01 7.68 -42.01
N LYS F 45 -17.51 7.15 -43.13
CA LYS F 45 -18.43 6.51 -44.06
C LYS F 45 -18.46 4.99 -43.91
N ARG F 46 -17.46 4.39 -43.28
CA ARG F 46 -17.41 2.94 -43.16
C ARG F 46 -17.00 2.57 -41.73
N ILE F 47 -17.85 1.81 -41.06
CA ILE F 47 -17.73 1.53 -39.64
C ILE F 47 -17.54 0.02 -39.47
N SER F 48 -16.52 -0.36 -38.72
CA SER F 48 -16.36 -1.78 -38.43
C SER F 48 -17.41 -2.23 -37.42
N GLY F 49 -17.60 -3.55 -37.36
CA GLY F 49 -18.48 -4.10 -36.34
C GLY F 49 -17.89 -4.04 -34.95
N LEU F 50 -16.57 -3.91 -34.85
CA LEU F 50 -15.89 -3.87 -33.55
C LEU F 50 -15.89 -2.49 -32.93
N ILE F 51 -16.43 -1.49 -33.63
CA ILE F 51 -16.37 -0.11 -33.17
C ILE F 51 -17.25 0.11 -31.95
N TYR F 52 -18.44 -0.49 -31.96
CA TYR F 52 -19.55 -0.04 -31.12
C TYR F 52 -19.27 -0.28 -29.64
N GLU F 53 -18.74 -1.45 -29.29
CA GLU F 53 -18.53 -1.79 -27.89
C GLU F 53 -17.37 -0.99 -27.29
N GLU F 54 -16.32 -0.71 -28.06
CA GLU F 54 -15.22 0.07 -27.52
C GLU F 54 -15.56 1.55 -27.44
N THR F 55 -16.38 2.04 -28.37
CA THR F 55 -16.93 3.39 -28.20
C THR F 55 -17.82 3.47 -26.98
N ARG F 56 -18.58 2.40 -26.70
CA ARG F 56 -19.33 2.33 -25.45
C ARG F 56 -18.39 2.36 -24.25
N GLY F 57 -17.25 1.68 -24.36
CA GLY F 57 -16.30 1.66 -23.25
C GLY F 57 -15.69 3.02 -22.97
N VAL F 58 -15.29 3.72 -24.03
CA VAL F 58 -14.70 5.04 -23.82
C VAL F 58 -15.76 6.06 -23.41
N LEU F 59 -17.00 5.87 -23.87
CA LEU F 59 -18.12 6.67 -23.39
C LEU F 59 -18.34 6.42 -21.91
N LYS F 60 -18.25 5.15 -21.50
CA LYS F 60 -18.32 4.77 -20.10
C LYS F 60 -17.26 5.50 -19.28
N VAL F 61 -16.03 5.53 -19.78
CA VAL F 61 -14.94 6.19 -19.06
C VAL F 61 -15.22 7.68 -18.92
N PHE F 62 -15.57 8.33 -20.04
CA PHE F 62 -15.76 9.79 -20.02
C PHE F 62 -16.93 10.17 -19.13
N LEU F 63 -18.03 9.43 -19.22
CA LEU F 63 -19.18 9.70 -18.36
C LEU F 63 -18.85 9.47 -16.90
N GLU F 64 -18.06 8.43 -16.57
CA GLU F 64 -17.64 8.27 -15.18
C GLU F 64 -16.81 9.45 -14.70
N ASN F 65 -15.84 9.88 -15.51
CA ASN F 65 -14.97 10.97 -15.09
C ASN F 65 -15.76 12.26 -14.92
N VAL F 66 -16.79 12.47 -15.72
CA VAL F 66 -17.53 13.71 -15.53
C VAL F 66 -18.53 13.58 -14.36
N ILE F 67 -19.17 12.42 -14.20
CA ILE F 67 -20.26 12.37 -13.24
C ILE F 67 -19.72 12.20 -11.83
N ARG F 68 -18.51 11.65 -11.67
CA ARG F 68 -17.88 11.56 -10.36
C ARG F 68 -17.67 12.95 -9.77
N ASP F 69 -17.04 13.81 -10.56
CA ASP F 69 -16.84 15.18 -10.14
C ASP F 69 -18.17 15.91 -10.06
N ALA F 70 -19.13 15.55 -10.90
CA ALA F 70 -20.44 16.21 -10.88
C ALA F 70 -21.16 15.95 -9.56
N VAL F 71 -21.20 14.70 -9.14
CA VAL F 71 -21.88 14.40 -7.90
C VAL F 71 -21.04 14.88 -6.73
N THR F 72 -19.73 15.02 -6.93
CA THR F 72 -18.88 15.62 -5.91
C THR F 72 -19.26 17.08 -5.70
N TYR F 73 -19.44 17.81 -6.80
CA TYR F 73 -19.92 19.19 -6.75
C TYR F 73 -21.27 19.25 -6.06
N THR F 74 -22.15 18.30 -6.39
CA THR F 74 -23.50 18.29 -5.84
C THR F 74 -23.48 18.05 -4.34
N GLU F 75 -22.68 17.08 -3.89
CA GLU F 75 -22.67 16.75 -2.47
C GLU F 75 -21.99 17.83 -1.65
N HIS F 76 -21.04 18.56 -2.24
CA HIS F 76 -20.51 19.69 -1.48
C HIS F 76 -21.56 20.77 -1.31
N ALA F 77 -22.46 20.91 -2.28
CA ALA F 77 -23.56 21.86 -2.16
C ALA F 77 -24.66 21.40 -1.22
N LYS F 78 -24.50 20.22 -0.60
CA LYS F 78 -25.50 19.60 0.28
C LYS F 78 -26.84 19.40 -0.42
N ARG F 79 -26.78 19.15 -1.72
CA ARG F 79 -27.96 18.88 -2.51
C ARG F 79 -27.97 17.42 -2.94
N LYS F 80 -29.18 16.86 -3.01
CA LYS F 80 -29.38 15.53 -3.56
C LYS F 80 -29.95 15.59 -4.96
N THR F 81 -30.36 16.77 -5.40
CA THR F 81 -30.72 17.03 -6.79
C THR F 81 -29.55 17.77 -7.43
N VAL F 82 -29.09 17.29 -8.58
CA VAL F 82 -27.95 17.92 -9.24
C VAL F 82 -28.42 19.18 -9.94
N THR F 83 -27.47 20.07 -10.20
CA THR F 83 -27.70 21.21 -11.09
C THR F 83 -26.85 21.08 -12.34
N ALA F 84 -27.37 21.67 -13.43
CA ALA F 84 -26.62 21.71 -14.67
C ALA F 84 -25.39 22.60 -14.54
N MET F 85 -25.45 23.60 -13.66
CA MET F 85 -24.32 24.48 -13.39
C MET F 85 -23.11 23.68 -12.91
N ASP F 86 -23.35 22.67 -12.09
CA ASP F 86 -22.27 21.82 -11.62
C ASP F 86 -21.72 20.97 -12.75
N VAL F 87 -22.57 20.57 -13.70
CA VAL F 87 -22.11 19.86 -14.89
C VAL F 87 -21.21 20.77 -15.71
N VAL F 88 -21.57 22.05 -15.80
CA VAL F 88 -20.74 23.03 -16.48
C VAL F 88 -19.38 23.13 -15.82
N TYR F 89 -19.36 23.18 -14.49
CA TYR F 89 -18.09 23.21 -13.77
C TYR F 89 -17.26 21.96 -14.00
N ALA F 90 -17.93 20.80 -14.02
CA ALA F 90 -17.23 19.54 -14.22
C ALA F 90 -16.59 19.46 -15.60
N LEU F 91 -17.31 19.93 -16.62
CA LEU F 91 -16.75 19.86 -17.96
C LEU F 91 -15.67 20.92 -18.17
N LYS F 92 -15.81 22.10 -17.55
CA LYS F 92 -14.79 23.11 -17.77
C LYS F 92 -13.52 22.80 -16.97
N ARG F 93 -13.64 22.09 -15.85
CA ARG F 93 -12.45 21.63 -15.18
C ARG F 93 -11.74 20.56 -16.00
N GLN F 94 -12.50 19.70 -16.66
CA GLN F 94 -11.92 18.62 -17.43
C GLN F 94 -11.34 19.10 -18.76
N GLY F 95 -11.56 20.38 -19.10
CA GLY F 95 -11.01 20.91 -20.33
C GLY F 95 -11.91 20.76 -21.53
N ARG F 96 -13.20 20.52 -21.31
CA ARG F 96 -14.18 20.44 -22.38
C ARG F 96 -15.35 21.33 -22.04
N THR F 97 -15.05 22.60 -21.79
CA THR F 97 -16.04 23.57 -21.35
C THR F 97 -17.16 23.76 -22.37
N LEU F 98 -18.37 23.98 -21.85
CA LEU F 98 -19.59 24.01 -22.64
C LEU F 98 -20.22 25.38 -22.57
N TYR F 99 -20.68 25.87 -23.72
CA TYR F 99 -21.47 27.08 -23.79
C TYR F 99 -22.93 26.71 -23.98
N GLY F 100 -23.82 27.51 -23.39
CA GLY F 100 -25.24 27.37 -23.62
C GLY F 100 -26.08 26.94 -22.44
N PHE F 101 -25.50 26.76 -21.26
CA PHE F 101 -26.27 26.36 -20.10
C PHE F 101 -25.91 27.11 -18.83
N GLY F 102 -24.84 27.90 -18.82
CA GLY F 102 -24.56 28.74 -17.68
C GLY F 102 -25.62 29.81 -17.53
N GLY F 103 -26.04 30.02 -16.28
CA GLY F 103 -27.14 30.92 -16.00
C GLY F 103 -28.49 30.23 -16.13
N ALA G 28 2.49 34.49 32.81
CA ALA G 28 2.00 35.72 32.22
C ALA G 28 1.51 35.49 30.79
N ARG G 29 2.21 34.61 30.07
CA ARG G 29 1.85 34.30 28.70
C ARG G 29 2.16 32.83 28.44
N ALA G 30 1.41 32.23 27.52
CA ALA G 30 1.63 30.84 27.16
C ALA G 30 2.97 30.66 26.45
N LYS G 31 3.58 29.51 26.65
CA LYS G 31 4.84 29.19 25.99
C LYS G 31 4.59 28.99 24.51
N ALA G 32 5.56 29.41 23.70
CA ALA G 32 5.39 29.41 22.25
C ALA G 32 5.48 27.98 21.71
N LYS G 33 4.40 27.53 21.08
CA LYS G 33 4.37 26.22 20.43
C LYS G 33 3.60 26.36 19.13
N THR G 34 4.16 25.82 18.05
CA THR G 34 3.64 26.10 16.72
C THR G 34 2.38 25.30 16.43
N ARG G 35 1.66 25.77 15.42
CA ARG G 35 0.45 25.09 14.98
C ARG G 35 0.77 23.83 14.18
N SER G 36 1.96 23.74 13.59
CA SER G 36 2.37 22.51 12.95
C SER G 36 2.53 21.39 13.96
N SER G 37 3.01 21.73 15.15
CA SER G 37 3.06 20.78 16.25
C SER G 37 1.66 20.37 16.69
N ARG G 38 0.72 21.33 16.68
CA ARG G 38 -0.66 21.01 17.02
C ARG G 38 -1.27 20.06 16.00
N ALA G 39 -0.99 20.30 14.72
CA ALA G 39 -1.35 19.34 13.69
C ALA G 39 -0.45 18.12 13.72
N GLY G 40 0.73 18.23 14.33
CA GLY G 40 1.64 17.11 14.40
C GLY G 40 2.27 16.74 13.09
N LEU G 41 2.24 17.64 12.11
CA LEU G 41 2.84 17.39 10.81
C LEU G 41 3.82 18.51 10.50
N GLN G 42 4.74 18.22 9.57
CA GLN G 42 5.92 19.05 9.37
C GLN G 42 5.69 20.30 8.53
N PHE G 43 4.73 20.30 7.61
CA PHE G 43 4.53 21.49 6.79
C PHE G 43 3.99 22.65 7.63
N PRO G 44 4.44 23.87 7.34
CA PRO G 44 4.10 25.01 8.19
C PRO G 44 2.63 25.37 8.05
N VAL G 45 1.91 25.28 9.17
CA VAL G 45 0.55 25.75 9.20
C VAL G 45 0.51 27.26 8.99
N GLY G 46 1.41 27.97 9.65
CA GLY G 46 1.42 29.42 9.58
C GLY G 46 1.76 29.95 8.21
N ARG G 47 2.76 29.36 7.55
CA ARG G 47 3.15 29.84 6.23
C ARG G 47 2.06 29.57 5.19
N VAL G 48 1.44 28.39 5.25
CA VAL G 48 0.35 28.08 4.32
C VAL G 48 -0.85 28.98 4.58
N HIS G 49 -1.13 29.26 5.86
CA HIS G 49 -2.19 30.18 6.23
C HIS G 49 -1.92 31.58 5.67
N ARG G 50 -0.69 32.06 5.82
CA ARG G 50 -0.33 33.39 5.33
C ARG G 50 -0.38 33.44 3.80
N LEU G 51 0.09 32.38 3.14
CA LEU G 51 0.10 32.36 1.68
C LEU G 51 -1.31 32.30 1.11
N LEU G 52 -2.20 31.57 1.76
CA LEU G 52 -3.58 31.57 1.30
C LEU G 52 -4.29 32.88 1.61
N ARG G 53 -3.95 33.53 2.73
CA ARG G 53 -4.55 34.83 3.02
C ARG G 53 -4.11 35.89 2.01
N LYS G 54 -2.83 35.88 1.62
CA LYS G 54 -2.36 36.81 0.59
C LYS G 54 -2.37 36.22 -0.81
N GLY G 55 -2.81 34.98 -0.97
CA GLY G 55 -3.01 34.47 -2.30
C GLY G 55 -4.34 34.85 -2.92
N ASN G 56 -5.23 35.41 -2.08
CA ASN G 56 -6.50 36.00 -2.51
C ASN G 56 -7.35 34.92 -3.16
N TYR G 57 -7.87 34.02 -2.34
CA TYR G 57 -8.81 33.01 -2.79
C TYR G 57 -10.17 33.13 -2.11
N SER G 58 -10.23 33.79 -0.97
CA SER G 58 -11.48 34.13 -0.33
C SER G 58 -11.24 35.34 0.56
N GLU G 59 -12.33 35.99 0.97
CA GLU G 59 -12.21 37.10 1.91
C GLU G 59 -11.76 36.60 3.29
N ARG G 60 -12.28 35.46 3.74
CA ARG G 60 -11.89 34.89 5.01
C ARG G 60 -11.50 33.43 4.81
N VAL G 61 -10.74 32.91 5.76
CA VAL G 61 -10.20 31.56 5.68
C VAL G 61 -10.57 30.79 6.94
N GLY G 62 -11.05 29.57 6.76
CA GLY G 62 -11.30 28.71 7.90
C GLY G 62 -10.02 28.23 8.53
N ALA G 63 -10.13 27.82 9.80
CA ALA G 63 -8.93 27.42 10.52
C ALA G 63 -8.38 26.09 10.02
N GLY G 64 -9.26 25.11 9.83
CA GLY G 64 -8.78 23.78 9.47
C GLY G 64 -8.39 23.61 8.02
N ALA G 65 -8.82 24.53 7.16
CA ALA G 65 -8.55 24.38 5.73
C ALA G 65 -7.06 24.43 5.36
N PRO G 66 -6.24 25.39 5.81
CA PRO G 66 -4.83 25.33 5.42
C PRO G 66 -4.09 24.19 6.08
N VAL G 67 -4.53 23.79 7.27
CA VAL G 67 -3.97 22.63 7.94
C VAL G 67 -4.22 21.39 7.10
N TYR G 68 -5.44 21.27 6.60
CA TYR G 68 -5.84 20.14 5.78
C TYR G 68 -5.04 20.13 4.49
N LEU G 69 -4.85 21.31 3.91
CA LEU G 69 -4.07 21.44 2.69
C LEU G 69 -2.62 21.03 2.91
N ALA G 70 -2.02 21.47 4.01
CA ALA G 70 -0.65 21.09 4.30
C ALA G 70 -0.53 19.60 4.52
N ALA G 71 -1.54 19.01 5.18
CA ALA G 71 -1.53 17.59 5.44
C ALA G 71 -1.58 16.78 4.15
N VAL G 72 -2.47 17.15 3.23
CA VAL G 72 -2.56 16.39 1.99
C VAL G 72 -1.31 16.59 1.14
N LEU G 73 -0.74 17.81 1.16
CA LEU G 73 0.55 18.01 0.48
C LEU G 73 1.63 17.11 1.03
N GLU G 74 1.77 17.05 2.35
CA GLU G 74 2.85 16.27 2.95
C GLU G 74 2.62 14.78 2.75
N TYR G 75 1.36 14.36 2.66
CA TYR G 75 1.08 12.98 2.26
C TYR G 75 1.60 12.68 0.85
N LEU G 76 1.33 13.58 -0.09
CA LEU G 76 1.85 13.39 -1.45
C LEU G 76 3.36 13.38 -1.47
N THR G 77 4.00 14.29 -0.74
CA THR G 77 5.45 14.28 -0.64
C THR G 77 5.96 13.00 -0.01
N ALA G 78 5.22 12.47 0.97
CA ALA G 78 5.63 11.23 1.63
C ALA G 78 5.70 10.09 0.63
N GLU G 79 4.63 9.88 -0.13
CA GLU G 79 4.68 8.79 -1.11
C GLU G 79 5.65 9.05 -2.25
N ILE G 80 5.77 10.29 -2.73
CA ILE G 80 6.65 10.48 -3.86
C ILE G 80 8.11 10.38 -3.45
N LEU G 81 8.46 10.75 -2.22
CA LEU G 81 9.83 10.50 -1.76
C LEU G 81 10.06 9.05 -1.38
N GLU G 82 9.01 8.29 -1.02
CA GLU G 82 9.21 6.83 -0.96
C GLU G 82 9.58 6.27 -2.32
N LEU G 83 8.88 6.70 -3.37
CA LEU G 83 9.21 6.26 -4.72
C LEU G 83 10.60 6.75 -5.12
N ALA G 84 10.93 7.97 -4.73
CA ALA G 84 12.26 8.52 -5.00
C ALA G 84 13.34 7.71 -4.31
N GLY G 85 13.11 7.33 -3.06
CA GLY G 85 14.09 6.58 -2.31
C GLY G 85 14.33 5.19 -2.89
N ASN G 86 13.24 4.46 -3.17
CA ASN G 86 13.49 3.09 -3.63
C ASN G 86 13.95 3.05 -5.08
N ALA G 87 13.57 4.04 -5.90
CA ALA G 87 14.15 4.13 -7.23
C ALA G 87 15.64 4.49 -7.14
N ALA G 88 16.01 5.26 -6.13
CA ALA G 88 17.43 5.57 -5.93
C ALA G 88 18.23 4.34 -5.52
N ARG G 89 17.67 3.52 -4.63
CA ARG G 89 18.34 2.28 -4.28
C ARG G 89 18.34 1.27 -5.43
N ASP G 90 17.43 1.42 -6.39
CA ASP G 90 17.53 0.62 -7.60
C ASP G 90 18.83 0.96 -8.33
N ASN G 91 19.19 2.23 -8.39
CA ASN G 91 20.44 2.65 -9.02
C ASN G 91 21.59 2.81 -8.04
N LYS G 92 21.39 2.45 -6.78
CA LYS G 92 22.43 2.42 -5.74
C LYS G 92 23.07 3.79 -5.53
N LYS G 93 22.27 4.85 -5.59
CA LYS G 93 22.73 6.20 -5.30
C LYS G 93 21.96 6.72 -4.11
N THR G 94 22.68 7.17 -3.08
CA THR G 94 21.99 7.61 -1.88
C THR G 94 21.43 9.02 -1.99
N ARG G 95 21.84 9.79 -2.99
CA ARG G 95 21.27 11.10 -3.23
C ARG G 95 20.43 11.06 -4.51
N ILE G 96 19.30 11.75 -4.47
CA ILE G 96 18.30 11.60 -5.52
C ILE G 96 18.72 12.38 -6.77
N ILE G 97 18.28 11.89 -7.93
CA ILE G 97 18.45 12.55 -9.21
C ILE G 97 17.04 12.82 -9.73
N PRO G 98 16.81 13.95 -10.41
CA PRO G 98 15.49 14.17 -11.04
C PRO G 98 15.12 13.14 -12.10
N ARG G 99 16.11 12.45 -12.69
CA ARG G 99 15.83 11.28 -13.50
C ARG G 99 14.99 10.26 -12.75
N HIS G 100 15.36 10.01 -11.48
CA HIS G 100 14.56 9.10 -10.67
C HIS G 100 13.18 9.66 -10.39
N LEU G 101 13.07 11.00 -10.29
CA LEU G 101 11.76 11.61 -10.13
C LEU G 101 10.87 11.37 -11.35
N GLN G 102 11.43 11.52 -12.55
CA GLN G 102 10.66 11.29 -13.77
C GLN G 102 10.30 9.81 -13.89
N LEU G 103 11.20 8.93 -13.48
CA LEU G 103 10.89 7.50 -13.41
C LEU G 103 9.74 7.25 -12.46
N ALA G 104 9.76 7.90 -11.31
CA ALA G 104 8.70 7.72 -10.31
C ALA G 104 7.36 8.21 -10.83
N ILE G 105 7.34 9.35 -11.52
CA ILE G 105 6.08 9.87 -12.01
C ILE G 105 5.55 9.01 -13.14
N ARG G 106 6.43 8.55 -14.03
CA ARG G 106 5.95 7.78 -15.16
C ARG G 106 5.63 6.33 -14.82
N ASN G 107 6.15 5.80 -13.70
CA ASN G 107 5.83 4.44 -13.33
C ASN G 107 4.61 4.31 -12.44
N ASP G 108 4.02 5.42 -11.99
CA ASP G 108 2.76 5.38 -11.26
C ASP G 108 1.67 5.99 -12.13
N GLU G 109 0.57 5.25 -12.29
CA GLU G 109 -0.45 5.68 -13.22
C GLU G 109 -1.28 6.84 -12.67
N GLU G 110 -1.63 6.82 -11.38
CA GLU G 110 -2.37 7.96 -10.83
C GLU G 110 -1.51 9.21 -10.73
N LEU G 111 -0.22 9.06 -10.42
CA LEU G 111 0.64 10.25 -10.40
C LEU G 111 0.90 10.76 -11.80
N ASN G 112 0.92 9.87 -12.80
CA ASN G 112 0.98 10.32 -14.18
C ASN G 112 -0.29 11.08 -14.55
N LYS G 113 -1.43 10.58 -14.11
CA LYS G 113 -2.71 11.25 -14.36
C LYS G 113 -2.76 12.61 -13.68
N LEU G 114 -2.14 12.75 -12.51
CA LEU G 114 -2.02 14.06 -11.90
C LEU G 114 -1.10 14.96 -12.71
N LEU G 115 -0.07 14.38 -13.32
CA LEU G 115 1.06 15.13 -13.86
C LEU G 115 1.33 14.81 -15.32
N GLY G 116 0.27 14.67 -16.12
CA GLY G 116 0.45 14.35 -17.53
C GLY G 116 1.09 15.49 -18.32
N ARG G 117 0.72 16.72 -18.00
CA ARG G 117 1.10 17.86 -18.82
C ARG G 117 2.27 18.65 -18.21
N VAL G 118 3.00 18.06 -17.28
CA VAL G 118 4.19 18.70 -16.72
C VAL G 118 5.38 17.78 -16.94
N THR G 119 6.54 18.37 -17.23
CA THR G 119 7.76 17.66 -17.49
C THR G 119 8.83 18.12 -16.50
N ILE G 120 9.69 17.19 -16.09
CA ILE G 120 10.71 17.46 -15.09
C ILE G 120 12.01 17.84 -15.79
N ALA G 121 12.68 18.86 -15.27
CA ALA G 121 13.97 19.28 -15.79
C ALA G 121 15.00 18.17 -15.66
N GLN G 122 15.73 17.90 -16.76
CA GLN G 122 16.62 16.76 -16.89
C GLN G 122 15.90 15.44 -16.61
N GLY G 123 14.62 15.39 -16.98
CA GLY G 123 13.79 14.25 -16.63
C GLY G 123 13.98 13.08 -17.57
N GLY G 124 14.07 13.37 -18.86
CA GLY G 124 14.22 12.27 -19.79
C GLY G 124 12.91 11.52 -19.99
N VAL G 125 13.06 10.31 -20.51
CA VAL G 125 11.93 9.48 -20.91
C VAL G 125 12.14 8.10 -20.30
N LEU G 126 11.05 7.35 -20.19
CA LEU G 126 11.15 5.96 -19.77
C LEU G 126 11.93 5.14 -20.79
N PRO G 127 12.59 4.08 -20.36
CA PRO G 127 13.10 3.10 -21.31
C PRO G 127 11.94 2.39 -21.97
N ASN G 128 11.68 2.73 -23.22
CA ASN G 128 10.50 2.22 -23.92
C ASN G 128 10.84 2.05 -25.39
N ILE G 129 10.74 0.82 -25.87
CA ILE G 129 10.88 0.51 -27.28
C ILE G 129 9.60 -0.13 -27.75
N GLN G 130 9.20 0.18 -28.98
CA GLN G 130 8.09 -0.55 -29.57
C GLN G 130 8.56 -1.95 -29.97
N ALA G 131 7.64 -2.91 -29.85
CA ALA G 131 7.98 -4.31 -30.10
C ALA G 131 8.33 -4.56 -31.56
N VAL G 132 7.71 -3.81 -32.48
CA VAL G 132 8.04 -3.94 -33.89
C VAL G 132 9.42 -3.37 -34.20
N LEU G 133 9.94 -2.48 -33.35
CA LEU G 133 11.27 -1.93 -33.56
C LEU G 133 12.37 -2.90 -33.19
N LEU G 134 12.06 -3.91 -32.39
CA LEU G 134 13.04 -4.93 -32.06
C LEU G 134 13.24 -5.89 -33.24
N PRO G 135 14.43 -6.48 -33.36
CA PRO G 135 14.66 -7.44 -34.45
C PRO G 135 13.84 -8.71 -34.26
N LYS G 136 13.75 -9.46 -35.36
CA LYS G 136 12.93 -10.68 -35.48
C LYS G 136 11.47 -10.44 -35.10
N LYS H 31 24.13 43.04 2.68
CA LYS H 31 22.69 43.11 2.95
C LYS H 31 21.90 42.39 1.86
N ARG H 32 20.99 41.51 2.27
CA ARG H 32 20.21 40.72 1.34
C ARG H 32 18.77 40.62 1.83
N SER H 33 17.88 40.22 0.91
CA SER H 33 16.48 39.98 1.19
C SER H 33 16.15 38.53 0.85
N ARG H 34 15.26 37.92 1.64
CA ARG H 34 15.06 36.48 1.56
C ARG H 34 14.27 36.08 0.33
N LYS H 35 14.50 34.86 -0.13
CA LYS H 35 13.61 34.16 -1.05
C LYS H 35 13.22 32.85 -0.38
N GLU H 36 11.92 32.68 -0.11
CA GLU H 36 11.51 31.53 0.66
C GLU H 36 11.43 30.30 -0.25
N SER H 37 11.40 29.14 0.39
CA SER H 37 11.18 27.88 -0.31
C SER H 37 10.63 26.90 0.71
N TYR H 38 10.41 25.67 0.25
CA TYR H 38 9.89 24.62 1.11
C TYR H 38 11.00 23.66 1.50
N SER H 39 12.25 24.11 1.40
CA SER H 39 13.41 23.22 1.38
C SER H 39 13.60 22.50 2.70
N VAL H 40 13.44 23.22 3.81
CA VAL H 40 13.65 22.64 5.13
C VAL H 40 12.62 21.55 5.40
N TYR H 41 11.37 21.77 4.99
CA TYR H 41 10.33 20.79 5.23
C TYR H 41 10.52 19.56 4.37
N VAL H 42 10.96 19.76 3.12
CA VAL H 42 11.23 18.63 2.25
C VAL H 42 12.39 17.81 2.79
N TYR H 43 13.42 18.48 3.32
CA TYR H 43 14.57 17.77 3.86
C TYR H 43 14.20 17.00 5.13
N LYS H 44 13.40 17.63 6.01
CA LYS H 44 12.91 16.92 7.19
C LYS H 44 12.07 15.71 6.83
N VAL H 45 11.05 15.89 5.97
CA VAL H 45 10.17 14.77 5.66
C VAL H 45 10.93 13.70 4.90
N LEU H 46 11.99 14.09 4.19
CA LEU H 46 12.93 13.11 3.65
C LEU H 46 13.60 12.33 4.76
N LYS H 47 13.94 13.00 5.87
CA LYS H 47 14.55 12.28 7.00
C LYS H 47 13.59 11.28 7.64
N GLN H 48 12.35 11.69 7.98
CA GLN H 48 11.52 10.66 8.64
C GLN H 48 10.97 9.66 7.64
N VAL H 49 11.01 9.92 6.34
CA VAL H 49 10.66 8.78 5.48
C VAL H 49 11.88 7.86 5.33
N HIS H 50 13.09 8.41 5.26
CA HIS H 50 14.30 7.62 4.99
C HIS H 50 15.47 8.42 5.53
N PRO H 51 15.95 8.11 6.73
CA PRO H 51 17.03 8.90 7.34
C PRO H 51 18.36 8.83 6.60
N ASP H 52 18.58 7.78 5.80
CA ASP H 52 19.90 7.44 5.29
C ASP H 52 20.15 7.90 3.86
N THR H 53 19.26 8.67 3.26
CA THR H 53 19.39 9.09 1.88
C THR H 53 19.63 10.59 1.76
N GLY H 54 20.21 10.98 0.62
CA GLY H 54 20.58 12.36 0.38
C GLY H 54 19.59 13.11 -0.49
N ILE H 55 20.03 14.27 -0.95
CA ILE H 55 19.22 15.17 -1.76
C ILE H 55 20.12 15.93 -2.72
N SER H 56 19.65 16.12 -3.94
CA SER H 56 20.29 17.08 -4.84
C SER H 56 19.46 18.36 -4.87
N SER H 57 20.16 19.47 -5.07
CA SER H 57 19.52 20.78 -4.93
C SER H 57 18.51 21.05 -6.04
N LYS H 58 18.81 20.64 -7.27
CA LYS H 58 17.88 20.94 -8.36
C LYS H 58 16.63 20.08 -8.29
N ALA H 59 16.76 18.83 -7.83
CA ALA H 59 15.58 18.02 -7.52
C ALA H 59 14.79 18.64 -6.38
N MET H 60 15.47 19.27 -5.43
CA MET H 60 14.82 19.85 -4.28
C MET H 60 14.05 21.11 -4.68
N GLY H 61 14.58 21.85 -5.65
CA GLY H 61 13.81 22.91 -6.27
C GLY H 61 12.64 22.39 -7.09
N ILE H 62 12.80 21.24 -7.74
CA ILE H 62 11.68 20.62 -8.45
C ILE H 62 10.56 20.28 -7.47
N MET H 63 10.92 19.75 -6.32
CA MET H 63 9.95 19.51 -5.26
C MET H 63 9.33 20.82 -4.75
N ASN H 64 10.15 21.88 -4.66
CA ASN H 64 9.62 23.19 -4.27
C ASN H 64 8.51 23.64 -5.21
N SER H 65 8.81 23.59 -6.52
CA SER H 65 7.85 24.02 -7.53
C SER H 65 6.67 23.06 -7.64
N PHE H 66 6.90 21.77 -7.37
CA PHE H 66 5.82 20.80 -7.34
C PHE H 66 4.81 21.10 -6.25
N VAL H 67 5.30 21.35 -5.03
CA VAL H 67 4.39 21.67 -3.93
C VAL H 67 3.71 23.01 -4.20
N ASN H 68 4.44 23.95 -4.82
CA ASN H 68 3.83 25.21 -5.22
C ASN H 68 2.70 25.00 -6.23
N ASP H 69 2.92 24.10 -7.20
CA ASP H 69 1.92 23.86 -8.23
C ASP H 69 0.67 23.18 -7.68
N ILE H 70 0.87 22.18 -6.83
CA ILE H 70 -0.28 21.51 -6.24
C ILE H 70 -1.03 22.47 -5.33
N PHE H 71 -0.27 23.29 -4.59
CA PHE H 71 -0.85 24.31 -3.72
C PHE H 71 -1.69 25.30 -4.50
N GLU H 72 -1.19 25.76 -5.65
CA GLU H 72 -1.96 26.72 -6.43
C GLU H 72 -3.16 26.08 -7.09
N ARG H 73 -3.04 24.82 -7.54
CA ARG H 73 -4.20 24.14 -8.12
C ARG H 73 -5.33 24.00 -7.10
N ILE H 74 -4.98 23.54 -5.90
CA ILE H 74 -5.99 23.38 -4.85
C ILE H 74 -6.54 24.73 -4.44
N ALA H 75 -5.69 25.76 -4.38
CA ALA H 75 -6.15 27.07 -3.97
C ALA H 75 -7.11 27.69 -4.97
N GLY H 76 -6.81 27.56 -6.27
CA GLY H 76 -7.71 28.07 -7.28
C GLY H 76 -9.02 27.32 -7.33
N GLU H 77 -8.96 25.99 -7.21
CA GLU H 77 -10.20 25.21 -7.19
C GLU H 77 -11.02 25.53 -5.96
N ALA H 78 -10.36 25.73 -4.82
CA ALA H 78 -11.04 26.09 -3.59
C ALA H 78 -11.73 27.44 -3.72
N SER H 79 -11.04 28.41 -4.33
CA SER H 79 -11.64 29.72 -4.56
C SER H 79 -12.84 29.61 -5.49
N ARG H 80 -12.74 28.75 -6.51
CA ARG H 80 -13.87 28.55 -7.42
C ARG H 80 -15.06 27.93 -6.71
N LEU H 81 -14.84 26.89 -5.92
CA LEU H 81 -15.94 26.29 -5.15
C LEU H 81 -16.55 27.25 -4.16
N ALA H 82 -15.73 28.05 -3.48
CA ALA H 82 -16.28 29.05 -2.56
C ALA H 82 -17.08 30.09 -3.30
N HIS H 83 -16.68 30.40 -4.53
CA HIS H 83 -17.44 31.33 -5.35
C HIS H 83 -18.75 30.70 -5.82
N TYR H 84 -18.77 29.39 -6.02
CA TYR H 84 -19.95 28.74 -6.60
C TYR H 84 -21.08 28.70 -5.60
N ASN H 85 -20.77 28.33 -4.37
CA ASN H 85 -21.74 28.25 -3.30
C ASN H 85 -21.85 29.56 -2.51
N LYS H 86 -21.38 30.66 -3.10
CA LYS H 86 -21.44 32.04 -2.58
C LYS H 86 -20.98 32.14 -1.12
N ARG H 87 -20.00 31.32 -0.76
CA ARG H 87 -19.36 31.41 0.54
C ARG H 87 -18.14 32.29 0.44
N SER H 88 -18.09 33.33 1.28
CA SER H 88 -16.95 34.23 1.29
C SER H 88 -15.81 33.70 2.16
N THR H 89 -16.04 32.63 2.89
CA THR H 89 -15.04 31.99 3.72
C THR H 89 -14.67 30.66 3.08
N ILE H 90 -13.39 30.34 3.06
CA ILE H 90 -12.94 29.04 2.58
C ILE H 90 -12.83 28.09 3.76
N THR H 91 -13.38 26.88 3.60
CA THR H 91 -13.40 25.89 4.66
C THR H 91 -12.76 24.61 4.18
N SER H 92 -12.37 23.77 5.14
CA SER H 92 -11.73 22.50 4.84
C SER H 92 -12.65 21.54 4.10
N ARG H 93 -13.96 21.73 4.22
CA ARG H 93 -14.93 20.87 3.54
C ARG H 93 -14.72 20.92 2.04
N GLU H 94 -14.70 22.11 1.46
CA GLU H 94 -14.42 22.19 0.04
C GLU H 94 -12.97 21.93 -0.30
N ILE H 95 -12.05 22.06 0.66
CA ILE H 95 -10.67 21.68 0.38
C ILE H 95 -10.57 20.20 0.08
N GLN H 96 -11.14 19.38 0.96
CA GLN H 96 -11.10 17.93 0.74
C GLN H 96 -12.02 17.52 -0.40
N THR H 97 -13.08 18.30 -0.64
CA THR H 97 -13.87 18.11 -1.85
C THR H 97 -13.01 18.31 -3.09
N ALA H 98 -12.17 19.34 -3.09
CA ALA H 98 -11.25 19.55 -4.19
C ALA H 98 -10.19 18.48 -4.24
N VAL H 99 -9.85 17.90 -3.09
CA VAL H 99 -8.89 16.81 -3.08
C VAL H 99 -9.44 15.60 -3.84
N ARG H 100 -10.71 15.27 -3.63
CA ARG H 100 -11.28 14.25 -4.53
C ARG H 100 -11.40 14.76 -5.95
N LEU H 101 -11.63 16.06 -6.12
CA LEU H 101 -11.83 16.62 -7.46
C LEU H 101 -10.60 16.45 -8.33
N LEU H 102 -9.42 16.69 -7.77
CA LEU H 102 -8.20 16.61 -8.56
C LEU H 102 -7.55 15.24 -8.47
N LEU H 103 -7.27 14.79 -7.26
CA LEU H 103 -6.48 13.58 -7.08
C LEU H 103 -7.32 12.36 -7.44
N PRO H 104 -6.80 11.44 -8.24
CA PRO H 104 -7.61 10.28 -8.65
C PRO H 104 -7.57 9.15 -7.63
N GLY H 105 -8.76 8.78 -7.15
CA GLY H 105 -9.00 7.51 -6.48
C GLY H 105 -8.22 7.19 -5.22
N GLU H 106 -7.27 6.26 -5.37
CA GLU H 106 -6.41 5.80 -4.29
C GLU H 106 -5.73 6.94 -3.56
N LEU H 107 -5.12 7.85 -4.32
CA LEU H 107 -4.50 9.03 -3.75
C LEU H 107 -5.53 9.87 -3.01
N ALA H 108 -6.72 10.02 -3.60
CA ALA H 108 -7.77 10.84 -3.00
C ALA H 108 -8.27 10.24 -1.69
N LYS H 109 -8.53 8.93 -1.68
CA LYS H 109 -9.11 8.34 -0.47
C LYS H 109 -8.10 8.28 0.66
N HIS H 110 -6.84 7.95 0.37
CA HIS H 110 -5.86 8.02 1.45
C HIS H 110 -5.64 9.46 1.89
N ALA H 111 -5.63 10.41 0.95
CA ALA H 111 -5.39 11.80 1.29
C ALA H 111 -6.47 12.35 2.20
N VAL H 112 -7.74 12.05 1.90
CA VAL H 112 -8.82 12.48 2.77
C VAL H 112 -8.72 11.76 4.11
N SER H 113 -8.15 10.54 4.12
CA SER H 113 -7.95 9.86 5.40
C SER H 113 -6.95 10.61 6.29
N GLU H 114 -5.75 10.93 5.78
CA GLU H 114 -4.82 11.65 6.68
C GLU H 114 -5.32 13.05 6.98
N GLY H 115 -5.97 13.70 6.01
CA GLY H 115 -6.49 15.03 6.27
C GLY H 115 -7.56 15.03 7.34
N THR H 116 -8.44 14.03 7.31
CA THR H 116 -9.47 13.93 8.33
C THR H 116 -8.87 13.66 9.69
N LYS H 117 -7.93 12.73 9.78
CA LYS H 117 -7.37 12.41 11.09
C LYS H 117 -6.51 13.55 11.62
N ALA H 118 -5.86 14.30 10.71
CA ALA H 118 -5.09 15.47 11.09
C ALA H 118 -5.99 16.59 11.59
N VAL H 119 -7.11 16.84 10.91
CA VAL H 119 -7.96 17.94 11.35
C VAL H 119 -8.68 17.56 12.63
N THR H 120 -8.89 16.26 12.87
CA THR H 120 -9.37 15.85 14.18
C THR H 120 -8.32 16.06 15.26
N LYS H 121 -7.03 15.83 14.96
CA LYS H 121 -6.01 16.11 15.97
C LYS H 121 -5.94 17.60 16.25
N TYR H 122 -6.10 18.43 15.22
CA TYR H 122 -6.13 19.87 15.43
C TYR H 122 -7.37 20.29 16.20
N THR H 123 -8.50 19.65 15.93
CA THR H 123 -9.73 19.96 16.64
C THR H 123 -9.60 19.62 18.11
N SER H 124 -8.93 18.51 18.43
CA SER H 124 -8.57 18.23 19.80
C SER H 124 -7.56 19.22 20.35
N ALA H 125 -6.70 19.79 19.49
CA ALA H 125 -5.71 20.76 19.92
C ALA H 125 -6.35 22.14 20.05
N LYS K 38 38.02 -59.14 -11.73
CA LYS K 38 36.94 -58.16 -11.57
C LYS K 38 37.08 -57.53 -10.18
N PRO K 39 37.34 -56.22 -10.15
CA PRO K 39 37.45 -55.54 -8.86
C PRO K 39 36.13 -55.50 -8.13
N HIS K 40 36.20 -55.54 -6.81
CA HIS K 40 34.99 -55.67 -6.00
C HIS K 40 34.15 -54.40 -6.07
N ARG K 41 32.83 -54.59 -6.06
CA ARG K 41 31.89 -53.47 -6.12
C ARG K 41 30.60 -53.90 -5.43
N TYR K 42 30.20 -53.14 -4.42
CA TYR K 42 28.98 -53.46 -3.70
C TYR K 42 27.76 -53.02 -4.50
N ARG K 43 26.65 -53.70 -4.27
CA ARG K 43 25.38 -53.28 -4.85
C ARG K 43 24.91 -51.99 -4.18
N PRO K 44 24.19 -51.12 -4.91
CA PRO K 44 23.80 -49.83 -4.34
C PRO K 44 22.82 -49.97 -3.18
N GLY K 45 22.93 -49.03 -2.25
CA GLY K 45 22.14 -49.08 -1.03
C GLY K 45 22.92 -49.68 0.11
N THR K 46 23.67 -50.75 -0.16
CA THR K 46 24.47 -51.41 0.88
C THR K 46 25.55 -50.47 1.40
N VAL K 47 26.29 -49.84 0.47
CA VAL K 47 27.21 -48.78 0.86
C VAL K 47 26.46 -47.64 1.52
N ALA K 48 25.31 -47.25 0.94
CA ALA K 48 24.54 -46.14 1.46
C ALA K 48 24.08 -46.39 2.88
N LEU K 49 23.59 -47.62 3.16
CA LEU K 49 23.27 -47.98 4.54
C LEU K 49 24.50 -48.01 5.42
N ARG K 50 25.67 -48.34 4.86
CA ARG K 50 26.89 -48.34 5.66
C ARG K 50 27.24 -46.94 6.15
N GLU K 51 27.24 -45.94 5.28
CA GLU K 51 27.49 -44.62 5.87
C GLU K 51 26.26 -44.02 6.55
N ILE K 52 25.06 -44.56 6.32
CA ILE K 52 23.94 -44.22 7.21
C ILE K 52 24.28 -44.61 8.64
N ARG K 53 24.75 -45.84 8.82
CA ARG K 53 25.16 -46.30 10.14
C ARG K 53 26.34 -45.49 10.67
N ARG K 54 27.30 -45.17 9.80
CA ARG K 54 28.48 -44.43 10.25
C ARG K 54 28.12 -43.03 10.72
N TYR K 55 27.49 -42.23 9.86
CA TYR K 55 27.21 -40.86 10.24
C TYR K 55 26.08 -40.75 11.24
N GLN K 56 25.20 -41.74 11.32
CA GLN K 56 24.21 -41.71 12.38
C GLN K 56 24.83 -42.09 13.72
N LYS K 57 25.86 -42.94 13.70
CA LYS K 57 26.62 -43.21 14.91
C LYS K 57 27.47 -42.01 15.30
N SER K 58 28.01 -41.28 14.32
CA SER K 58 28.95 -40.22 14.61
C SER K 58 28.24 -39.00 15.20
N THR K 59 29.04 -38.07 15.71
CA THR K 59 28.54 -36.84 16.30
C THR K 59 29.06 -35.57 15.63
N GLU K 60 30.13 -35.66 14.85
CA GLU K 60 30.82 -34.47 14.36
C GLU K 60 30.05 -33.83 13.20
N LEU K 61 30.32 -32.54 12.99
CA LEU K 61 29.52 -31.75 12.07
C LEU K 61 29.82 -32.11 10.62
N LEU K 62 28.76 -32.22 9.82
CA LEU K 62 28.86 -32.91 8.53
C LEU K 62 29.33 -32.01 7.39
N ILE K 63 29.22 -30.70 7.52
CA ILE K 63 29.59 -29.80 6.45
C ILE K 63 30.96 -29.21 6.73
N ARG K 64 31.59 -28.66 5.69
CA ARG K 64 32.86 -27.98 5.84
C ARG K 64 32.67 -26.69 6.63
N LYS K 65 33.72 -26.30 7.37
CA LYS K 65 33.62 -25.17 8.30
C LYS K 65 33.81 -23.84 7.57
N LEU K 66 34.95 -23.68 6.92
CA LEU K 66 35.33 -22.37 6.35
C LEU K 66 34.34 -21.81 5.33
N PRO K 67 33.78 -22.57 4.38
CA PRO K 67 32.67 -22.00 3.58
C PRO K 67 31.44 -21.68 4.41
N PHE K 68 31.26 -22.30 5.58
CA PHE K 68 30.10 -21.93 6.39
C PHE K 68 30.31 -20.57 7.07
N GLN K 69 31.53 -20.30 7.58
CA GLN K 69 31.79 -18.91 8.00
C GLN K 69 31.69 -17.96 6.82
N ARG K 70 32.18 -18.36 5.65
CA ARG K 70 32.10 -17.49 4.47
C ARG K 70 30.66 -17.18 4.12
N LEU K 71 29.78 -18.19 4.18
CA LEU K 71 28.39 -17.99 3.81
C LEU K 71 27.65 -17.16 4.86
N VAL K 72 27.91 -17.39 6.15
CA VAL K 72 27.19 -16.60 7.15
C VAL K 72 27.66 -15.15 7.11
N ARG K 73 28.95 -14.91 6.86
CA ARG K 73 29.42 -13.54 6.69
C ARG K 73 28.82 -12.91 5.44
N GLU K 74 28.71 -13.69 4.36
CA GLU K 74 28.14 -13.20 3.11
C GLU K 74 26.69 -12.78 3.27
N ILE K 75 25.89 -13.59 3.96
CA ILE K 75 24.48 -13.26 4.04
C ILE K 75 24.24 -12.22 5.12
N ALA K 76 25.06 -12.21 6.18
CA ALA K 76 24.94 -11.16 7.17
C ALA K 76 25.42 -9.82 6.66
N GLN K 77 26.28 -9.81 5.63
CA GLN K 77 26.64 -8.56 4.94
C GLN K 77 25.42 -7.88 4.36
N ASP K 78 24.42 -8.66 3.96
CA ASP K 78 23.24 -8.11 3.31
C ASP K 78 22.38 -7.31 4.28
N PHE K 79 22.39 -7.68 5.55
CA PHE K 79 21.57 -6.98 6.54
C PHE K 79 22.33 -5.87 7.26
N LYS K 80 23.61 -6.08 7.56
CA LYS K 80 24.39 -5.07 8.25
C LYS K 80 25.85 -5.25 7.88
N THR K 81 26.55 -4.13 7.70
CA THR K 81 27.91 -4.18 7.20
C THR K 81 28.92 -4.24 8.33
N ASP K 82 30.11 -4.76 7.98
CA ASP K 82 31.30 -4.84 8.85
C ASP K 82 30.96 -5.61 10.14
N LEU K 83 30.44 -6.81 9.94
CA LEU K 83 30.00 -7.61 11.07
C LEU K 83 31.04 -8.66 11.43
N ARG K 84 31.36 -8.75 12.71
CA ARG K 84 32.32 -9.72 13.20
C ARG K 84 31.61 -10.85 13.92
N PHE K 85 32.21 -12.03 13.87
CA PHE K 85 31.57 -13.27 14.29
C PHE K 85 32.45 -13.98 15.29
N GLN K 86 31.91 -14.29 16.46
CA GLN K 86 32.53 -15.30 17.30
C GLN K 86 32.35 -16.66 16.66
N SER K 87 33.44 -17.44 16.65
CA SER K 87 33.41 -18.76 16.03
C SER K 87 32.46 -19.71 16.76
N SER K 88 32.29 -19.50 18.06
CA SER K 88 31.33 -20.30 18.82
C SER K 88 29.91 -20.04 18.34
N ALA K 89 29.59 -18.79 17.99
CA ALA K 89 28.30 -18.48 17.40
C ALA K 89 28.14 -19.19 16.07
N VAL K 90 29.23 -19.28 15.30
CA VAL K 90 29.20 -19.99 14.03
C VAL K 90 28.95 -21.47 14.26
N MET K 91 29.56 -22.05 15.29
CA MET K 91 29.39 -23.47 15.55
C MET K 91 27.97 -23.77 16.02
N ALA K 92 27.43 -22.91 16.89
CA ALA K 92 26.05 -23.09 17.34
C ALA K 92 25.07 -22.93 16.19
N LEU K 93 25.32 -21.95 15.33
CA LEU K 93 24.48 -21.75 14.16
C LEU K 93 24.57 -22.93 13.21
N GLN K 94 25.78 -23.48 13.06
CA GLN K 94 25.99 -24.69 12.26
C GLN K 94 25.19 -25.85 12.81
N GLU K 95 25.21 -26.02 14.13
CA GLU K 95 24.48 -27.12 14.76
C GLU K 95 22.98 -26.94 14.58
N ALA K 96 22.50 -25.71 14.70
CA ALA K 96 21.08 -25.42 14.49
C ALA K 96 20.68 -25.74 13.06
N SER K 97 21.50 -25.33 12.10
CA SER K 97 21.21 -25.59 10.70
C SER K 97 21.21 -27.08 10.40
N GLU K 98 22.22 -27.81 10.87
CA GLU K 98 22.32 -29.22 10.53
C GLU K 98 21.20 -30.02 11.19
N ALA K 99 20.84 -29.66 12.43
CA ALA K 99 19.74 -30.36 13.10
C ALA K 99 18.40 -30.05 12.44
N TYR K 100 18.21 -28.80 12.02
CA TYR K 100 16.99 -28.42 11.32
C TYR K 100 16.87 -29.19 10.01
N LEU K 101 17.98 -29.31 9.28
CA LEU K 101 17.97 -30.07 8.05
C LEU K 101 17.76 -31.55 8.31
N VAL K 102 18.31 -32.08 9.40
CA VAL K 102 18.13 -33.50 9.72
C VAL K 102 16.67 -33.80 10.05
N GLY K 103 16.04 -32.93 10.84
CA GLY K 103 14.62 -33.09 11.11
C GLY K 103 13.77 -32.98 9.86
N LEU K 104 14.14 -32.04 8.98
CA LEU K 104 13.48 -31.94 7.69
C LEU K 104 13.65 -33.22 6.87
N PHE K 105 14.86 -33.79 6.90
CA PHE K 105 15.15 -34.97 6.08
C PHE K 105 14.41 -36.19 6.59
N GLU K 106 14.33 -36.37 7.91
CA GLU K 106 13.57 -37.51 8.40
C GLU K 106 12.07 -37.31 8.17
N ASP K 107 11.60 -36.06 8.18
CA ASP K 107 10.21 -35.81 7.79
C ASP K 107 9.97 -36.19 6.33
N THR K 108 10.91 -35.86 5.45
CA THR K 108 10.79 -36.26 4.06
C THR K 108 10.92 -37.77 3.90
N ASN K 109 11.71 -38.41 4.76
CA ASN K 109 11.76 -39.87 4.76
C ASN K 109 10.41 -40.46 5.08
N LEU K 110 9.73 -39.90 6.09
CA LEU K 110 8.40 -40.36 6.46
C LEU K 110 7.41 -40.14 5.31
N ALA K 111 7.51 -38.99 4.65
CA ALA K 111 6.63 -38.72 3.52
C ALA K 111 6.90 -39.67 2.36
N ALA K 112 8.18 -39.95 2.08
CA ALA K 112 8.52 -40.78 0.93
C ALA K 112 8.15 -42.23 1.16
N ILE K 113 8.35 -42.74 2.37
CA ILE K 113 7.94 -44.11 2.65
C ILE K 113 6.42 -44.17 2.74
N HIS K 114 5.77 -43.06 3.09
CA HIS K 114 4.32 -43.03 3.06
C HIS K 114 3.79 -43.12 1.64
N ALA K 115 4.50 -42.51 0.69
CA ALA K 115 4.13 -42.57 -0.72
C ALA K 115 4.64 -43.83 -1.40
N LYS K 116 5.04 -44.84 -0.62
CA LYS K 116 5.46 -46.16 -1.09
C LYS K 116 6.69 -46.08 -1.98
N ARG K 117 7.51 -45.05 -1.83
CA ARG K 117 8.72 -44.89 -2.60
C ARG K 117 9.93 -44.97 -1.69
N VAL K 118 11.10 -45.09 -2.30
CA VAL K 118 12.36 -45.09 -1.58
C VAL K 118 13.29 -43.96 -2.00
N THR K 119 12.96 -43.23 -3.05
CA THR K 119 13.76 -42.10 -3.50
C THR K 119 13.03 -40.80 -3.21
N ILE K 120 13.75 -39.85 -2.62
CA ILE K 120 13.16 -38.56 -2.26
C ILE K 120 13.14 -37.62 -3.47
N MET K 121 12.14 -36.76 -3.50
CA MET K 121 11.90 -35.78 -4.55
C MET K 121 11.54 -34.46 -3.86
N PRO K 122 11.71 -33.31 -4.55
CA PRO K 122 11.54 -32.01 -3.87
C PRO K 122 10.18 -31.79 -3.25
N LYS K 123 9.13 -32.28 -3.90
CA LYS K 123 7.77 -32.11 -3.40
C LYS K 123 7.57 -32.75 -2.03
N ASP K 124 8.38 -33.75 -1.68
CA ASP K 124 8.45 -34.20 -0.30
C ASP K 124 8.89 -33.08 0.63
N ILE K 125 9.90 -32.31 0.21
CA ILE K 125 10.41 -31.22 1.05
C ILE K 125 9.39 -30.11 1.18
N GLN K 126 8.77 -29.70 0.06
CA GLN K 126 7.75 -28.65 0.16
C GLN K 126 6.55 -29.12 0.96
N LEU K 127 6.14 -30.39 0.81
CA LEU K 127 5.04 -30.92 1.60
C LEU K 127 5.38 -30.92 3.07
N ALA K 128 6.59 -31.38 3.42
CA ALA K 128 6.97 -31.47 4.82
C ALA K 128 7.06 -30.10 5.47
N ARG K 129 7.61 -29.12 4.75
CA ARG K 129 7.65 -27.76 5.29
C ARG K 129 6.26 -27.18 5.44
N ARG K 130 5.38 -27.45 4.48
CA ARG K 130 4.07 -26.82 4.52
C ARG K 130 3.18 -27.47 5.57
N ILE K 131 3.39 -28.76 5.84
CA ILE K 131 2.77 -29.37 7.02
C ILE K 131 3.34 -28.75 8.29
N ARG K 132 4.66 -28.54 8.31
CA ARG K 132 5.32 -27.98 9.48
C ARG K 132 4.85 -26.54 9.75
N GLY K 133 4.43 -25.83 8.71
CA GLY K 133 3.84 -24.52 8.91
C GLY K 133 4.68 -23.40 8.31
N GLU K 134 5.32 -23.67 7.19
CA GLU K 134 6.12 -22.66 6.51
C GLU K 134 5.76 -22.56 5.03
N LYS L 21 36.58 -8.26 0.14
CA LYS L 21 35.63 -7.74 1.11
C LYS L 21 34.21 -8.26 0.84
N VAL L 22 33.72 -7.99 -0.37
CA VAL L 22 32.35 -8.37 -0.72
C VAL L 22 32.32 -9.83 -1.16
N LEU L 23 31.39 -10.58 -0.60
CA LEU L 23 31.19 -11.98 -0.93
C LEU L 23 29.91 -12.15 -1.73
N ARG L 24 29.94 -13.00 -2.73
CA ARG L 24 28.87 -13.04 -3.73
C ARG L 24 28.13 -14.37 -3.80
N ASP L 25 28.84 -15.49 -3.84
CA ASP L 25 28.25 -16.76 -4.29
C ASP L 25 28.63 -17.92 -3.37
N ASN L 26 28.44 -17.76 -2.06
CA ASN L 26 28.75 -18.82 -1.13
C ASN L 26 27.57 -19.75 -0.85
N ILE L 27 26.44 -19.56 -1.53
CA ILE L 27 25.29 -20.43 -1.30
C ILE L 27 25.58 -21.85 -1.77
N GLN L 28 26.34 -22.01 -2.84
CA GLN L 28 26.77 -23.34 -3.26
C GLN L 28 27.97 -23.83 -2.49
N GLY L 29 28.48 -23.04 -1.53
CA GLY L 29 29.53 -23.50 -0.63
C GLY L 29 29.11 -24.67 0.23
N ILE L 30 27.81 -24.82 0.47
CA ILE L 30 27.26 -26.04 1.07
C ILE L 30 27.19 -27.06 -0.06
N THR L 31 28.17 -27.95 -0.12
CA THR L 31 28.36 -28.81 -1.27
C THR L 31 27.31 -29.92 -1.33
N LYS L 32 27.17 -30.49 -2.53
CA LYS L 32 26.34 -31.68 -2.71
C LYS L 32 26.72 -32.87 -1.83
N PRO L 33 28.00 -33.31 -1.72
CA PRO L 33 28.27 -34.44 -0.82
C PRO L 33 28.03 -34.14 0.64
N ALA L 34 28.13 -32.87 1.05
CA ALA L 34 27.74 -32.49 2.40
C ALA L 34 26.25 -32.71 2.60
N ILE L 35 25.45 -32.39 1.58
CA ILE L 35 24.01 -32.65 1.64
C ILE L 35 23.74 -34.14 1.67
N ARG L 36 24.53 -34.92 0.93
CA ARG L 36 24.42 -36.38 0.99
C ARG L 36 24.72 -36.90 2.39
N ARG L 37 25.75 -36.36 3.04
CA ARG L 37 26.07 -36.75 4.41
C ARG L 37 24.95 -36.40 5.36
N LEU L 38 24.37 -35.20 5.19
CA LEU L 38 23.26 -34.78 6.03
C LEU L 38 22.05 -35.67 5.84
N ALA L 39 21.80 -36.09 4.60
CA ALA L 39 20.70 -37.01 4.31
C ALA L 39 20.97 -38.40 4.88
N ARG L 40 22.23 -38.80 4.91
CA ARG L 40 22.59 -40.05 5.57
C ARG L 40 22.29 -39.98 7.06
N ARG L 41 22.65 -38.86 7.70
CA ARG L 41 22.21 -38.65 9.08
C ARG L 41 20.71 -38.43 9.13
N GLY L 42 20.14 -37.83 8.08
CA GLY L 42 18.69 -37.76 7.99
C GLY L 42 18.04 -39.08 7.65
N GLY L 43 18.83 -40.11 7.33
CA GLY L 43 18.29 -41.43 7.08
C GLY L 43 17.86 -41.68 5.67
N VAL L 44 18.29 -40.87 4.71
CA VAL L 44 17.90 -41.06 3.32
C VAL L 44 18.96 -41.94 2.65
N LYS L 45 18.51 -43.00 1.99
CA LYS L 45 19.45 -43.84 1.27
C LYS L 45 19.58 -43.44 -0.19
N ARG L 46 18.52 -42.90 -0.79
CA ARG L 46 18.54 -42.51 -2.20
C ARG L 46 18.10 -41.06 -2.30
N ILE L 47 18.98 -40.22 -2.82
CA ILE L 47 18.74 -38.78 -2.91
C ILE L 47 18.76 -38.40 -4.38
N SER L 48 17.71 -37.73 -4.82
CA SER L 48 17.69 -37.25 -6.19
C SER L 48 18.70 -36.12 -6.37
N GLY L 49 19.17 -35.95 -7.61
CA GLY L 49 20.01 -34.82 -7.94
C GLY L 49 19.25 -33.52 -7.99
N LEU L 50 17.92 -33.61 -8.07
CA LEU L 50 17.03 -32.46 -8.05
C LEU L 50 16.75 -31.95 -6.64
N ILE L 51 17.54 -32.33 -5.64
CA ILE L 51 17.23 -32.01 -4.26
C ILE L 51 18.05 -30.83 -3.74
N TYR L 52 19.30 -30.75 -4.18
CA TYR L 52 20.31 -29.94 -3.51
C TYR L 52 19.99 -28.45 -3.56
N GLU L 53 19.48 -27.97 -4.69
CA GLU L 53 19.19 -26.54 -4.78
C GLU L 53 17.98 -26.15 -3.93
N GLU L 54 16.98 -27.02 -3.77
CA GLU L 54 15.87 -26.69 -2.88
C GLU L 54 16.31 -26.77 -1.42
N THR L 55 17.19 -27.71 -1.10
CA THR L 55 17.75 -27.73 0.25
C THR L 55 18.54 -26.47 0.52
N ARG L 56 19.31 -26.02 -0.46
CA ARG L 56 20.07 -24.78 -0.33
C ARG L 56 19.13 -23.59 -0.14
N GLY L 57 18.01 -23.58 -0.87
CA GLY L 57 17.06 -22.49 -0.73
C GLY L 57 16.37 -22.47 0.62
N VAL L 58 15.99 -23.65 1.13
CA VAL L 58 15.27 -23.67 2.40
C VAL L 58 16.21 -23.36 3.56
N LEU L 59 17.44 -23.87 3.50
CA LEU L 59 18.41 -23.48 4.53
C LEU L 59 18.74 -22.00 4.40
N LYS L 60 18.75 -21.50 3.17
CA LYS L 60 18.97 -20.08 2.93
C LYS L 60 17.91 -19.24 3.64
N VAL L 61 16.65 -19.65 3.50
CA VAL L 61 15.55 -18.95 4.16
C VAL L 61 15.70 -19.01 5.67
N PHE L 62 15.99 -20.20 6.20
CA PHE L 62 16.11 -20.39 7.65
C PHE L 62 17.27 -19.57 8.21
N LEU L 63 18.40 -19.57 7.51
CA LEU L 63 19.56 -18.83 7.97
C LEU L 63 19.32 -17.32 7.88
N GLU L 64 18.63 -16.85 6.84
CA GLU L 64 18.28 -15.43 6.79
C GLU L 64 17.41 -15.05 7.97
N ASN L 65 16.44 -15.90 8.31
CA ASN L 65 15.56 -15.62 9.44
C ASN L 65 16.37 -15.51 10.73
N VAL L 66 17.23 -16.48 10.98
CA VAL L 66 17.91 -16.51 12.27
C VAL L 66 18.96 -15.41 12.35
N ILE L 67 19.62 -15.08 11.23
CA ILE L 67 20.63 -14.03 11.36
C ILE L 67 19.99 -12.66 11.36
N ARG L 68 18.78 -12.53 10.79
CA ARG L 68 18.03 -11.29 10.93
C ARG L 68 17.69 -11.03 12.38
N ASP L 69 17.18 -12.08 13.04
CA ASP L 69 16.89 -11.96 14.47
C ASP L 69 18.17 -11.71 15.27
N ALA L 70 19.26 -12.37 14.87
CA ALA L 70 20.53 -12.22 15.55
C ALA L 70 21.08 -10.81 15.43
N VAL L 71 21.02 -10.23 14.24
CA VAL L 71 21.58 -8.89 14.07
C VAL L 71 20.67 -7.87 14.72
N THR L 72 19.38 -8.18 14.84
CA THR L 72 18.48 -7.30 15.58
C THR L 72 18.83 -7.29 17.07
N TYR L 73 19.10 -8.49 17.62
CA TYR L 73 19.67 -8.59 18.96
C TYR L 73 20.97 -7.81 19.07
N THR L 74 21.84 -7.95 18.07
CA THR L 74 23.17 -7.37 18.14
C THR L 74 23.13 -5.86 18.08
N GLU L 75 22.25 -5.31 17.25
CA GLU L 75 22.12 -3.86 17.19
C GLU L 75 21.49 -3.31 18.44
N HIS L 76 20.57 -4.05 19.07
CA HIS L 76 20.18 -3.62 20.40
C HIS L 76 21.32 -3.78 21.39
N ALA L 77 22.19 -4.78 21.20
CA ALA L 77 23.34 -4.91 22.05
C ALA L 77 24.40 -3.85 21.79
N LYS L 78 24.24 -3.06 20.72
CA LYS L 78 25.16 -1.97 20.34
C LYS L 78 26.58 -2.47 20.14
N ARG L 79 26.71 -3.71 19.66
CA ARG L 79 27.98 -4.33 19.40
C ARG L 79 28.16 -4.53 17.90
N LYS L 80 29.41 -4.39 17.46
CA LYS L 80 29.72 -4.66 16.06
C LYS L 80 30.01 -6.13 15.81
N THR L 81 30.06 -6.92 16.87
CA THR L 81 30.33 -8.35 16.79
C THR L 81 29.12 -9.12 17.30
N VAL L 82 28.68 -10.11 16.52
CA VAL L 82 27.66 -11.03 17.01
C VAL L 82 28.29 -11.99 18.01
N THR L 83 27.50 -12.40 18.99
CA THR L 83 27.94 -13.33 20.01
C THR L 83 27.02 -14.54 20.04
N ALA L 84 27.50 -15.62 20.68
CA ALA L 84 26.82 -16.91 20.60
C ALA L 84 25.50 -16.91 21.37
N MET L 85 25.49 -16.26 22.55
CA MET L 85 24.28 -16.33 23.35
C MET L 85 23.14 -15.57 22.69
N ASP L 86 23.45 -14.53 21.92
CA ASP L 86 22.41 -13.87 21.15
C ASP L 86 21.83 -14.80 20.08
N VAL L 87 22.68 -15.64 19.49
CA VAL L 87 22.21 -16.62 18.51
C VAL L 87 21.26 -17.60 19.16
N VAL L 88 21.61 -18.09 20.36
CA VAL L 88 20.69 -19.05 20.97
C VAL L 88 19.45 -18.34 21.51
N TYR L 89 19.52 -17.03 21.80
CA TYR L 89 18.30 -16.31 22.16
C TYR L 89 17.37 -16.21 20.96
N ALA L 90 17.94 -15.98 19.78
CA ALA L 90 17.14 -15.93 18.57
C ALA L 90 16.49 -17.27 18.27
N LEU L 91 17.24 -18.37 18.47
CA LEU L 91 16.64 -19.69 18.29
C LEU L 91 15.63 -19.99 19.39
N LYS L 92 15.81 -19.39 20.57
CA LYS L 92 14.84 -19.50 21.66
C LYS L 92 13.53 -18.85 21.26
N ARG L 93 13.58 -17.69 20.61
CA ARG L 93 12.35 -17.10 20.11
C ARG L 93 11.80 -17.84 18.91
N GLN L 94 12.66 -18.47 18.11
CA GLN L 94 12.18 -19.17 16.93
C GLN L 94 11.71 -20.59 17.23
N GLY L 95 11.96 -21.10 18.43
CA GLY L 95 11.42 -22.39 18.81
C GLY L 95 12.18 -23.60 18.29
N ARG L 96 13.50 -23.49 18.16
CA ARG L 96 14.36 -24.60 17.75
C ARG L 96 15.56 -24.68 18.67
N THR L 97 15.28 -24.73 19.98
CA THR L 97 16.24 -24.36 21.01
C THR L 97 17.50 -25.21 21.01
N LEU L 98 18.61 -24.56 21.35
CA LEU L 98 19.92 -25.17 21.42
C LEU L 98 20.39 -25.21 22.87
N TYR L 99 21.12 -26.25 23.22
CA TYR L 99 21.79 -26.32 24.49
C TYR L 99 23.31 -26.30 24.32
N GLY L 100 23.99 -25.76 25.33
CA GLY L 100 25.43 -25.84 25.42
C GLY L 100 26.22 -24.64 24.98
N PHE L 101 25.62 -23.45 24.93
CA PHE L 101 26.33 -22.28 24.44
C PHE L 101 26.07 -21.05 25.31
N GLY L 102 26.18 -21.22 26.62
CA GLY L 102 26.10 -20.09 27.52
C GLY L 102 24.71 -19.60 27.84
N GLY L 103 23.68 -20.36 27.50
CA GLY L 103 22.32 -19.99 27.85
C GLY L 103 22.04 -20.23 29.32
N ALA M 28 -5.07 26.44 40.65
CA ALA M 28 -4.20 27.00 39.62
C ALA M 28 -3.61 25.91 38.75
N ARG M 29 -4.16 24.70 38.89
CA ARG M 29 -3.67 23.55 38.13
C ARG M 29 -4.10 23.69 36.66
N ALA M 30 -3.22 23.22 35.77
CA ALA M 30 -3.57 23.16 34.36
C ALA M 30 -4.64 22.10 34.12
N LYS M 31 -5.29 22.20 32.96
CA LYS M 31 -6.38 21.29 32.63
C LYS M 31 -5.85 19.88 32.42
N ALA M 32 -6.62 18.90 32.89
CA ALA M 32 -6.24 17.49 32.79
C ALA M 32 -6.36 17.05 31.34
N LYS M 33 -5.22 16.96 30.65
CA LYS M 33 -5.18 16.61 29.25
C LYS M 33 -4.38 15.33 29.09
N THR M 34 -4.77 14.51 28.12
CA THR M 34 -4.43 13.10 28.13
C THR M 34 -3.23 12.80 27.25
N ARG M 35 -2.47 11.79 27.66
CA ARG M 35 -1.31 11.36 26.89
C ARG M 35 -1.70 10.68 25.60
N SER M 36 -2.91 10.11 25.54
CA SER M 36 -3.40 9.56 24.29
C SER M 36 -3.58 10.65 23.25
N SER M 37 -4.12 11.79 23.69
CA SER M 37 -4.18 12.96 22.84
C SER M 37 -2.80 13.56 22.60
N ARG M 38 -1.88 13.44 23.56
CA ARG M 38 -0.53 13.95 23.38
C ARG M 38 0.21 13.15 22.31
N ALA M 39 -0.02 11.85 22.26
CA ALA M 39 0.46 11.02 21.16
C ALA M 39 -0.52 11.03 20.00
N GLY M 40 -1.64 11.73 20.16
CA GLY M 40 -2.62 11.88 19.10
C GLY M 40 -3.19 10.56 18.64
N LEU M 41 -3.32 9.60 19.54
CA LEU M 41 -3.79 8.27 19.16
C LEU M 41 -4.95 7.90 20.06
N GLN M 42 -5.69 6.90 19.61
CA GLN M 42 -6.95 6.56 20.24
C GLN M 42 -6.76 5.63 21.44
N PHE M 43 -5.75 4.77 21.39
CA PHE M 43 -5.53 3.78 22.43
C PHE M 43 -5.08 4.44 23.73
N PRO M 44 -5.53 3.94 24.88
CA PRO M 44 -5.23 4.60 26.15
C PRO M 44 -3.77 4.41 26.56
N VAL M 45 -3.02 5.51 26.54
CA VAL M 45 -1.63 5.48 26.96
C VAL M 45 -1.50 5.17 28.43
N GLY M 46 -2.35 5.81 29.26
CA GLY M 46 -2.25 5.60 30.70
C GLY M 46 -2.61 4.20 31.13
N ARG M 47 -3.65 3.63 30.52
CA ARG M 47 -4.05 2.26 30.89
C ARG M 47 -3.02 1.24 30.43
N VAL M 48 -2.43 1.44 29.25
CA VAL M 48 -1.39 0.54 28.77
C VAL M 48 -0.15 0.66 29.64
N HIS M 49 0.19 1.89 30.07
CA HIS M 49 1.30 2.10 31.00
C HIS M 49 1.04 1.39 32.32
N ARG M 50 -0.18 1.50 32.83
CA ARG M 50 -0.56 0.83 34.07
C ARG M 50 -0.49 -0.69 33.92
N LEU M 51 -0.92 -1.20 32.77
CA LEU M 51 -0.95 -2.65 32.55
C LEU M 51 0.45 -3.20 32.31
N LEU M 52 1.37 -2.38 31.81
CA LEU M 52 2.77 -2.78 31.81
C LEU M 52 3.37 -2.75 33.21
N ARG M 53 3.01 -1.73 34.01
CA ARG M 53 3.58 -1.57 35.34
C ARG M 53 3.19 -2.72 36.25
N LYS M 54 1.92 -3.10 36.22
CA LYS M 54 1.46 -4.24 37.00
C LYS M 54 1.37 -5.52 36.18
N GLY M 55 1.89 -5.51 34.95
CA GLY M 55 2.10 -6.72 34.21
C GLY M 55 3.35 -7.47 34.57
N ASN M 56 4.16 -6.89 35.46
CA ASN M 56 5.35 -7.50 36.03
C ASN M 56 6.35 -7.89 34.93
N TYR M 57 6.79 -6.85 34.23
CA TYR M 57 7.85 -6.97 33.25
C TYR M 57 9.10 -6.17 33.58
N SER M 58 8.96 -5.06 34.29
CA SER M 58 10.11 -4.34 34.83
C SER M 58 9.64 -3.45 35.97
N GLU M 59 10.55 -3.16 36.89
CA GLU M 59 10.25 -2.22 37.96
C GLU M 59 10.31 -0.79 37.45
N ARG M 60 11.10 -0.54 36.41
CA ARG M 60 11.22 0.77 35.80
C ARG M 60 10.75 0.69 34.36
N VAL M 61 10.09 1.73 33.89
CA VAL M 61 9.58 1.75 32.51
C VAL M 61 9.66 3.17 31.97
N GLY M 62 10.10 3.30 30.73
CA GLY M 62 10.21 4.61 30.13
C GLY M 62 8.88 5.15 29.66
N ALA M 63 8.84 6.47 29.47
CA ALA M 63 7.60 7.11 29.04
C ALA M 63 7.29 6.81 27.58
N GLY M 64 8.30 6.67 26.73
CA GLY M 64 8.06 6.47 25.32
C GLY M 64 7.61 5.08 24.94
N ALA M 65 7.88 4.09 25.78
CA ALA M 65 7.50 2.72 25.45
C ALA M 65 6.00 2.49 25.33
N PRO M 66 5.14 2.92 26.28
CA PRO M 66 3.70 2.72 26.05
C PRO M 66 3.16 3.50 24.88
N VAL M 67 3.76 4.66 24.59
CA VAL M 67 3.38 5.43 23.42
C VAL M 67 3.70 4.66 22.15
N TYR M 68 4.89 4.07 22.11
CA TYR M 68 5.30 3.24 20.97
C TYR M 68 4.37 2.05 20.80
N LEU M 69 4.02 1.40 21.90
CA LEU M 69 3.09 0.29 21.84
C LEU M 69 1.72 0.74 21.35
N ALA M 70 1.27 1.90 21.82
CA ALA M 70 0.00 2.44 21.36
C ALA M 70 0.04 2.66 19.87
N ALA M 71 1.18 3.16 19.37
CA ALA M 71 1.33 3.42 17.94
C ALA M 71 1.23 2.14 17.11
N VAL M 72 2.00 1.11 17.49
CA VAL M 72 2.04 -0.10 16.67
C VAL M 72 0.70 -0.82 16.72
N LEU M 73 0.06 -0.84 17.90
CA LEU M 73 -1.25 -1.47 17.99
C LEU M 73 -2.33 -0.69 17.25
N GLU M 74 -2.26 0.66 17.24
CA GLU M 74 -3.13 1.41 16.33
C GLU M 74 -2.94 0.99 14.88
N TYR M 75 -1.69 0.88 14.43
CA TYR M 75 -1.48 0.63 13.01
C TYR M 75 -1.94 -0.78 12.62
N LEU M 76 -1.68 -1.76 13.49
CA LEU M 76 -2.11 -3.12 13.19
C LEU M 76 -3.62 -3.27 13.25
N THR M 77 -4.27 -2.68 14.27
CA THR M 77 -5.72 -2.72 14.29
C THR M 77 -6.32 -1.94 13.13
N ALA M 78 -5.65 -0.88 12.68
CA ALA M 78 -6.14 -0.12 11.54
C ALA M 78 -6.10 -0.94 10.27
N GLU M 79 -4.99 -1.65 10.03
CA GLU M 79 -4.90 -2.44 8.79
C GLU M 79 -5.85 -3.63 8.83
N ILE M 80 -5.99 -4.27 10.00
CA ILE M 80 -6.89 -5.41 10.04
C ILE M 80 -8.34 -4.94 9.98
N LEU M 81 -8.62 -3.71 10.40
CA LEU M 81 -9.97 -3.19 10.28
C LEU M 81 -10.28 -2.71 8.86
N GLU M 82 -9.29 -2.23 8.12
CA GLU M 82 -9.48 -2.00 6.69
C GLU M 82 -9.79 -3.30 5.97
N LEU M 83 -9.06 -4.37 6.30
CA LEU M 83 -9.38 -5.67 5.75
C LEU M 83 -10.76 -6.15 6.16
N ALA M 84 -11.16 -5.87 7.41
CA ALA M 84 -12.51 -6.18 7.84
C ALA M 84 -13.54 -5.39 7.06
N GLY M 85 -13.23 -4.12 6.76
CA GLY M 85 -14.16 -3.29 6.02
C GLY M 85 -14.39 -3.78 4.60
N ASN M 86 -13.31 -4.10 3.87
CA ASN M 86 -13.54 -4.51 2.48
C ASN M 86 -14.04 -5.96 2.41
N ALA M 87 -13.63 -6.83 3.34
CA ALA M 87 -14.19 -8.17 3.38
C ALA M 87 -15.67 -8.16 3.77
N ALA M 88 -16.08 -7.17 4.55
CA ALA M 88 -17.51 -7.00 4.83
C ALA M 88 -18.24 -6.44 3.63
N ARG M 89 -17.62 -5.48 2.94
CA ARG M 89 -18.30 -4.76 1.87
C ARG M 89 -18.50 -5.61 0.63
N ASP M 90 -17.50 -6.42 0.25
CA ASP M 90 -17.65 -7.22 -0.96
C ASP M 90 -18.67 -8.35 -0.79
N ASN M 91 -18.95 -8.75 0.45
CA ASN M 91 -20.06 -9.64 0.73
C ASN M 91 -21.32 -8.88 1.13
N LYS M 92 -21.38 -7.58 0.82
CA LYS M 92 -22.58 -6.74 0.94
C LYS M 92 -23.09 -6.67 2.38
N LYS M 93 -22.19 -6.72 3.36
CA LYS M 93 -22.56 -6.60 4.76
C LYS M 93 -21.95 -5.35 5.35
N THR M 94 -22.76 -4.59 6.08
CA THR M 94 -22.31 -3.36 6.71
C THR M 94 -22.01 -3.54 8.20
N ARG M 95 -22.02 -4.78 8.68
CA ARG M 95 -21.62 -5.09 10.04
C ARG M 95 -20.64 -6.25 9.98
N ILE M 96 -19.54 -6.14 10.73
CA ILE M 96 -18.47 -7.13 10.62
C ILE M 96 -18.90 -8.43 11.27
N ILE M 97 -18.38 -9.53 10.74
CA ILE M 97 -18.63 -10.87 11.28
C ILE M 97 -17.27 -11.52 11.40
N PRO M 98 -17.09 -12.50 12.30
CA PRO M 98 -15.82 -13.22 12.33
C PRO M 98 -15.46 -13.96 11.06
N ARG M 99 -16.42 -14.29 10.18
CA ARG M 99 -16.06 -14.82 8.88
C ARG M 99 -15.29 -13.78 8.07
N HIS M 100 -15.69 -12.50 8.17
CA HIS M 100 -14.92 -11.44 7.53
C HIS M 100 -13.50 -11.39 8.07
N LEU M 101 -13.35 -11.57 9.39
CA LEU M 101 -12.02 -11.57 9.99
C LEU M 101 -11.17 -12.70 9.45
N GLN M 102 -11.76 -13.90 9.38
CA GLN M 102 -11.00 -15.06 8.91
C GLN M 102 -10.62 -14.91 7.44
N LEU M 103 -11.57 -14.49 6.60
CA LEU M 103 -11.28 -14.28 5.19
C LEU M 103 -10.27 -13.17 4.97
N ALA M 104 -10.27 -12.17 5.86
CA ALA M 104 -9.28 -11.09 5.77
C ALA M 104 -7.90 -11.61 6.12
N ILE M 105 -7.77 -12.32 7.24
CA ILE M 105 -6.46 -12.71 7.73
C ILE M 105 -5.85 -13.78 6.85
N ARG M 106 -6.63 -14.80 6.49
CA ARG M 106 -6.09 -15.95 5.77
C ARG M 106 -5.76 -15.65 4.32
N ASN M 107 -6.25 -14.55 3.78
CA ASN M 107 -5.91 -14.18 2.40
C ASN M 107 -4.64 -13.35 2.31
N ASP M 108 -4.01 -13.00 3.42
CA ASP M 108 -2.71 -12.35 3.42
C ASP M 108 -1.69 -13.27 4.06
N GLU M 109 -0.59 -13.51 3.35
CA GLU M 109 0.43 -14.42 3.85
C GLU M 109 1.21 -13.82 5.01
N GLU M 110 1.34 -12.50 5.05
CA GLU M 110 2.17 -11.88 6.07
C GLU M 110 1.50 -11.90 7.43
N LEU M 111 0.19 -11.64 7.48
CA LEU M 111 -0.55 -11.85 8.71
C LEU M 111 -0.65 -13.32 9.05
N ASN M 112 -0.61 -14.19 8.04
CA ASN M 112 -0.56 -15.63 8.29
C ASN M 112 0.72 -16.02 9.00
N LYS M 113 1.86 -15.46 8.57
CA LYS M 113 3.10 -15.68 9.32
C LYS M 113 3.05 -15.00 10.69
N LEU M 114 2.26 -13.94 10.82
CA LEU M 114 1.97 -13.42 12.15
C LEU M 114 1.07 -14.37 12.93
N LEU M 115 0.08 -14.97 12.26
CA LEU M 115 -0.98 -15.70 12.93
C LEU M 115 -1.19 -17.12 12.40
N GLY M 116 -0.10 -17.86 12.21
CA GLY M 116 -0.22 -19.22 11.70
C GLY M 116 -0.87 -20.17 12.69
N ARG M 117 -0.57 -20.01 13.97
CA ARG M 117 -1.00 -20.97 14.99
C ARG M 117 -2.24 -20.47 15.72
N VAL M 118 -2.98 -19.55 15.10
CA VAL M 118 -4.03 -18.78 15.76
C VAL M 118 -5.38 -19.22 15.20
N THR M 119 -6.35 -19.46 16.09
CA THR M 119 -7.69 -19.86 15.70
C THR M 119 -8.70 -18.76 16.03
N ILE M 120 -9.54 -18.43 15.07
CA ILE M 120 -10.63 -17.47 15.24
C ILE M 120 -11.95 -18.24 15.37
N ALA M 121 -12.72 -17.92 16.40
CA ALA M 121 -13.98 -18.60 16.66
C ALA M 121 -15.00 -18.30 15.56
N GLN M 122 -15.65 -19.36 15.04
CA GLN M 122 -16.58 -19.29 13.92
C GLN M 122 -15.94 -18.65 12.69
N GLY M 123 -14.66 -18.91 12.48
CA GLY M 123 -13.97 -18.32 11.35
C GLY M 123 -14.03 -19.21 10.12
N GLY M 124 -13.98 -20.51 10.32
CA GLY M 124 -13.95 -21.40 9.18
C GLY M 124 -12.62 -21.35 8.46
N VAL M 125 -12.63 -21.78 7.20
CA VAL M 125 -11.44 -21.86 6.38
C VAL M 125 -11.69 -21.15 5.06
N LEU M 126 -10.62 -20.94 4.32
CA LEU M 126 -10.72 -20.35 3.00
C LEU M 126 -11.44 -21.29 2.05
N PRO M 127 -12.18 -20.76 1.08
CA PRO M 127 -12.62 -21.60 -0.03
C PRO M 127 -11.43 -22.03 -0.85
N ASN M 128 -11.09 -23.31 -0.75
CA ASN M 128 -9.85 -23.83 -1.33
C ASN M 128 -10.05 -25.30 -1.63
N ILE M 129 -10.08 -25.64 -2.91
CA ILE M 129 -10.19 -27.01 -3.38
C ILE M 129 -8.94 -27.32 -4.19
N GLN M 130 -8.30 -28.44 -3.88
CA GLN M 130 -7.13 -28.85 -4.64
C GLN M 130 -7.53 -29.17 -6.07
N ALA M 131 -6.61 -28.91 -7.00
CA ALA M 131 -6.92 -29.01 -8.42
C ALA M 131 -7.24 -30.43 -8.85
N VAL M 132 -6.61 -31.42 -8.22
CA VAL M 132 -6.92 -32.81 -8.52
C VAL M 132 -8.30 -33.22 -8.01
N LEU M 133 -8.83 -32.50 -7.02
CA LEU M 133 -10.16 -32.81 -6.52
C LEU M 133 -11.26 -32.38 -7.50
N LEU M 134 -10.99 -31.36 -8.32
CA LEU M 134 -11.98 -30.91 -9.27
C LEU M 134 -12.10 -31.88 -10.44
N PRO M 135 -13.29 -32.03 -11.00
CA PRO M 135 -13.46 -32.94 -12.14
C PRO M 135 -12.86 -32.36 -13.42
N LYS M 136 -12.80 -33.20 -14.43
CA LYS M 136 -12.29 -32.82 -15.75
C LYS M 136 -13.21 -31.82 -16.44
N LYS N 31 -25.60 -2.51 40.40
CA LYS N 31 -24.43 -2.32 39.55
C LYS N 31 -23.32 -3.28 39.96
N ARG N 32 -22.53 -3.70 38.97
CA ARG N 32 -21.43 -4.65 39.17
C ARG N 32 -20.10 -3.93 38.97
N SER N 33 -19.04 -4.50 39.55
CA SER N 33 -17.71 -3.93 39.48
C SER N 33 -17.20 -3.89 38.03
N ARG N 34 -16.33 -2.93 37.76
CA ARG N 34 -15.93 -2.64 36.38
C ARG N 34 -15.07 -3.77 35.81
N LYS N 35 -15.34 -4.10 34.56
CA LYS N 35 -14.53 -5.03 33.76
C LYS N 35 -13.90 -4.21 32.64
N GLU N 36 -12.61 -3.90 32.78
CA GLU N 36 -11.94 -3.10 31.77
C GLU N 36 -11.72 -3.91 30.50
N SER N 37 -12.04 -3.29 29.37
CA SER N 37 -11.92 -3.95 28.08
C SER N 37 -11.52 -2.89 27.05
N TYR N 38 -11.19 -3.36 25.85
CA TYR N 38 -10.67 -2.50 24.79
C TYR N 38 -11.67 -2.36 23.65
N SER N 39 -12.92 -2.05 23.98
CA SER N 39 -13.98 -2.00 22.99
C SER N 39 -14.12 -0.62 22.37
N VAL N 40 -14.18 0.42 23.20
CA VAL N 40 -14.50 1.76 22.74
C VAL N 40 -13.38 2.31 21.88
N TYR N 41 -12.13 1.92 22.14
CA TYR N 41 -11.00 2.42 21.37
C TYR N 41 -11.02 1.86 19.95
N VAL N 42 -11.34 0.57 19.83
CA VAL N 42 -11.46 -0.03 18.51
C VAL N 42 -12.64 0.57 17.77
N TYR N 43 -13.71 0.88 18.51
CA TYR N 43 -14.83 1.59 17.91
C TYR N 43 -14.40 2.94 17.34
N LYS N 44 -13.62 3.70 18.11
CA LYS N 44 -13.17 5.02 17.63
C LYS N 44 -12.26 4.89 16.42
N VAL N 45 -11.31 3.95 16.45
CA VAL N 45 -10.37 3.84 15.32
C VAL N 45 -11.11 3.33 14.08
N LEU N 46 -12.19 2.56 14.25
CA LEU N 46 -12.93 2.18 13.07
C LEU N 46 -13.73 3.36 12.51
N LYS N 47 -14.28 4.23 13.37
CA LYS N 47 -14.85 5.47 12.82
C LYS N 47 -13.81 6.42 12.22
N GLN N 48 -12.51 6.25 12.49
CA GLN N 48 -11.62 6.88 11.51
C GLN N 48 -11.48 6.05 10.23
N VAL N 49 -11.43 4.72 10.32
CA VAL N 49 -11.10 3.99 9.10
C VAL N 49 -12.34 3.63 8.26
N HIS N 50 -13.49 3.41 8.90
CA HIS N 50 -14.76 3.25 8.18
C HIS N 50 -15.89 3.76 9.06
N PRO N 51 -16.32 5.00 8.84
CA PRO N 51 -17.48 5.53 9.58
C PRO N 51 -18.74 4.70 9.47
N ASP N 52 -18.90 3.95 8.37
CA ASP N 52 -20.16 3.31 8.04
C ASP N 52 -20.36 1.94 8.68
N THR N 53 -19.28 1.16 8.83
CA THR N 53 -19.44 -0.27 9.05
C THR N 53 -19.75 -0.55 10.52
N GLY N 54 -20.52 -1.62 10.77
CA GLY N 54 -20.95 -1.99 12.09
C GLY N 54 -20.12 -3.11 12.69
N ILE N 55 -20.47 -3.46 13.93
CA ILE N 55 -19.67 -4.35 14.76
C ILE N 55 -20.56 -5.46 15.31
N SER N 56 -20.12 -6.70 15.18
CA SER N 56 -20.69 -7.79 15.97
C SER N 56 -19.85 -8.02 17.23
N SER N 57 -20.54 -8.34 18.32
CA SER N 57 -19.89 -8.36 19.63
C SER N 57 -18.92 -9.52 19.77
N LYS N 58 -19.19 -10.65 19.13
CA LYS N 58 -18.23 -11.76 19.24
C LYS N 58 -16.96 -11.47 18.46
N ALA N 59 -17.07 -10.83 17.29
CA ALA N 59 -15.89 -10.32 16.60
C ALA N 59 -15.19 -9.25 17.43
N MET N 60 -15.97 -8.53 18.25
CA MET N 60 -15.38 -7.52 19.12
C MET N 60 -14.54 -8.14 20.23
N GLY N 61 -15.02 -9.25 20.80
CA GLY N 61 -14.19 -10.02 21.72
C GLY N 61 -12.95 -10.58 21.03
N ILE N 62 -13.09 -10.93 19.75
CA ILE N 62 -11.91 -11.37 18.98
C ILE N 62 -10.90 -10.24 18.86
N MET N 63 -11.39 -9.01 18.65
CA MET N 63 -10.51 -7.85 18.61
C MET N 63 -9.80 -7.62 19.94
N ASN N 64 -10.54 -7.75 21.05
CA ASN N 64 -9.92 -7.67 22.36
C ASN N 64 -8.87 -8.75 22.55
N SER N 65 -9.10 -9.93 21.96
CA SER N 65 -8.14 -11.02 22.06
C SER N 65 -6.86 -10.72 21.29
N PHE N 66 -6.97 -10.16 20.07
CA PHE N 66 -5.76 -9.70 19.37
C PHE N 66 -4.98 -8.68 20.16
N VAL N 67 -5.66 -7.63 20.64
CA VAL N 67 -4.92 -6.55 21.28
C VAL N 67 -4.26 -7.03 22.57
N ASN N 68 -4.96 -7.88 23.34
CA ASN N 68 -4.37 -8.42 24.55
C ASN N 68 -3.23 -9.39 24.25
N ASP N 69 -3.40 -10.25 23.23
CA ASP N 69 -2.40 -11.26 22.95
C ASP N 69 -1.10 -10.65 22.41
N ILE N 70 -1.23 -9.73 21.44
CA ILE N 70 -0.04 -9.10 20.90
C ILE N 70 0.62 -8.24 21.95
N PHE N 71 -0.18 -7.62 22.83
CA PHE N 71 0.36 -6.91 23.99
C PHE N 71 1.17 -7.86 24.86
N GLU N 72 0.65 -9.07 25.09
CA GLU N 72 1.32 -10.05 25.94
C GLU N 72 2.65 -10.49 25.32
N ARG N 73 2.64 -10.79 24.01
CA ARG N 73 3.86 -11.21 23.32
C ARG N 73 4.93 -10.13 23.39
N ILE N 74 4.56 -8.91 23.04
CA ILE N 74 5.55 -7.85 22.96
C ILE N 74 6.02 -7.44 24.34
N ALA N 75 5.13 -7.45 25.34
CA ALA N 75 5.55 -7.07 26.69
C ALA N 75 6.47 -8.13 27.31
N GLY N 76 6.19 -9.41 27.05
CA GLY N 76 7.09 -10.44 27.52
C GLY N 76 8.44 -10.38 26.84
N GLU N 77 8.45 -10.12 25.53
CA GLU N 77 9.72 -9.92 24.82
C GLU N 77 10.45 -8.69 25.32
N ALA N 78 9.72 -7.65 25.69
CA ALA N 78 10.34 -6.43 26.20
C ALA N 78 11.02 -6.70 27.53
N SER N 79 10.34 -7.43 28.42
CA SER N 79 10.96 -7.82 29.67
C SER N 79 12.19 -8.69 29.43
N ARG N 80 12.09 -9.59 28.46
CA ARG N 80 13.19 -10.50 28.17
C ARG N 80 14.40 -9.75 27.64
N LEU N 81 14.19 -8.85 26.68
CA LEU N 81 15.29 -8.06 26.13
C LEU N 81 15.87 -7.10 27.14
N ALA N 82 15.05 -6.57 28.06
CA ALA N 82 15.59 -5.81 29.17
C ALA N 82 16.45 -6.69 30.08
N HIS N 83 16.05 -7.96 30.22
CA HIS N 83 16.85 -8.89 31.01
C HIS N 83 18.20 -9.18 30.37
N TYR N 84 18.24 -9.36 29.03
CA TYR N 84 19.47 -9.88 28.46
C TYR N 84 20.56 -8.81 28.43
N ASN N 85 20.17 -7.58 28.15
CA ASN N 85 21.09 -6.45 28.22
C ASN N 85 21.19 -5.91 29.63
N LYS N 86 20.57 -6.58 30.61
CA LYS N 86 20.66 -6.26 32.03
C LYS N 86 20.09 -4.87 32.31
N ARG N 87 19.07 -4.49 31.56
CA ARG N 87 18.51 -3.16 31.64
C ARG N 87 17.25 -3.15 32.47
N SER N 88 17.13 -2.14 33.32
CA SER N 88 16.05 -2.06 34.30
C SER N 88 14.79 -1.41 33.74
N THR N 89 14.85 -0.77 32.58
CA THR N 89 13.81 0.14 32.13
C THR N 89 13.28 -0.29 30.77
N ILE N 90 11.96 -0.37 30.63
CA ILE N 90 11.35 -0.64 29.34
C ILE N 90 11.19 0.68 28.59
N THR N 91 11.95 0.85 27.51
CA THR N 91 11.90 2.04 26.66
C THR N 91 11.47 1.66 25.26
N SER N 92 11.32 2.68 24.42
CA SER N 92 10.80 2.50 23.07
C SER N 92 11.78 1.78 22.15
N ARG N 93 13.09 1.89 22.39
CA ARG N 93 14.05 1.38 21.41
C ARG N 93 14.11 -0.15 21.44
N GLU N 94 14.06 -0.76 22.62
CA GLU N 94 14.06 -2.22 22.64
C GLU N 94 12.72 -2.80 22.23
N ILE N 95 11.62 -2.09 22.42
CA ILE N 95 10.40 -2.68 21.92
C ILE N 95 10.29 -2.47 20.42
N GLN N 96 10.96 -1.44 19.90
CA GLN N 96 11.22 -1.36 18.47
C GLN N 96 12.02 -2.56 17.99
N THR N 97 13.05 -2.92 18.75
CA THR N 97 13.84 -4.11 18.45
C THR N 97 12.94 -5.35 18.44
N ALA N 98 12.04 -5.43 19.42
CA ALA N 98 11.18 -6.60 19.55
C ALA N 98 10.16 -6.69 18.43
N VAL N 99 9.60 -5.56 18.00
CA VAL N 99 8.63 -5.64 16.92
C VAL N 99 9.34 -5.91 15.59
N ARG N 100 10.59 -5.47 15.47
CA ARG N 100 11.38 -5.93 14.33
C ARG N 100 11.69 -7.41 14.42
N LEU N 101 11.78 -7.96 15.63
CA LEU N 101 11.94 -9.40 15.78
C LEU N 101 10.68 -10.14 15.34
N LEU N 102 9.57 -9.91 16.04
CA LEU N 102 8.42 -10.79 15.92
C LEU N 102 7.62 -10.50 14.66
N LEU N 103 6.98 -9.35 14.62
CA LEU N 103 6.09 -9.06 13.52
C LEU N 103 6.93 -8.75 12.28
N PRO N 104 6.66 -9.40 11.16
CA PRO N 104 7.62 -9.34 10.04
C PRO N 104 7.38 -8.19 9.07
N GLY N 105 8.48 -7.79 8.43
CA GLY N 105 8.50 -7.04 7.19
C GLY N 105 7.81 -5.70 7.08
N GLU N 106 6.84 -5.63 6.17
CA GLU N 106 6.32 -4.35 5.72
C GLU N 106 5.47 -3.68 6.80
N LEU N 107 4.58 -4.43 7.43
CA LEU N 107 3.81 -3.88 8.55
C LEU N 107 4.74 -3.48 9.68
N ALA N 108 5.85 -4.21 9.87
CA ALA N 108 6.81 -3.86 10.91
C ALA N 108 7.48 -2.53 10.62
N LYS N 109 7.97 -2.33 9.39
CA LYS N 109 8.66 -1.08 9.10
C LYS N 109 7.69 0.09 9.06
N HIS N 110 6.44 -0.15 8.62
CA HIS N 110 5.45 0.92 8.71
C HIS N 110 5.14 1.27 10.15
N ALA N 111 4.90 0.28 11.00
CA ALA N 111 4.63 0.52 12.41
C ALA N 111 5.80 1.21 13.09
N VAL N 112 7.02 0.89 12.64
CA VAL N 112 8.20 1.66 13.03
C VAL N 112 8.02 3.12 12.67
N SER N 113 7.50 3.40 11.47
CA SER N 113 7.32 4.78 11.04
C SER N 113 6.30 5.51 11.91
N GLU N 114 5.12 4.90 12.14
CA GLU N 114 4.15 5.61 13.00
C GLU N 114 4.66 5.73 14.43
N GLY N 115 5.41 4.74 14.90
CA GLY N 115 5.92 4.80 16.26
C GLY N 115 6.97 5.88 16.45
N THR N 116 7.87 6.04 15.47
CA THR N 116 8.81 7.14 15.52
C THR N 116 8.10 8.48 15.44
N LYS N 117 7.08 8.57 14.57
CA LYS N 117 6.29 9.80 14.50
C LYS N 117 5.62 10.10 15.82
N ALA N 118 5.05 9.08 16.46
CA ALA N 118 4.35 9.27 17.72
C ALA N 118 5.30 9.64 18.85
N VAL N 119 6.49 9.02 18.91
CA VAL N 119 7.39 9.34 20.00
C VAL N 119 8.01 10.71 19.80
N THR N 120 8.20 11.14 18.55
CA THR N 120 8.69 12.49 18.32
C THR N 120 7.65 13.54 18.68
N LYS N 121 6.36 13.31 18.32
CA LYS N 121 5.37 14.33 18.63
C LYS N 121 4.99 14.30 20.10
N TYR N 122 5.03 13.13 20.75
CA TYR N 122 4.89 13.09 22.19
C TYR N 122 6.09 13.70 22.89
N THR N 123 7.27 13.62 22.27
CA THR N 123 8.44 14.29 22.82
C THR N 123 8.24 15.81 22.83
N SER N 124 7.54 16.32 21.83
CA SER N 124 7.11 17.71 21.78
C SER N 124 5.84 17.97 22.58
N ALA N 125 5.48 17.05 23.47
CA ALA N 125 4.33 17.16 24.37
C ALA N 125 3.01 17.40 23.64
N LYS O 38 -37.03 -42.73 -14.61
CA LYS O 38 -35.80 -43.02 -13.90
C LYS O 38 -35.43 -41.86 -12.97
N PRO O 39 -35.39 -42.11 -11.66
CA PRO O 39 -35.06 -41.04 -10.71
C PRO O 39 -33.63 -40.57 -10.88
N HIS O 40 -33.43 -39.27 -10.68
CA HIS O 40 -32.12 -38.66 -10.87
C HIS O 40 -31.15 -39.11 -9.78
N ARG O 41 -29.90 -39.34 -10.18
CA ARG O 41 -28.83 -39.71 -9.27
C ARG O 41 -27.55 -39.07 -9.76
N TYR O 42 -26.92 -38.26 -8.92
CA TYR O 42 -25.65 -37.66 -9.29
C TYR O 42 -24.54 -38.70 -9.27
N ARG O 43 -23.52 -38.47 -10.07
CA ARG O 43 -22.33 -39.29 -10.04
C ARG O 43 -21.60 -39.09 -8.72
N PRO O 44 -20.87 -40.11 -8.24
CA PRO O 44 -20.16 -39.98 -6.97
C PRO O 44 -19.11 -38.88 -7.01
N GLY O 45 -19.13 -38.03 -5.98
CA GLY O 45 -18.25 -36.88 -5.89
C GLY O 45 -18.89 -35.55 -6.19
N THR O 46 -19.97 -35.54 -6.99
CA THR O 46 -20.63 -34.29 -7.32
C THR O 46 -21.31 -33.68 -6.10
N VAL O 47 -22.12 -34.48 -5.41
CA VAL O 47 -22.72 -34.03 -4.16
C VAL O 47 -21.65 -33.84 -3.11
N ALA O 48 -20.56 -34.61 -3.19
CA ALA O 48 -19.45 -34.44 -2.27
C ALA O 48 -18.80 -33.07 -2.45
N LEU O 49 -18.54 -32.65 -3.69
CA LEU O 49 -17.95 -31.33 -3.91
C LEU O 49 -18.92 -30.21 -3.62
N ARG O 50 -20.22 -30.44 -3.85
CA ARG O 50 -21.20 -29.45 -3.43
C ARG O 50 -21.23 -29.32 -1.92
N GLU O 51 -21.06 -30.43 -1.20
CA GLU O 51 -20.89 -30.39 0.24
C GLU O 51 -19.62 -29.66 0.63
N ILE O 52 -18.55 -29.85 -0.14
CA ILE O 52 -17.29 -29.13 0.11
C ILE O 52 -17.51 -27.63 0.08
N ARG O 53 -18.14 -27.16 -1.00
CA ARG O 53 -18.39 -25.73 -1.16
C ARG O 53 -19.37 -25.21 -0.11
N ARG O 54 -20.41 -25.99 0.18
CA ARG O 54 -21.42 -25.58 1.15
C ARG O 54 -20.84 -25.45 2.54
N TYR O 55 -20.17 -26.50 3.02
CA TYR O 55 -19.65 -26.49 4.37
C TYR O 55 -18.38 -25.67 4.49
N GLN O 56 -17.73 -25.33 3.38
CA GLN O 56 -16.57 -24.50 3.44
C GLN O 56 -16.91 -23.01 3.38
N LYS O 57 -17.99 -22.67 2.68
CA LYS O 57 -18.47 -21.29 2.75
C LYS O 57 -19.17 -21.01 4.07
N SER O 58 -19.85 -22.02 4.63
CA SER O 58 -20.64 -21.82 5.83
C SER O 58 -19.72 -21.71 7.04
N THR O 59 -20.22 -21.01 8.07
CA THR O 59 -19.46 -20.75 9.27
C THR O 59 -20.12 -21.29 10.52
N GLU O 60 -21.39 -21.65 10.46
CA GLU O 60 -22.11 -22.19 11.61
C GLU O 60 -21.52 -23.53 12.02
N LEU O 61 -21.78 -23.88 13.27
CA LEU O 61 -21.13 -25.02 13.90
C LEU O 61 -21.59 -26.34 13.27
N LEU O 62 -20.67 -27.30 13.20
CA LEU O 62 -20.90 -28.61 12.62
C LEU O 62 -21.24 -29.65 13.67
N ILE O 63 -21.24 -29.27 14.93
CA ILE O 63 -21.18 -30.20 16.05
C ILE O 63 -22.52 -30.22 16.77
N ARG O 64 -23.09 -31.42 16.96
CA ARG O 64 -24.32 -31.56 17.73
C ARG O 64 -24.00 -31.45 19.22
N LYS O 65 -24.31 -30.30 19.83
CA LYS O 65 -23.61 -29.85 21.04
C LYS O 65 -23.76 -30.78 22.25
N LEU O 66 -24.85 -31.53 22.35
CA LEU O 66 -25.09 -32.23 23.62
C LEU O 66 -24.34 -33.56 23.81
N PRO O 67 -24.29 -34.50 22.85
CA PRO O 67 -23.44 -35.70 23.08
C PRO O 67 -21.97 -35.39 23.22
N PHE O 68 -21.49 -34.40 22.47
CA PHE O 68 -20.12 -33.91 22.61
C PHE O 68 -19.91 -33.28 23.99
N GLN O 69 -20.89 -32.52 24.49
CA GLN O 69 -20.85 -32.02 25.86
C GLN O 69 -20.81 -33.16 26.88
N ARG O 70 -21.57 -34.23 26.62
CA ARG O 70 -21.55 -35.39 27.50
C ARG O 70 -20.19 -36.07 27.49
N LEU O 71 -19.53 -36.13 26.33
CA LEU O 71 -18.18 -36.68 26.28
C LEU O 71 -17.21 -35.82 27.06
N VAL O 72 -17.36 -34.50 26.96
CA VAL O 72 -16.56 -33.58 27.76
C VAL O 72 -16.74 -33.85 29.25
N ARG O 73 -17.99 -33.95 29.69
CA ARG O 73 -18.24 -34.18 31.11
C ARG O 73 -17.78 -35.57 31.55
N GLU O 74 -17.88 -36.55 30.67
CA GLU O 74 -17.42 -37.91 30.96
C GLU O 74 -15.92 -37.95 31.16
N ILE O 75 -15.17 -37.29 30.29
CA ILE O 75 -13.72 -37.25 30.45
C ILE O 75 -13.34 -36.39 31.65
N ALA O 76 -14.14 -35.36 31.94
CA ALA O 76 -13.88 -34.50 33.09
C ALA O 76 -14.01 -35.25 34.40
N GLN O 77 -15.04 -36.09 34.53
CA GLN O 77 -15.22 -36.88 35.74
C GLN O 77 -14.13 -37.93 35.91
N ASP O 78 -13.45 -38.28 34.81
CA ASP O 78 -12.37 -39.26 34.88
C ASP O 78 -11.13 -38.71 35.55
N PHE O 79 -10.99 -37.39 35.65
CA PHE O 79 -9.85 -36.78 36.31
C PHE O 79 -10.23 -36.09 37.60
N LYS O 80 -11.37 -35.43 37.64
CA LYS O 80 -11.85 -34.83 38.88
C LYS O 80 -13.35 -35.01 38.94
N THR O 81 -13.85 -35.46 40.08
CA THR O 81 -15.26 -35.75 40.23
C THR O 81 -16.05 -34.46 40.42
N ASP O 82 -17.27 -34.44 39.87
CA ASP O 82 -18.29 -33.40 40.07
C ASP O 82 -17.81 -32.05 39.50
N LEU O 83 -17.18 -32.07 38.34
CA LEU O 83 -16.81 -30.83 37.69
C LEU O 83 -18.03 -30.19 37.03
N ARG O 84 -18.18 -28.89 37.22
CA ARG O 84 -19.26 -28.13 36.63
C ARG O 84 -18.72 -27.29 35.48
N PHE O 85 -19.54 -27.08 34.46
CA PHE O 85 -19.08 -26.46 33.23
C PHE O 85 -19.88 -25.20 32.90
N GLN O 86 -19.16 -24.09 32.74
CA GLN O 86 -19.72 -22.94 32.04
C GLN O 86 -19.93 -23.31 30.58
N SER O 87 -21.01 -22.79 30.01
CA SER O 87 -21.39 -23.17 28.65
C SER O 87 -20.35 -22.71 27.63
N SER O 88 -19.83 -21.50 27.81
CA SER O 88 -18.83 -20.94 26.89
C SER O 88 -17.56 -21.76 26.88
N ALA O 89 -17.18 -22.32 28.03
CA ALA O 89 -16.04 -23.21 28.10
C ALA O 89 -16.26 -24.45 27.24
N VAL O 90 -17.46 -25.03 27.33
CA VAL O 90 -17.81 -26.17 26.49
C VAL O 90 -17.75 -25.78 25.03
N MET O 91 -18.29 -24.60 24.70
CA MET O 91 -18.28 -24.11 23.33
C MET O 91 -16.86 -24.03 22.80
N ALA O 92 -15.97 -23.44 23.59
CA ALA O 92 -14.55 -23.37 23.29
C ALA O 92 -13.95 -24.75 23.06
N LEU O 93 -14.43 -25.75 23.81
CA LEU O 93 -13.97 -27.10 23.56
C LEU O 93 -14.36 -27.56 22.18
N GLN O 94 -15.56 -27.21 21.69
CA GLN O 94 -15.76 -27.43 20.25
C GLN O 94 -14.77 -26.66 19.40
N GLU O 95 -14.77 -25.31 19.42
CA GLU O 95 -13.99 -24.57 18.38
C GLU O 95 -12.53 -25.00 18.35
N ALA O 96 -11.97 -25.29 19.53
CA ALA O 96 -10.67 -25.95 19.59
C ALA O 96 -10.67 -27.30 18.89
N SER O 97 -11.73 -28.11 19.11
CA SER O 97 -11.74 -29.45 18.54
C SER O 97 -11.81 -29.42 17.02
N GLU O 98 -12.79 -28.71 16.45
CA GLU O 98 -12.83 -28.72 14.98
C GLU O 98 -11.69 -27.93 14.37
N ALA O 99 -11.11 -26.96 15.08
CA ALA O 99 -9.93 -26.30 14.55
C ALA O 99 -8.77 -27.28 14.42
N TYR O 100 -8.55 -28.07 15.47
CA TYR O 100 -7.45 -29.03 15.45
C TYR O 100 -7.70 -30.09 14.39
N LEU O 101 -8.94 -30.56 14.30
CA LEU O 101 -9.29 -31.53 13.27
C LEU O 101 -9.18 -30.95 11.86
N VAL O 102 -9.58 -29.69 11.65
CA VAL O 102 -9.53 -29.20 10.28
C VAL O 102 -8.08 -28.98 9.86
N GLY O 103 -7.21 -28.65 10.82
CA GLY O 103 -5.79 -28.67 10.52
C GLY O 103 -5.30 -30.05 10.11
N LEU O 104 -5.68 -31.07 10.88
CA LEU O 104 -5.27 -32.43 10.55
C LEU O 104 -5.84 -32.92 9.22
N PHE O 105 -7.10 -32.62 8.92
CA PHE O 105 -7.63 -33.06 7.64
C PHE O 105 -7.10 -32.26 6.47
N GLU O 106 -6.76 -30.98 6.65
CA GLU O 106 -6.16 -30.25 5.55
C GLU O 106 -4.77 -30.81 5.26
N ASP O 107 -4.02 -31.11 6.33
CA ASP O 107 -2.73 -31.77 6.18
C ASP O 107 -2.89 -33.15 5.54
N THR O 108 -3.96 -33.85 5.92
CA THR O 108 -4.25 -35.17 5.38
C THR O 108 -4.52 -35.09 3.89
N ASN O 109 -5.28 -34.08 3.47
CA ASN O 109 -5.52 -33.87 2.05
C ASN O 109 -4.23 -33.57 1.31
N LEU O 110 -3.36 -32.77 1.91
CA LEU O 110 -2.07 -32.45 1.29
C LEU O 110 -1.22 -33.69 1.09
N ALA O 111 -1.12 -34.53 2.12
CA ALA O 111 -0.30 -35.73 1.98
C ALA O 111 -0.99 -36.78 1.11
N ALA O 112 -2.32 -36.75 1.05
CA ALA O 112 -3.05 -37.71 0.23
C ALA O 112 -2.89 -37.39 -1.24
N ILE O 113 -3.00 -36.12 -1.61
CA ILE O 113 -2.73 -35.74 -2.99
C ILE O 113 -1.24 -35.83 -3.27
N HIS O 114 -0.40 -35.77 -2.23
CA HIS O 114 0.99 -36.15 -2.40
C HIS O 114 1.14 -37.63 -2.69
N ALA O 115 0.24 -38.45 -2.18
CA ALA O 115 0.30 -39.90 -2.36
C ALA O 115 -0.45 -40.38 -3.59
N LYS O 116 -0.82 -39.47 -4.49
CA LYS O 116 -1.55 -39.77 -5.74
C LYS O 116 -2.89 -40.46 -5.48
N ARG O 117 -3.52 -40.16 -4.34
CA ARG O 117 -4.82 -40.72 -4.02
C ARG O 117 -5.79 -39.59 -3.71
N VAL O 118 -7.08 -39.91 -3.77
CA VAL O 118 -8.13 -39.03 -3.28
C VAL O 118 -8.86 -39.60 -2.08
N THR O 119 -8.66 -40.88 -1.77
CA THR O 119 -9.24 -41.49 -0.58
C THR O 119 -8.19 -41.57 0.50
N ILE O 120 -8.53 -41.08 1.67
CA ILE O 120 -7.59 -41.02 2.78
C ILE O 120 -7.62 -42.34 3.55
N MET O 121 -6.48 -42.70 4.12
CA MET O 121 -6.32 -43.91 4.91
C MET O 121 -5.70 -43.57 6.25
N PRO O 122 -5.85 -44.44 7.26
CA PRO O 122 -5.31 -44.13 8.60
C PRO O 122 -3.82 -43.88 8.64
N LYS O 123 -3.05 -44.48 7.74
CA LYS O 123 -1.63 -44.19 7.64
C LYS O 123 -1.37 -42.72 7.36
N ASP O 124 -2.30 -42.05 6.66
CA ASP O 124 -2.11 -40.66 6.33
C ASP O 124 -2.28 -39.77 7.55
N ILE O 125 -3.30 -40.05 8.36
CA ILE O 125 -3.50 -39.27 9.58
C ILE O 125 -2.37 -39.51 10.57
N GLN O 126 -1.91 -40.76 10.64
CA GLN O 126 -0.75 -41.08 11.47
C GLN O 126 0.50 -40.34 11.00
N LEU O 127 0.69 -40.28 9.67
CA LEU O 127 1.80 -39.53 9.10
C LEU O 127 1.71 -38.06 9.46
N ALA O 128 0.51 -37.48 9.39
CA ALA O 128 0.33 -36.07 9.71
C ALA O 128 0.64 -35.81 11.18
N ARG O 129 0.19 -36.70 12.07
CA ARG O 129 0.47 -36.55 13.49
C ARG O 129 1.97 -36.66 13.77
N ARG O 130 2.65 -37.58 13.09
CA ARG O 130 4.07 -37.76 13.33
C ARG O 130 4.89 -36.59 12.78
N ILE O 131 4.50 -36.05 11.62
CA ILE O 131 5.20 -34.88 11.10
C ILE O 131 4.96 -33.68 12.00
N ARG O 132 3.75 -33.56 12.54
CA ARG O 132 3.49 -32.54 13.54
C ARG O 132 4.13 -32.88 14.88
N GLY O 133 4.67 -34.09 15.04
CA GLY O 133 5.27 -34.46 16.31
C GLY O 133 4.27 -34.83 17.38
N GLU O 134 3.04 -35.15 16.99
CA GLU O 134 1.96 -35.38 17.93
C GLU O 134 1.93 -36.83 18.44
N LYS P 21 -25.74 -40.65 36.14
CA LYS P 21 -24.69 -39.79 36.67
C LYS P 21 -23.42 -39.93 35.86
N VAL P 22 -22.83 -41.13 35.89
CA VAL P 22 -21.62 -41.39 35.13
C VAL P 22 -21.97 -41.72 33.68
N LEU P 23 -21.00 -41.52 32.79
CA LEU P 23 -21.16 -41.82 31.37
C LEU P 23 -20.06 -42.79 30.95
N ARG P 24 -20.40 -43.68 30.03
CA ARG P 24 -19.50 -44.73 29.61
C ARG P 24 -19.20 -44.72 28.12
N ASP P 25 -20.10 -44.21 27.29
CA ASP P 25 -19.89 -44.23 25.84
C ASP P 25 -20.50 -42.96 25.25
N ASN P 26 -19.66 -41.97 25.00
CA ASN P 26 -20.02 -40.82 24.20
C ASN P 26 -19.04 -40.58 23.07
N ILE P 27 -18.04 -41.45 22.92
CA ILE P 27 -17.21 -41.45 21.73
C ILE P 27 -18.00 -41.96 20.53
N GLN P 28 -19.07 -42.72 20.77
CA GLN P 28 -20.00 -42.97 19.68
C GLN P 28 -20.97 -41.81 19.49
N GLY P 29 -20.98 -40.86 20.41
CA GLY P 29 -21.56 -39.55 20.16
C GLY P 29 -20.77 -38.74 19.16
N ILE P 30 -19.54 -39.14 18.86
CA ILE P 30 -18.79 -38.57 17.75
C ILE P 30 -19.38 -39.25 16.53
N THR P 31 -20.46 -38.70 15.97
CA THR P 31 -21.15 -39.45 14.93
C THR P 31 -20.36 -39.42 13.63
N LYS P 32 -20.48 -40.50 12.86
CA LYS P 32 -19.85 -40.59 11.55
C LYS P 32 -20.29 -39.49 10.57
N PRO P 33 -21.56 -39.10 10.44
CA PRO P 33 -21.87 -37.95 9.57
C PRO P 33 -21.26 -36.63 10.05
N ALA P 34 -21.10 -36.42 11.35
CA ALA P 34 -20.41 -35.23 11.83
C ALA P 34 -18.95 -35.24 11.39
N ILE P 35 -18.30 -36.41 11.47
CA ILE P 35 -16.93 -36.56 11.01
C ILE P 35 -16.87 -36.33 9.50
N ARG P 36 -17.88 -36.80 8.77
CA ARG P 36 -17.99 -36.54 7.34
C ARG P 36 -18.05 -35.04 7.06
N ARG P 37 -18.87 -34.32 7.84
CA ARG P 37 -18.98 -32.87 7.67
C ARG P 37 -17.65 -32.18 7.94
N LEU P 38 -16.96 -32.62 8.99
CA LEU P 38 -15.66 -32.04 9.33
C LEU P 38 -14.65 -32.29 8.22
N ALA P 39 -14.70 -33.48 7.61
CA ALA P 39 -13.86 -33.78 6.47
C ALA P 39 -14.22 -32.92 5.27
N ARG P 40 -15.50 -32.61 5.11
CA ARG P 40 -15.92 -31.74 4.02
C ARG P 40 -15.43 -30.31 4.24
N ARG P 41 -15.42 -29.83 5.47
CA ARG P 41 -14.76 -28.55 5.74
C ARG P 41 -13.26 -28.67 5.53
N GLY P 42 -12.70 -29.84 5.84
CA GLY P 42 -11.30 -30.06 5.56
C GLY P 42 -10.97 -30.29 4.10
N GLY P 43 -11.97 -30.36 3.23
CA GLY P 43 -11.71 -30.55 1.82
C GLY P 43 -11.47 -31.99 1.43
N VAL P 44 -11.89 -32.94 2.24
CA VAL P 44 -11.64 -34.34 1.95
C VAL P 44 -12.64 -34.81 0.90
N LYS P 45 -12.11 -35.37 -0.18
CA LYS P 45 -12.97 -35.82 -1.28
C LYS P 45 -13.62 -37.16 -0.94
N ARG P 46 -12.84 -38.10 -0.43
CA ARG P 46 -13.34 -39.44 -0.13
C ARG P 46 -12.86 -39.86 1.26
N ILE P 47 -13.76 -40.44 2.03
CA ILE P 47 -13.52 -40.78 3.43
C ILE P 47 -13.62 -42.29 3.56
N SER P 48 -12.54 -42.91 4.03
CA SER P 48 -12.59 -44.35 4.24
C SER P 48 -13.38 -44.66 5.52
N GLY P 49 -13.83 -45.91 5.61
CA GLY P 49 -14.56 -46.34 6.80
C GLY P 49 -13.69 -46.49 8.02
N LEU P 50 -12.38 -46.67 7.84
CA LEU P 50 -11.46 -46.82 8.95
C LEU P 50 -11.07 -45.47 9.56
N ILE P 51 -11.48 -44.37 8.93
CA ILE P 51 -11.05 -43.05 9.35
C ILE P 51 -11.70 -42.66 10.67
N TYR P 52 -12.99 -42.98 10.82
CA TYR P 52 -13.85 -42.36 11.83
C TYR P 52 -13.40 -42.67 13.24
N GLU P 53 -13.05 -43.92 13.52
CA GLU P 53 -12.62 -44.27 14.87
C GLU P 53 -11.23 -43.71 15.18
N GLU P 54 -10.39 -43.55 14.16
CA GLU P 54 -9.10 -42.90 14.38
C GLU P 54 -9.29 -41.44 14.73
N THR P 55 -10.20 -40.76 14.02
CA THR P 55 -10.51 -39.38 14.35
C THR P 55 -11.09 -39.27 15.74
N ARG P 56 -11.92 -40.24 16.12
CA ARG P 56 -12.45 -40.32 17.47
C ARG P 56 -11.34 -40.40 18.50
N GLY P 57 -10.37 -41.29 18.26
CA GLY P 57 -9.28 -41.45 19.21
C GLY P 57 -8.38 -40.22 19.30
N VAL P 58 -8.04 -39.64 18.15
CA VAL P 58 -7.13 -38.50 18.14
C VAL P 58 -7.79 -37.28 18.74
N LEU P 59 -9.06 -37.06 18.38
CA LEU P 59 -9.86 -36.01 18.99
C LEU P 59 -9.93 -36.18 20.49
N LYS P 60 -10.16 -37.42 20.94
CA LYS P 60 -10.11 -37.71 22.37
C LYS P 60 -8.78 -37.32 22.97
N VAL P 61 -7.67 -37.76 22.36
CA VAL P 61 -6.33 -37.58 22.93
C VAL P 61 -6.05 -36.10 23.14
N PHE P 62 -6.40 -35.29 22.13
CA PHE P 62 -6.31 -33.84 22.27
C PHE P 62 -7.22 -33.34 23.37
N LEU P 63 -8.39 -33.95 23.54
CA LEU P 63 -9.27 -33.47 24.59
C LEU P 63 -8.74 -33.77 25.99
N GLU P 64 -8.20 -34.97 26.27
CA GLU P 64 -7.70 -35.12 27.65
C GLU P 64 -6.42 -34.32 27.84
N ASN P 65 -5.66 -34.11 26.76
CA ASN P 65 -4.49 -33.25 26.86
C ASN P 65 -4.86 -31.84 27.24
N VAL P 66 -5.98 -31.33 26.75
CA VAL P 66 -6.35 -29.97 27.14
C VAL P 66 -7.15 -29.94 28.43
N ILE P 67 -7.95 -30.96 28.73
CA ILE P 67 -8.75 -30.91 29.94
C ILE P 67 -7.93 -31.22 31.18
N ARG P 68 -6.81 -31.96 31.07
CA ARG P 68 -5.96 -32.10 32.25
C ARG P 68 -5.37 -30.75 32.65
N ASP P 69 -5.00 -29.96 31.66
CA ASP P 69 -4.53 -28.61 31.92
C ASP P 69 -5.65 -27.76 32.49
N ALA P 70 -6.84 -27.87 31.90
CA ALA P 70 -7.96 -27.04 32.31
C ALA P 70 -8.37 -27.34 33.75
N VAL P 71 -8.44 -28.62 34.10
CA VAL P 71 -8.81 -28.96 35.47
C VAL P 71 -7.69 -28.56 36.41
N THR P 72 -6.44 -28.57 35.92
CA THR P 72 -5.33 -28.12 36.75
C THR P 72 -5.47 -26.63 37.08
N TYR P 73 -5.82 -25.82 36.07
CA TYR P 73 -6.09 -24.40 36.34
C TYR P 73 -7.24 -24.22 37.30
N THR P 74 -8.33 -24.99 37.12
CA THR P 74 -9.51 -24.76 37.95
C THR P 74 -9.27 -25.18 39.40
N GLU P 75 -8.57 -26.31 39.61
CA GLU P 75 -8.30 -26.72 40.98
C GLU P 75 -7.29 -25.79 41.62
N HIS P 76 -6.38 -25.22 40.82
CA HIS P 76 -5.52 -24.21 41.41
C HIS P 76 -6.30 -22.93 41.68
N ALA P 77 -7.35 -22.67 40.91
CA ALA P 77 -8.18 -21.50 41.12
C ALA P 77 -9.09 -21.61 42.34
N LYS P 78 -9.07 -22.74 43.03
CA LYS P 78 -9.94 -23.04 44.17
C LYS P 78 -11.41 -22.99 43.77
N ARG P 79 -11.70 -23.26 42.51
CA ARG P 79 -13.05 -23.31 41.99
C ARG P 79 -13.43 -24.76 41.72
N LYS P 80 -14.74 -25.00 41.68
CA LYS P 80 -15.25 -26.31 41.33
C LYS P 80 -15.76 -26.34 39.89
N THR P 81 -16.04 -25.17 39.33
CA THR P 81 -16.61 -25.04 38.00
C THR P 81 -15.54 -24.65 36.99
N VAL P 82 -15.65 -25.23 35.79
CA VAL P 82 -14.73 -24.94 34.71
C VAL P 82 -15.09 -23.60 34.08
N THR P 83 -14.10 -22.72 33.93
CA THR P 83 -14.30 -21.45 33.25
C THR P 83 -13.60 -21.43 31.90
N ALA P 84 -14.14 -20.60 31.00
CA ALA P 84 -13.66 -20.56 29.62
C ALA P 84 -12.30 -19.90 29.52
N MET P 85 -12.01 -18.92 30.37
CA MET P 85 -10.71 -18.27 30.38
C MET P 85 -9.59 -19.24 30.73
N ASP P 86 -9.88 -20.20 31.60
CA ASP P 86 -8.96 -21.32 31.83
C ASP P 86 -8.78 -22.15 30.57
N VAL P 87 -9.86 -22.37 29.82
CA VAL P 87 -9.76 -23.12 28.57
C VAL P 87 -8.89 -22.37 27.57
N VAL P 88 -8.99 -21.04 27.56
CA VAL P 88 -8.15 -20.22 26.70
C VAL P 88 -6.69 -20.40 27.06
N TYR P 89 -6.38 -20.36 28.36
CA TYR P 89 -4.99 -20.54 28.79
C TYR P 89 -4.47 -21.92 28.44
N ALA P 90 -5.32 -22.94 28.62
CA ALA P 90 -4.94 -24.30 28.32
C ALA P 90 -4.68 -24.51 26.83
N LEU P 91 -5.52 -23.94 25.97
CA LEU P 91 -5.30 -24.11 24.54
C LEU P 91 -4.12 -23.29 24.04
N LYS P 92 -3.88 -22.11 24.62
CA LYS P 92 -2.69 -21.39 24.21
C LYS P 92 -1.41 -22.00 24.78
N ARG P 93 -1.53 -22.88 25.79
CA ARG P 93 -0.33 -23.46 26.39
C ARG P 93 0.42 -24.33 25.38
N GLN P 94 -0.31 -24.98 24.48
CA GLN P 94 0.30 -25.63 23.33
C GLN P 94 0.40 -24.71 22.13
N GLY P 95 0.22 -23.41 22.31
CA GLY P 95 0.26 -22.49 21.18
C GLY P 95 -0.87 -22.66 20.20
N ARG P 96 -2.07 -22.92 20.68
CA ARG P 96 -3.21 -23.16 19.81
C ARG P 96 -4.31 -22.16 20.14
N THR P 97 -3.96 -20.88 20.08
CA THR P 97 -4.78 -19.80 20.65
C THR P 97 -6.16 -19.72 20.02
N LEU P 98 -7.18 -19.62 20.88
CA LEU P 98 -8.56 -19.35 20.49
C LEU P 98 -8.88 -17.90 20.80
N TYR P 99 -9.46 -17.20 19.84
CA TYR P 99 -9.87 -15.82 20.09
C TYR P 99 -11.37 -15.68 20.18
N GLY P 100 -11.79 -14.73 21.02
CA GLY P 100 -13.18 -14.35 21.19
C GLY P 100 -13.75 -14.66 22.54
N PHE P 101 -13.07 -15.45 23.35
CA PHE P 101 -13.64 -15.94 24.60
C PHE P 101 -12.91 -15.40 25.82
N GLY P 102 -11.82 -14.68 25.62
CA GLY P 102 -11.10 -14.12 26.75
C GLY P 102 -11.79 -12.87 27.28
N GLY P 103 -11.74 -12.70 28.59
CA GLY P 103 -12.27 -11.52 29.23
C GLY P 103 -13.78 -11.50 29.38
N ALA Q 28 26.19 -14.05 70.47
CA ALA Q 28 25.58 -12.84 69.95
C ALA Q 28 24.82 -13.13 68.66
N ARG Q 29 25.39 -14.00 67.83
CA ARG Q 29 24.76 -14.38 66.57
C ARG Q 29 24.84 -15.89 66.41
N ALA Q 30 23.79 -16.47 65.86
CA ALA Q 30 23.78 -17.90 65.58
C ALA Q 30 24.70 -18.22 64.41
N LYS Q 31 25.12 -19.48 64.35
CA LYS Q 31 25.90 -19.98 63.21
C LYS Q 31 25.07 -19.94 61.94
N ALA Q 32 25.66 -19.43 60.86
CA ALA Q 32 24.98 -19.43 59.57
C ALA Q 32 24.88 -20.85 59.06
N LYS Q 33 23.67 -21.25 58.67
CA LYS Q 33 23.40 -22.59 58.19
C LYS Q 33 22.73 -22.47 56.83
N THR Q 34 23.21 -23.22 55.86
CA THR Q 34 22.72 -23.07 54.49
C THR Q 34 21.32 -23.63 54.35
N ARG Q 35 20.50 -22.94 53.55
CA ARG Q 35 19.12 -23.34 53.35
C ARG Q 35 19.01 -24.59 52.49
N SER Q 36 20.00 -24.86 51.64
CA SER Q 36 20.00 -26.09 50.86
C SER Q 36 20.18 -27.30 51.76
N SER Q 37 21.01 -27.16 52.80
CA SER Q 37 21.13 -28.22 53.80
C SER Q 37 19.87 -28.36 54.63
N ARG Q 38 19.16 -27.25 54.88
CA ARG Q 38 17.85 -27.33 55.52
C ARG Q 38 16.88 -28.11 54.64
N ALA Q 39 16.95 -27.89 53.33
CA ALA Q 39 16.22 -28.72 52.40
C ALA Q 39 16.92 -30.04 52.13
N GLY Q 40 18.16 -30.20 52.58
CA GLY Q 40 18.92 -31.40 52.29
C GLY Q 40 19.18 -31.60 50.82
N LEU Q 41 19.33 -30.51 50.07
CA LEU Q 41 19.39 -30.55 48.63
C LEU Q 41 20.68 -29.91 48.15
N GLN Q 42 21.07 -30.24 46.92
CA GLN Q 42 22.36 -29.79 46.41
C GLN Q 42 22.25 -28.47 45.66
N PHE Q 43 21.11 -28.20 45.03
CA PHE Q 43 21.00 -26.92 44.36
C PHE Q 43 20.83 -25.77 45.36
N PRO Q 44 21.43 -24.62 45.09
CA PRO Q 44 21.41 -23.52 46.05
C PRO Q 44 20.02 -22.90 46.15
N VAL Q 45 19.44 -23.00 47.35
CA VAL Q 45 18.17 -22.34 47.62
C VAL Q 45 18.34 -20.83 47.50
N GLY Q 46 19.42 -20.30 48.06
CA GLY Q 46 19.63 -18.87 48.04
C GLY Q 46 19.87 -18.30 46.65
N ARG Q 47 20.67 -19.00 45.83
CA ARG Q 47 20.95 -18.50 44.49
C ARG Q 47 19.73 -18.57 43.60
N VAL Q 48 18.98 -19.67 43.66
CA VAL Q 48 17.76 -19.78 42.87
C VAL Q 48 16.73 -18.77 43.34
N HIS Q 49 16.68 -18.53 44.65
CA HIS Q 49 15.83 -17.49 45.23
C HIS Q 49 16.20 -16.12 44.68
N ARG Q 50 17.49 -15.81 44.65
CA ARG Q 50 17.94 -14.53 44.13
C ARG Q 50 17.64 -14.41 42.63
N LEU Q 51 17.85 -15.50 41.89
CA LEU Q 51 17.61 -15.48 40.45
C LEU Q 51 16.13 -15.28 40.13
N LEU Q 52 15.25 -15.92 40.89
CA LEU Q 52 13.83 -15.74 40.64
C LEU Q 52 13.37 -14.36 41.07
N ARG Q 53 13.95 -13.81 42.14
CA ARG Q 53 13.58 -12.45 42.52
C ARG Q 53 14.04 -11.44 41.47
N LYS Q 54 15.21 -11.65 40.89
CA LYS Q 54 15.65 -10.84 39.78
C LYS Q 54 15.24 -11.43 38.43
N GLY Q 55 14.48 -12.51 38.44
CA GLY Q 55 13.91 -13.00 37.20
C GLY Q 55 12.59 -12.36 36.84
N ASN Q 56 12.08 -11.49 37.72
CA ASN Q 56 11.02 -10.53 37.38
C ASN Q 56 9.74 -11.28 37.03
N TYR Q 57 9.26 -12.08 37.95
CA TYR Q 57 8.04 -12.85 37.75
C TYR Q 57 6.93 -12.43 38.68
N SER Q 58 7.26 -12.09 39.92
CA SER Q 58 6.29 -11.68 40.91
C SER Q 58 6.94 -10.62 41.78
N GLU Q 59 6.10 -9.78 42.38
CA GLU Q 59 6.63 -8.76 43.28
C GLU Q 59 7.09 -9.37 44.60
N ARG Q 60 6.53 -10.51 45.01
CA ARG Q 60 6.88 -11.10 46.29
C ARG Q 60 6.85 -12.61 46.16
N VAL Q 61 7.73 -13.29 46.89
CA VAL Q 61 7.89 -14.74 46.79
C VAL Q 61 7.70 -15.39 48.16
N GLY Q 62 6.86 -16.43 48.20
CA GLY Q 62 6.76 -17.24 49.39
C GLY Q 62 8.00 -18.08 49.62
N ALA Q 63 8.25 -18.40 50.89
CA ALA Q 63 9.53 -19.01 51.27
C ALA Q 63 9.68 -20.42 50.72
N GLY Q 64 8.57 -21.17 50.66
CA GLY Q 64 8.66 -22.55 50.23
C GLY Q 64 8.81 -22.76 48.74
N ALA Q 65 8.45 -21.75 47.95
CA ALA Q 65 8.52 -21.90 46.49
C ALA Q 65 9.92 -22.14 45.95
N PRO Q 66 10.98 -21.40 46.33
CA PRO Q 66 12.31 -21.74 45.80
C PRO Q 66 12.80 -23.10 46.24
N VAL Q 67 12.46 -23.52 47.47
CA VAL Q 67 12.83 -24.85 47.94
C VAL Q 67 12.16 -25.91 47.10
N TYR Q 68 10.87 -25.72 46.83
CA TYR Q 68 10.10 -26.67 46.05
C TYR Q 68 10.65 -26.76 44.63
N LEU Q 69 10.98 -25.60 44.07
CA LEU Q 69 11.57 -25.53 42.74
C LEU Q 69 12.92 -26.23 42.68
N ALA Q 70 13.75 -26.00 43.70
CA ALA Q 70 15.07 -26.63 43.73
C ALA Q 70 14.95 -28.13 43.86
N ALA Q 71 13.95 -28.60 44.60
CA ALA Q 71 13.71 -30.04 44.69
C ALA Q 71 13.32 -30.61 43.33
N VAL Q 72 12.46 -29.90 42.60
CA VAL Q 72 12.05 -30.36 41.27
C VAL Q 72 13.25 -30.43 40.35
N LEU Q 73 14.04 -29.38 40.35
CA LEU Q 73 15.21 -29.32 39.48
C LEU Q 73 16.22 -30.39 39.84
N GLU Q 74 16.41 -30.64 41.14
CA GLU Q 74 17.37 -31.65 41.56
C GLU Q 74 16.92 -33.03 41.13
N TYR Q 75 15.61 -33.30 41.22
CA TYR Q 75 15.10 -34.56 40.71
C TYR Q 75 15.32 -34.70 39.21
N LEU Q 76 15.06 -33.64 38.45
CA LEU Q 76 15.17 -33.72 37.00
C LEU Q 76 16.61 -33.94 36.57
N THR Q 77 17.53 -33.16 37.12
CA THR Q 77 18.95 -33.36 36.84
C THR Q 77 19.44 -34.71 37.33
N ALA Q 78 18.93 -35.19 38.46
CA ALA Q 78 19.35 -36.49 38.98
C ALA Q 78 18.94 -37.60 38.03
N GLU Q 79 17.71 -37.56 37.52
CA GLU Q 79 17.27 -38.65 36.66
C GLU Q 79 17.92 -38.59 35.29
N ILE Q 80 18.15 -37.37 34.75
CA ILE Q 80 18.86 -37.34 33.47
C ILE Q 80 20.30 -37.76 33.64
N LEU Q 81 20.93 -37.45 34.78
CA LEU Q 81 22.28 -37.92 35.02
C LEU Q 81 22.34 -39.42 35.24
N GLU Q 82 21.31 -40.00 35.85
CA GLU Q 82 21.31 -41.45 36.04
C GLU Q 82 21.19 -42.17 34.71
N LEU Q 83 20.26 -41.72 33.86
CA LEU Q 83 20.12 -42.33 32.54
C LEU Q 83 21.37 -42.12 31.71
N ALA Q 84 21.99 -40.94 31.83
CA ALA Q 84 23.24 -40.65 31.16
C ALA Q 84 24.35 -41.54 31.65
N GLY Q 85 24.40 -41.82 32.95
CA GLY Q 85 25.43 -42.70 33.48
C GLY Q 85 25.27 -44.12 32.99
N ASN Q 86 24.03 -44.59 32.88
CA ASN Q 86 23.80 -45.90 32.26
C ASN Q 86 24.28 -45.91 30.81
N ALA Q 87 23.99 -44.84 30.07
CA ALA Q 87 24.41 -44.74 28.68
C ALA Q 87 25.93 -44.70 28.56
N ALA Q 88 26.60 -44.00 29.49
CA ALA Q 88 28.05 -43.89 29.46
C ALA Q 88 28.71 -45.22 29.80
N ARG Q 89 28.13 -45.96 30.75
CA ARG Q 89 28.67 -47.28 31.06
C ARG Q 89 28.48 -48.24 29.90
N ASP Q 90 27.38 -48.09 29.15
CA ASP Q 90 27.14 -48.95 28.00
C ASP Q 90 28.20 -48.74 26.92
N ASN Q 91 28.65 -47.50 26.73
CA ASN Q 91 29.71 -47.21 25.79
C ASN Q 91 31.09 -47.31 26.40
N LYS Q 92 31.18 -47.78 27.65
CA LYS Q 92 32.45 -48.06 28.35
C LYS Q 92 33.29 -46.81 28.52
N LYS Q 93 32.63 -45.68 28.73
CA LYS Q 93 33.30 -44.41 28.98
C LYS Q 93 32.85 -43.88 30.34
N THR Q 94 33.82 -43.50 31.17
CA THR Q 94 33.50 -43.05 32.51
C THR Q 94 33.20 -41.57 32.61
N ARG Q 95 33.39 -40.81 31.53
CA ARG Q 95 33.08 -39.39 31.53
C ARG Q 95 32.03 -39.13 30.46
N ILE Q 96 31.04 -38.30 30.81
CA ILE Q 96 29.81 -38.28 30.03
C ILE Q 96 30.03 -37.48 28.74
N ILE Q 97 29.30 -37.86 27.70
CA ILE Q 97 29.44 -37.29 26.36
C ILE Q 97 28.10 -36.68 25.98
N PRO Q 98 28.08 -35.57 25.23
CA PRO Q 98 26.80 -35.08 24.69
C PRO Q 98 26.09 -36.07 23.79
N ARG Q 99 26.82 -36.99 23.15
CA ARG Q 99 26.19 -38.10 22.44
C ARG Q 99 25.35 -38.93 23.38
N HIS Q 100 25.87 -39.20 24.57
CA HIS Q 100 25.10 -39.92 25.58
C HIS Q 100 23.88 -39.12 26.03
N LEU Q 101 24.00 -37.79 26.08
CA LEU Q 101 22.84 -36.96 26.42
C LEU Q 101 21.77 -37.06 25.35
N GLN Q 102 22.18 -37.04 24.08
CA GLN Q 102 21.24 -37.24 22.97
C GLN Q 102 20.55 -38.59 23.06
N LEU Q 103 21.33 -39.64 23.34
CA LEU Q 103 20.75 -40.97 23.46
C LEU Q 103 19.79 -41.05 24.63
N ALA Q 104 20.16 -40.47 25.77
CA ALA Q 104 19.35 -40.59 26.98
C ALA Q 104 18.04 -39.83 26.86
N ILE Q 105 18.08 -38.62 26.31
CA ILE Q 105 16.84 -37.87 26.14
C ILE Q 105 15.97 -38.50 25.07
N ARG Q 106 16.57 -38.90 23.94
CA ARG Q 106 15.77 -39.44 22.86
C ARG Q 106 15.34 -40.89 23.09
N ASN Q 107 15.97 -41.63 24.01
CA ASN Q 107 15.46 -42.96 24.31
C ASN Q 107 14.40 -42.97 25.41
N ASP Q 108 14.13 -41.85 26.07
CA ASP Q 108 13.02 -41.75 27.00
C ASP Q 108 11.88 -41.00 26.32
N GLU Q 109 10.74 -41.67 26.19
CA GLU Q 109 9.60 -41.07 25.50
C GLU Q 109 9.02 -39.91 26.32
N GLU Q 110 9.11 -40.00 27.64
CA GLU Q 110 8.51 -38.99 28.49
C GLU Q 110 9.37 -37.73 28.52
N LEU Q 111 10.69 -37.89 28.57
CA LEU Q 111 11.56 -36.74 28.40
C LEU Q 111 11.53 -36.19 26.98
N ASN Q 112 11.32 -37.08 25.99
CA ASN Q 112 11.18 -36.61 24.61
C ASN Q 112 9.93 -35.76 24.45
N LYS Q 113 8.83 -36.17 25.09
CA LYS Q 113 7.65 -35.32 25.12
C LYS Q 113 7.92 -34.04 25.88
N LEU Q 114 8.76 -34.11 26.92
CA LEU Q 114 9.24 -32.89 27.55
C LEU Q 114 10.15 -32.11 26.62
N LEU Q 115 11.03 -32.78 25.89
CA LEU Q 115 12.09 -32.11 25.16
C LEU Q 115 12.17 -32.48 23.69
N GLY Q 116 11.03 -32.49 22.98
CA GLY Q 116 11.08 -32.71 21.55
C GLY Q 116 11.60 -31.55 20.75
N ARG Q 117 11.55 -30.34 21.31
CA ARG Q 117 11.86 -29.12 20.59
C ARG Q 117 13.27 -28.63 20.86
N VAL Q 118 14.11 -29.45 21.47
CA VAL Q 118 15.44 -29.04 21.87
C VAL Q 118 16.46 -29.63 20.90
N THR Q 119 17.62 -28.98 20.81
CA THR Q 119 18.75 -29.49 20.04
C THR Q 119 19.97 -29.55 20.95
N ILE Q 120 20.67 -30.68 20.92
CA ILE Q 120 21.89 -30.89 21.70
C ILE Q 120 23.08 -30.77 20.74
N ALA Q 121 24.04 -29.94 21.12
CA ALA Q 121 25.25 -29.77 20.32
C ALA Q 121 26.05 -31.07 20.30
N GLN Q 122 26.49 -31.47 19.11
CA GLN Q 122 27.24 -32.70 18.87
C GLN Q 122 26.49 -33.93 19.36
N GLY Q 123 25.17 -33.91 19.24
CA GLY Q 123 24.36 -35.00 19.73
C GLY Q 123 24.08 -36.06 18.68
N GLY Q 124 23.92 -35.63 17.43
CA GLY Q 124 23.47 -36.60 16.45
C GLY Q 124 22.00 -36.94 16.69
N VAL Q 125 21.64 -38.15 16.28
CA VAL Q 125 20.29 -38.67 16.45
C VAL Q 125 20.39 -40.12 16.92
N LEU Q 126 19.22 -40.72 17.17
CA LEU Q 126 19.17 -42.14 17.48
C LEU Q 126 19.55 -42.97 16.26
N PRO Q 127 20.11 -44.16 16.48
CA PRO Q 127 20.18 -45.13 15.39
C PRO Q 127 18.78 -45.59 15.03
N ASN Q 128 18.31 -45.17 13.86
CA ASN Q 128 16.93 -45.37 13.46
C ASN Q 128 16.89 -45.52 11.96
N ILE Q 129 16.61 -46.73 11.50
CA ILE Q 129 16.48 -47.05 10.08
C ILE Q 129 15.08 -47.59 9.87
N GLN Q 130 14.38 -47.05 8.88
CA GLN Q 130 13.05 -47.55 8.57
C GLN Q 130 13.13 -48.97 8.05
N ALA Q 131 12.07 -49.75 8.34
CA ALA Q 131 12.07 -51.17 8.01
C ALA Q 131 12.11 -51.40 6.51
N VAL Q 132 11.50 -50.50 5.74
CA VAL Q 132 11.54 -50.61 4.29
C VAL Q 132 12.93 -50.33 3.72
N LEU Q 133 13.78 -49.62 4.47
CA LEU Q 133 15.12 -49.31 3.99
C LEU Q 133 16.04 -50.52 4.03
N LEU Q 134 15.72 -51.51 4.87
CA LEU Q 134 16.54 -52.70 4.99
C LEU Q 134 16.40 -53.59 3.76
N PRO Q 135 17.42 -54.36 3.42
CA PRO Q 135 17.30 -55.32 2.32
C PRO Q 135 16.36 -56.46 2.69
N LYS Q 136 15.90 -57.15 1.64
CA LYS Q 136 14.93 -58.26 1.72
C LYS Q 136 13.63 -57.84 2.42
N LYS R 31 42.39 -9.92 35.54
CA LYS R 31 41.19 -9.73 36.36
C LYS R 31 39.93 -9.67 35.51
N ARG R 32 38.99 -10.56 35.81
CA ARG R 32 37.69 -10.57 35.17
C ARG R 32 36.60 -10.76 36.23
N SER R 33 35.37 -10.49 35.83
CA SER R 33 34.22 -10.63 36.71
C SER R 33 33.79 -12.08 36.80
N ARG R 34 33.37 -12.51 37.98
CA ARG R 34 32.98 -13.89 38.19
C ARG R 34 31.71 -14.24 37.41
N LYS R 35 31.72 -15.42 36.80
CA LYS R 35 30.63 -15.89 35.95
C LYS R 35 29.93 -17.05 36.64
N GLU R 36 28.61 -16.98 36.72
CA GLU R 36 27.83 -17.93 37.49
C GLU R 36 27.68 -19.27 36.75
N SER R 37 27.67 -20.36 37.52
CA SER R 37 27.54 -21.70 36.95
C SER R 37 26.96 -22.66 37.98
N TYR R 38 26.62 -23.86 37.51
CA TYR R 38 26.12 -24.95 38.34
C TYR R 38 27.00 -26.20 38.29
N SER R 39 28.30 -26.03 38.04
CA SER R 39 29.18 -27.19 37.92
C SER R 39 29.37 -27.90 39.26
N VAL R 40 29.46 -27.15 40.35
CA VAL R 40 29.68 -27.77 41.65
C VAL R 40 28.44 -28.56 42.09
N TYR R 41 27.25 -28.07 41.79
CA TYR R 41 26.05 -28.76 42.22
C TYR R 41 25.82 -30.01 41.38
N VAL R 42 26.05 -29.93 40.08
CA VAL R 42 25.87 -31.11 39.24
C VAL R 42 26.94 -32.15 39.59
N TYR R 43 28.11 -31.70 40.03
CA TYR R 43 29.15 -32.64 40.44
C TYR R 43 28.74 -33.34 41.74
N LYS R 44 28.17 -32.59 42.67
CA LYS R 44 27.64 -33.19 43.91
C LYS R 44 26.53 -34.18 43.62
N VAL R 45 25.60 -33.81 42.75
CA VAL R 45 24.51 -34.71 42.39
C VAL R 45 25.04 -35.91 41.64
N LEU R 46 26.06 -35.71 40.81
CA LEU R 46 26.67 -36.79 40.06
C LEU R 46 27.28 -37.83 40.97
N LYS R 47 28.13 -37.40 41.91
CA LYS R 47 28.71 -38.37 42.84
C LYS R 47 27.67 -38.92 43.81
N GLN R 48 26.55 -38.21 44.00
CA GLN R 48 25.44 -38.81 44.71
C GLN R 48 24.84 -39.98 43.93
N VAL R 49 24.65 -39.82 42.63
CA VAL R 49 23.99 -40.86 41.87
C VAL R 49 24.98 -41.84 41.25
N HIS R 50 26.19 -41.40 40.94
CA HIS R 50 27.20 -42.26 40.33
C HIS R 50 28.54 -41.73 40.78
N PRO R 51 29.08 -42.26 41.88
CA PRO R 51 30.37 -41.78 42.39
C PRO R 51 31.54 -42.04 41.45
N ASP R 52 31.41 -42.98 40.52
CA ASP R 52 32.50 -43.45 39.70
C ASP R 52 32.58 -42.78 38.34
N THR R 53 31.67 -41.86 38.03
CA THR R 53 31.55 -41.33 36.68
C THR R 53 32.00 -39.88 36.61
N GLY R 54 32.46 -39.48 35.42
CA GLY R 54 32.89 -38.12 35.17
C GLY R 54 32.02 -37.40 34.18
N ILE R 55 32.43 -36.16 33.87
CA ILE R 55 31.71 -35.31 32.94
C ILE R 55 32.67 -34.68 31.94
N SER R 56 32.10 -34.23 30.83
CA SER R 56 32.78 -33.34 29.90
C SER R 56 32.24 -31.92 30.09
N SER R 57 33.08 -30.94 29.74
CA SER R 57 32.68 -29.54 29.87
C SER R 57 31.60 -29.17 28.86
N LYS R 58 31.62 -29.82 27.69
CA LYS R 58 30.55 -29.64 26.72
C LYS R 58 29.21 -30.09 27.31
N ALA R 59 29.21 -31.25 27.94
CA ALA R 59 28.01 -31.72 28.64
C ALA R 59 27.65 -30.79 29.79
N MET R 60 28.65 -30.15 30.41
CA MET R 60 28.36 -29.20 31.48
C MET R 60 27.69 -27.95 30.94
N GLY R 61 28.06 -27.54 29.72
CA GLY R 61 27.30 -26.49 29.05
C GLY R 61 25.89 -26.92 28.71
N ILE R 62 25.73 -28.18 28.29
CA ILE R 62 24.40 -28.73 28.06
C ILE R 62 23.58 -28.69 29.35
N MET R 63 24.23 -29.00 30.46
CA MET R 63 23.64 -28.92 31.79
C MET R 63 23.16 -27.53 32.11
N ASN R 64 24.03 -26.53 31.96
CA ASN R 64 23.66 -25.16 32.31
C ASN R 64 22.53 -24.63 31.43
N SER R 65 22.59 -24.90 30.12
CA SER R 65 21.52 -24.50 29.22
C SER R 65 20.23 -25.21 29.57
N PHE R 66 20.32 -26.49 29.96
CA PHE R 66 19.16 -27.28 30.33
C PHE R 66 18.46 -26.67 31.53
N VAL R 67 19.21 -26.46 32.61
CA VAL R 67 18.60 -26.01 33.85
C VAL R 67 18.09 -24.58 33.71
N ASN R 68 18.82 -23.74 32.97
CA ASN R 68 18.35 -22.38 32.75
C ASN R 68 17.08 -22.35 31.92
N ASP R 69 17.00 -23.22 30.90
CA ASP R 69 15.80 -23.30 30.08
C ASP R 69 14.60 -23.75 30.90
N ILE R 70 14.77 -24.83 31.67
CA ILE R 70 13.64 -25.35 32.44
C ILE R 70 13.21 -24.36 33.51
N PHE R 71 14.18 -23.72 34.17
CA PHE R 71 13.86 -22.70 35.17
C PHE R 71 13.11 -21.53 34.57
N GLU R 72 13.57 -21.04 33.41
CA GLU R 72 12.91 -19.93 32.72
C GLU R 72 11.49 -20.29 32.33
N ARG R 73 11.30 -21.50 31.77
CA ARG R 73 9.96 -21.97 31.40
C ARG R 73 9.06 -22.01 32.62
N ILE R 74 9.45 -22.79 33.63
CA ILE R 74 8.57 -23.12 34.74
C ILE R 74 8.25 -21.85 35.53
N ALA R 75 9.21 -20.92 35.59
CA ALA R 75 8.95 -19.61 36.18
C ALA R 75 8.01 -18.80 35.31
N GLY R 76 8.03 -19.01 33.99
CA GLY R 76 7.08 -18.33 33.13
C GLY R 76 5.64 -18.75 33.38
N GLU R 77 5.39 -20.05 33.50
CA GLU R 77 4.04 -20.44 33.91
C GLU R 77 3.74 -20.02 35.33
N ALA R 78 4.76 -19.97 36.19
CA ALA R 78 4.53 -19.47 37.54
C ALA R 78 4.04 -18.02 37.51
N SER R 79 4.68 -17.20 36.69
CA SER R 79 4.30 -15.79 36.62
C SER R 79 2.92 -15.64 36.00
N ARG R 80 2.63 -16.37 34.92
CA ARG R 80 1.31 -16.19 34.32
C ARG R 80 0.18 -16.78 35.16
N LEU R 81 0.42 -17.86 35.90
CA LEU R 81 -0.60 -18.33 36.84
C LEU R 81 -0.78 -17.41 38.02
N ALA R 82 0.29 -16.75 38.48
CA ALA R 82 0.12 -15.68 39.45
C ALA R 82 -0.71 -14.55 38.87
N HIS R 83 -0.54 -14.27 37.58
CA HIS R 83 -1.33 -13.25 36.91
C HIS R 83 -2.81 -13.64 36.83
N TYR R 84 -3.10 -14.91 36.53
CA TYR R 84 -4.49 -15.28 36.28
C TYR R 84 -5.31 -15.35 37.56
N ASN R 85 -4.69 -15.80 38.64
CA ASN R 85 -5.33 -15.79 39.94
C ASN R 85 -5.19 -14.45 40.62
N LYS R 86 -4.48 -13.51 40.00
CA LYS R 86 -4.25 -12.15 40.51
C LYS R 86 -3.52 -12.18 41.85
N ARG R 87 -2.75 -13.24 42.08
CA ARG R 87 -1.89 -13.34 43.25
C ARG R 87 -0.57 -12.65 42.94
N SER R 88 -0.25 -11.62 43.71
CA SER R 88 1.00 -10.91 43.53
C SER R 88 2.16 -11.57 44.27
N THR R 89 1.88 -12.58 45.08
CA THR R 89 2.91 -13.34 45.76
C THR R 89 2.99 -14.71 45.09
N ILE R 90 4.20 -15.15 44.78
CA ILE R 90 4.39 -16.46 44.17
C ILE R 90 4.68 -17.46 45.28
N THR R 91 4.02 -18.62 45.21
CA THR R 91 4.07 -19.66 46.24
C THR R 91 4.40 -21.00 45.59
N SER R 92 4.71 -22.00 46.41
CA SER R 92 5.01 -23.33 45.91
C SER R 92 3.77 -24.05 45.38
N ARG R 93 2.57 -23.58 45.72
CA ARG R 93 1.35 -24.26 45.27
C ARG R 93 1.19 -24.18 43.76
N GLU R 94 1.32 -22.99 43.20
CA GLU R 94 1.32 -22.85 41.75
C GLU R 94 2.61 -23.35 41.12
N ILE R 95 3.69 -23.46 41.88
CA ILE R 95 4.85 -24.15 41.34
C ILE R 95 4.51 -25.61 41.10
N GLN R 96 3.81 -26.22 42.05
CA GLN R 96 3.29 -27.57 41.88
C GLN R 96 2.31 -27.64 40.72
N THR R 97 1.42 -26.65 40.63
CA THR R 97 0.47 -26.58 39.52
C THR R 97 1.20 -26.53 38.18
N ALA R 98 2.25 -25.72 38.12
CA ALA R 98 3.00 -25.53 36.89
C ALA R 98 3.78 -26.78 36.52
N VAL R 99 4.38 -27.47 37.50
CA VAL R 99 5.12 -28.66 37.15
C VAL R 99 4.17 -29.80 36.76
N ARG R 100 2.97 -29.85 37.38
CA ARG R 100 1.99 -30.82 36.91
C ARG R 100 1.50 -30.51 35.50
N LEU R 101 1.30 -29.24 35.16
CA LEU R 101 0.80 -28.98 33.82
C LEU R 101 1.89 -29.13 32.77
N LEU R 102 3.13 -28.81 33.12
CA LEU R 102 4.18 -28.78 32.10
C LEU R 102 4.82 -30.14 31.92
N LEU R 103 5.25 -30.75 33.01
CA LEU R 103 6.00 -31.99 32.91
C LEU R 103 5.05 -33.13 32.61
N PRO R 104 5.24 -33.87 31.51
CA PRO R 104 4.34 -34.99 31.22
C PRO R 104 4.59 -36.16 32.14
N GLY R 105 3.53 -36.94 32.36
CA GLY R 105 3.53 -38.25 32.98
C GLY R 105 3.96 -38.28 34.44
N GLU R 106 4.54 -39.41 34.82
CA GLU R 106 4.82 -39.76 36.21
C GLU R 106 6.06 -39.06 36.77
N LEU R 107 6.89 -38.47 35.91
CA LEU R 107 7.97 -37.60 36.40
C LEU R 107 7.39 -36.43 37.18
N ALA R 108 6.24 -35.92 36.75
CA ALA R 108 5.58 -34.84 37.47
C ALA R 108 5.19 -35.26 38.88
N LYS R 109 4.61 -36.46 39.01
CA LYS R 109 4.20 -36.91 40.33
C LYS R 109 5.38 -37.21 41.24
N HIS R 110 6.46 -37.79 40.70
CA HIS R 110 7.65 -37.96 41.55
C HIS R 110 8.26 -36.63 41.94
N ALA R 111 8.24 -35.66 41.02
CA ALA R 111 8.76 -34.34 41.34
C ALA R 111 7.95 -33.69 42.44
N VAL R 112 6.62 -33.84 42.39
CA VAL R 112 5.77 -33.34 43.46
C VAL R 112 6.10 -34.03 44.77
N SER R 113 6.32 -35.34 44.72
CA SER R 113 6.66 -36.10 45.93
C SER R 113 7.93 -35.58 46.55
N GLU R 114 8.97 -35.40 45.74
CA GLU R 114 10.24 -34.87 46.22
C GLU R 114 10.08 -33.46 46.75
N GLY R 115 9.28 -32.64 46.07
CA GLY R 115 9.12 -31.26 46.50
C GLY R 115 8.39 -31.14 47.82
N THR R 116 7.33 -31.93 48.02
CA THR R 116 6.66 -31.91 49.32
C THR R 116 7.55 -32.44 50.42
N LYS R 117 8.31 -33.52 50.17
CA LYS R 117 9.26 -33.98 51.17
C LYS R 117 10.25 -32.90 51.54
N ALA R 118 10.78 -32.22 50.52
CA ALA R 118 11.77 -31.17 50.75
C ALA R 118 11.19 -30.01 51.54
N VAL R 119 9.99 -29.55 51.18
CA VAL R 119 9.43 -28.38 51.85
C VAL R 119 9.01 -28.72 53.27
N THR R 120 8.49 -29.92 53.50
CA THR R 120 8.12 -30.31 54.85
C THR R 120 9.34 -30.43 55.75
N LYS R 121 10.42 -31.05 55.25
CA LYS R 121 11.57 -31.14 56.13
C LYS R 121 12.38 -29.84 56.15
N TYR R 122 12.10 -28.91 55.24
CA TYR R 122 12.59 -27.54 55.40
C TYR R 122 11.84 -26.80 56.49
N THR R 123 10.51 -26.93 56.51
CA THR R 123 9.72 -26.25 57.53
C THR R 123 9.97 -26.83 58.92
N SER R 124 10.23 -28.14 58.99
CA SER R 124 10.65 -28.70 60.27
C SER R 124 12.06 -28.24 60.64
N ALA R 125 12.87 -27.83 59.67
CA ALA R 125 14.18 -27.28 59.94
C ALA R 125 14.08 -25.78 60.20
#